data_2WD9
#
_entry.id   2WD9
#
_cell.length_a   98.320
_cell.length_b   98.320
_cell.length_c   381.440
_cell.angle_alpha   90.00
_cell.angle_beta   90.00
_cell.angle_gamma   90.00
#
_symmetry.space_group_name_H-M   'P 41 21 2'
#
loop_
_entity.id
_entity.type
_entity.pdbx_description
1 polymer 'ACYL-COENZYME A SYNTHETASE ACSM2A, MITOCHONDRIAL'
2 non-polymer IBUPROFEN
3 non-polymer 'MAGNESIUM ION'
4 water water
#
_entity_poly.entity_id   1
_entity_poly.type   'polypeptide(L)'
_entity_poly.pdbx_seq_one_letter_code
;MGHHHHHHSSGVDLGTENLYFQSMSLQWGHQEVPAKFNFASDVLDHWADMEKAGKRPPSPALWWVNGKGKELMWNFRELS
ENSQQAANVLSGACGLQRGDRVAVVLPRVPEWWLVILGCIRAGLIFMPGTIQMKSTDILYRLQMSKAKAIVAGDEVIQEV
DTVASECPSLRIKLLVSEKSCDGWLNFKKLLNEASTTHHCVETGSQEASAIYFTSGTSGLPKMAEHSYSSLGLKAKMDAG
WTGLQASDIMWTISDTGWILNILCSLMEPWALGACTFVHLLPKFDPLVILKTLSSYPIKSMMGAPIVYRMLLQQDLSSYK
FPHLQNCVTVGESLLPETLENWRAQTGLDIRESYGQTETGLTCMVSKTMKIKPGYMGTAASCYDVQIIDDKGNVLPPGTE
GDIGIRVKPIRPIGIFSGYVDNPDKTAANIRGDFWLLGDRGIKDEDGYFQFMGRADDIINSSGYRIGPSEVENALMEHPA
VVETAVISSPDPVRGEVVKAFVVLASQFLSHDPEQLTKELQQHVKSVTAPYKYPRKIEFVLNLPKTVTGKIQRAKLRDKE
WKMSGKARA
;
_entity_poly.pdbx_strand_id   A,B,C
#
loop_
_chem_comp.id
_chem_comp.type
_chem_comp.name
_chem_comp.formula
IBP non-polymer IBUPROFEN 'C13 H18 O2'
MG non-polymer 'MAGNESIUM ION' 'Mg 2'
#
# COMPACT_ATOMS: atom_id res chain seq x y z
N HIS A 30 7.14 -5.91 16.24
CA HIS A 30 6.87 -6.34 14.84
C HIS A 30 6.28 -7.75 14.83
N GLN A 31 5.93 -8.24 13.64
CA GLN A 31 5.25 -9.54 13.48
C GLN A 31 5.89 -10.42 12.39
N GLU A 32 5.68 -11.74 12.51
CA GLU A 32 6.28 -12.75 11.58
C GLU A 32 5.24 -13.34 10.60
N VAL A 33 4.54 -12.44 9.90
CA VAL A 33 3.47 -12.80 8.97
C VAL A 33 3.93 -12.75 7.52
N PRO A 34 3.12 -13.28 6.60
CA PRO A 34 3.25 -12.97 5.18
C PRO A 34 2.86 -11.52 4.87
N ALA A 35 3.30 -11.02 3.73
CA ALA A 35 3.01 -9.64 3.33
C ALA A 35 1.52 -9.40 3.18
N LYS A 36 0.85 -10.38 2.58
CA LYS A 36 -0.55 -10.24 2.23
C LYS A 36 -1.36 -11.42 2.71
N PHE A 37 -2.61 -11.16 3.06
CA PHE A 37 -3.55 -12.19 3.47
C PHE A 37 -5.02 -11.74 3.38
N ASN A 38 -5.88 -12.69 3.02
CA ASN A 38 -7.29 -12.46 2.86
C ASN A 38 -8.04 -13.76 3.05
N PHE A 39 -8.90 -13.83 4.06
CA PHE A 39 -9.62 -15.06 4.36
C PHE A 39 -10.49 -15.51 3.21
N ALA A 40 -11.03 -14.56 2.46
CA ALA A 40 -11.94 -14.91 1.36
C ALA A 40 -11.19 -15.62 0.24
N SER A 41 -10.05 -15.06 -0.17
CA SER A 41 -9.32 -15.60 -1.30
C SER A 41 -8.43 -16.76 -0.88
N ASP A 42 -7.72 -16.58 0.22
CA ASP A 42 -6.72 -17.57 0.62
C ASP A 42 -7.32 -18.81 1.31
N VAL A 43 -8.55 -18.71 1.84
CA VAL A 43 -9.18 -19.87 2.50
C VAL A 43 -10.50 -20.30 1.86
N LEU A 44 -11.48 -19.40 1.83
CA LEU A 44 -12.82 -19.76 1.35
C LEU A 44 -12.79 -20.19 -0.13
N ASP A 45 -12.07 -19.43 -0.96
CA ASP A 45 -12.05 -19.74 -2.38
C ASP A 45 -11.28 -21.04 -2.70
N HIS A 46 -10.38 -21.45 -1.81
CA HIS A 46 -9.74 -22.75 -1.93
C HIS A 46 -10.79 -23.87 -1.96
N TRP A 47 -11.70 -23.85 -0.98
CA TRP A 47 -12.75 -24.87 -0.89
C TRP A 47 -13.74 -24.82 -2.05
N ALA A 48 -13.96 -23.61 -2.58
CA ALA A 48 -14.78 -23.45 -3.80
C ALA A 48 -14.08 -24.10 -4.97
N ASP A 49 -12.80 -23.76 -5.16
CA ASP A 49 -12.03 -24.26 -6.31
C ASP A 49 -11.95 -25.79 -6.30
N MET A 50 -12.00 -26.37 -5.13
CA MET A 50 -11.94 -27.82 -4.97
C MET A 50 -13.16 -28.45 -5.60
N GLU A 51 -14.32 -27.84 -5.38
CA GLU A 51 -15.56 -28.30 -5.98
C GLU A 51 -15.52 -28.11 -7.49
N LYS A 52 -15.21 -26.89 -7.95
CA LYS A 52 -15.16 -26.56 -9.38
C LYS A 52 -14.26 -27.55 -10.13
N ALA A 53 -13.11 -27.84 -9.53
CA ALA A 53 -12.12 -28.77 -10.11
C ALA A 53 -12.45 -30.24 -9.90
N GLY A 54 -13.53 -30.56 -9.20
CA GLY A 54 -13.90 -31.95 -8.98
C GLY A 54 -13.13 -32.73 -7.90
N LYS A 55 -12.09 -32.14 -7.35
CA LYS A 55 -11.33 -32.79 -6.30
C LYS A 55 -12.13 -33.05 -5.00
N ARG A 56 -13.30 -32.44 -4.88
CA ARG A 56 -14.16 -32.67 -3.71
C ARG A 56 -15.62 -32.57 -4.12
N PRO A 57 -16.51 -33.29 -3.44
CA PRO A 57 -17.92 -33.13 -3.78
C PRO A 57 -18.51 -31.79 -3.30
N PRO A 58 -19.64 -31.35 -3.88
CA PRO A 58 -20.27 -30.13 -3.39
C PRO A 58 -20.65 -30.30 -1.93
N SER A 59 -19.96 -29.57 -1.05
CA SER A 59 -20.08 -29.79 0.37
C SER A 59 -20.78 -28.61 1.01
N PRO A 60 -21.63 -28.86 2.02
CA PRO A 60 -22.39 -27.73 2.57
C PRO A 60 -21.51 -26.79 3.37
N ALA A 61 -21.66 -25.49 3.10
CA ALA A 61 -20.87 -24.46 3.73
C ALA A 61 -21.70 -23.67 4.76
N LEU A 62 -22.93 -23.30 4.41
CA LEU A 62 -23.81 -22.55 5.30
C LEU A 62 -25.20 -23.15 5.24
N TRP A 63 -25.73 -23.59 6.37
CA TRP A 63 -27.09 -24.12 6.45
C TRP A 63 -27.86 -23.21 7.40
N TRP A 64 -28.86 -22.50 6.86
CA TRP A 64 -29.67 -21.57 7.65
C TRP A 64 -31.10 -22.08 7.84
N VAL A 65 -31.68 -21.84 9.02
CA VAL A 65 -33.10 -22.14 9.28
C VAL A 65 -33.70 -21.07 10.19
N ASN A 66 -35.00 -20.82 10.04
CA ASN A 66 -35.67 -19.80 10.84
C ASN A 66 -36.57 -20.34 11.94
N GLY A 67 -36.81 -21.65 11.93
CA GLY A 67 -37.64 -22.31 12.92
C GLY A 67 -39.11 -22.32 12.53
N LYS A 68 -39.45 -21.74 11.39
CA LYS A 68 -40.85 -21.71 10.93
C LYS A 68 -41.02 -22.49 9.61
N GLY A 69 -40.13 -23.45 9.37
CA GLY A 69 -40.24 -24.29 8.16
C GLY A 69 -39.45 -23.83 6.97
N LYS A 70 -38.76 -22.69 7.10
CA LYS A 70 -37.95 -22.15 6.03
C LYS A 70 -36.49 -22.53 6.27
N GLU A 71 -35.82 -23.03 5.23
CA GLU A 71 -34.40 -23.40 5.30
C GLU A 71 -33.70 -23.07 4.00
N LEU A 72 -32.41 -22.82 4.07
CA LEU A 72 -31.61 -22.40 2.91
C LEU A 72 -30.20 -22.93 3.09
N MET A 73 -29.53 -23.30 2.00
CA MET A 73 -28.21 -23.94 2.09
C MET A 73 -27.30 -23.67 0.91
N TRP A 74 -26.04 -23.40 1.22
CA TRP A 74 -25.06 -23.05 0.23
C TRP A 74 -23.92 -24.01 0.34
N ASN A 75 -23.49 -24.58 -0.77
CA ASN A 75 -22.23 -25.30 -0.84
C ASN A 75 -21.13 -24.25 -0.98
N PHE A 76 -19.88 -24.67 -0.95
CA PHE A 76 -18.80 -23.69 -0.95
C PHE A 76 -18.74 -22.87 -2.23
N ARG A 77 -18.98 -23.52 -3.36
CA ARG A 77 -18.97 -22.81 -4.62
C ARG A 77 -20.03 -21.70 -4.62
N GLU A 78 -21.28 -22.07 -4.30
CA GLU A 78 -22.39 -21.10 -4.21
C GLU A 78 -22.05 -19.95 -3.23
N LEU A 79 -21.49 -20.31 -2.07
CA LEU A 79 -21.07 -19.33 -1.08
C LEU A 79 -20.07 -18.33 -1.65
N SER A 80 -19.13 -18.81 -2.46
CA SER A 80 -18.15 -17.96 -3.11
C SER A 80 -18.85 -17.02 -4.08
N GLU A 81 -19.64 -17.61 -4.97
CA GLU A 81 -20.32 -16.85 -6.02
C GLU A 81 -21.22 -15.80 -5.40
N ASN A 82 -22.06 -16.25 -4.48
CA ASN A 82 -23.03 -15.37 -3.81
C ASN A 82 -22.34 -14.21 -3.05
N SER A 83 -21.18 -14.49 -2.46
CA SER A 83 -20.40 -13.49 -1.73
C SER A 83 -19.61 -12.54 -2.62
N GLN A 84 -19.35 -12.95 -3.85
CA GLN A 84 -18.74 -12.05 -4.81
C GLN A 84 -19.80 -11.05 -5.24
N GLN A 85 -20.98 -11.55 -5.56
CA GLN A 85 -22.11 -10.66 -5.81
C GLN A 85 -22.20 -9.61 -4.71
N ALA A 86 -22.04 -10.04 -3.47
CA ALA A 86 -22.07 -9.16 -2.31
C ALA A 86 -21.02 -8.06 -2.43
N ALA A 87 -19.79 -8.44 -2.76
CA ALA A 87 -18.69 -7.46 -2.83
C ALA A 87 -18.89 -6.51 -4.01
N ASN A 88 -19.44 -7.04 -5.10
CA ASN A 88 -19.84 -6.20 -6.23
C ASN A 88 -20.91 -5.22 -5.84
N VAL A 89 -21.89 -5.65 -5.06
CA VAL A 89 -22.93 -4.74 -4.60
C VAL A 89 -22.34 -3.60 -3.78
N LEU A 90 -21.34 -3.92 -2.94
CA LEU A 90 -20.76 -2.96 -2.01
C LEU A 90 -19.80 -2.00 -2.69
N SER A 91 -18.94 -2.52 -3.54
CA SER A 91 -17.90 -1.72 -4.17
C SER A 91 -18.34 -1.24 -5.55
N GLY A 92 -19.32 -1.93 -6.14
CA GLY A 92 -19.89 -1.56 -7.45
C GLY A 92 -21.08 -0.63 -7.28
N ALA A 93 -22.25 -1.22 -7.14
CA ALA A 93 -23.49 -0.47 -7.00
C ALA A 93 -23.44 0.64 -5.93
N CYS A 94 -22.74 0.42 -4.83
CA CYS A 94 -22.60 1.45 -3.78
C CYS A 94 -21.28 2.22 -3.83
N GLY A 95 -20.35 1.75 -4.65
CA GLY A 95 -19.09 2.45 -4.86
C GLY A 95 -18.24 2.68 -3.63
N LEU A 96 -18.36 1.79 -2.65
CA LEU A 96 -17.54 1.88 -1.44
C LEU A 96 -16.12 1.50 -1.81
N GLN A 97 -15.17 2.16 -1.15
CA GLN A 97 -13.77 2.09 -1.52
C GLN A 97 -12.99 1.42 -0.42
N ARG A 98 -11.87 0.81 -0.82
CA ARG A 98 -10.96 0.16 0.10
C ARG A 98 -10.68 1.06 1.28
N GLY A 99 -10.81 0.51 2.49
CA GLY A 99 -10.61 1.28 3.70
C GLY A 99 -11.87 1.92 4.27
N ASP A 100 -12.95 1.97 3.49
CA ASP A 100 -14.21 2.54 3.99
C ASP A 100 -14.80 1.64 5.05
N ARG A 101 -15.42 2.27 6.04
CA ARG A 101 -15.96 1.58 7.18
C ARG A 101 -17.44 1.32 6.99
N VAL A 102 -17.82 0.06 7.17
CA VAL A 102 -19.19 -0.37 6.95
C VAL A 102 -19.82 -0.95 8.23
N ALA A 103 -20.75 -0.22 8.80
CA ALA A 103 -21.51 -0.74 9.94
C ALA A 103 -22.45 -1.85 9.46
N VAL A 104 -22.54 -2.93 10.23
CA VAL A 104 -23.40 -4.06 9.90
C VAL A 104 -24.23 -4.40 11.11
N VAL A 105 -25.55 -4.24 10.98
CA VAL A 105 -26.49 -4.47 12.06
C VAL A 105 -27.65 -5.36 11.55
N LEU A 106 -27.43 -6.67 11.63
CA LEU A 106 -28.36 -7.66 11.09
C LEU A 106 -28.67 -8.79 12.09
N PRO A 107 -29.86 -9.37 11.99
CA PRO A 107 -30.18 -10.54 12.78
C PRO A 107 -29.49 -11.76 12.21
N ARG A 108 -29.83 -12.90 12.75
CA ARG A 108 -29.24 -14.15 12.29
C ARG A 108 -29.88 -14.58 10.95
N VAL A 109 -29.41 -13.94 9.89
CA VAL A 109 -29.87 -14.22 8.56
C VAL A 109 -28.65 -14.40 7.66
N PRO A 110 -28.80 -15.19 6.57
CA PRO A 110 -27.62 -15.52 5.79
C PRO A 110 -26.88 -14.30 5.25
N GLU A 111 -27.61 -13.21 5.01
CA GLU A 111 -27.03 -11.99 4.42
C GLU A 111 -25.87 -11.42 5.25
N TRP A 112 -25.91 -11.61 6.56
CA TRP A 112 -24.81 -11.17 7.41
C TRP A 112 -23.52 -11.82 6.97
N TRP A 113 -23.55 -13.12 6.77
CA TRP A 113 -22.34 -13.85 6.42
C TRP A 113 -21.93 -13.42 5.04
N LEU A 114 -22.90 -13.18 4.17
CA LEU A 114 -22.62 -12.72 2.85
C LEU A 114 -21.99 -11.30 2.87
N VAL A 115 -22.58 -10.37 3.62
CA VAL A 115 -22.05 -9.00 3.73
C VAL A 115 -20.61 -8.97 4.28
N ILE A 116 -20.35 -9.78 5.31
CA ILE A 116 -19.02 -9.81 5.91
C ILE A 116 -18.01 -10.33 4.90
N LEU A 117 -18.33 -11.42 4.22
CA LEU A 117 -17.43 -11.93 3.19
C LEU A 117 -17.23 -10.88 2.10
N GLY A 118 -18.30 -10.16 1.75
CA GLY A 118 -18.23 -9.12 0.74
C GLY A 118 -17.25 -8.02 1.13
N CYS A 119 -17.28 -7.62 2.39
CA CYS A 119 -16.39 -6.60 2.88
C CYS A 119 -14.95 -7.05 2.77
N ILE A 120 -14.68 -8.27 3.21
CA ILE A 120 -13.33 -8.83 3.20
C ILE A 120 -12.79 -8.86 1.77
N ARG A 121 -13.64 -9.18 0.81
CA ARG A 121 -13.25 -9.24 -0.61
C ARG A 121 -12.96 -7.85 -1.19
N ALA A 122 -13.80 -6.87 -0.85
CA ALA A 122 -13.66 -5.52 -1.36
C ALA A 122 -12.69 -4.64 -0.59
N GLY A 123 -12.04 -5.19 0.44
CA GLY A 123 -11.13 -4.41 1.28
C GLY A 123 -11.83 -3.38 2.17
N LEU A 124 -13.08 -3.67 2.55
CA LEU A 124 -13.91 -2.76 3.36
C LEU A 124 -13.89 -3.13 4.83
N ILE A 125 -13.81 -2.16 5.73
CA ILE A 125 -13.72 -2.46 7.15
C ILE A 125 -15.11 -2.72 7.71
N PHE A 126 -15.35 -3.92 8.20
CA PHE A 126 -16.67 -4.23 8.76
C PHE A 126 -16.79 -4.00 10.26
N MET A 127 -17.94 -3.49 10.67
CA MET A 127 -18.12 -3.06 12.05
C MET A 127 -19.45 -3.58 12.54
N PRO A 128 -19.47 -4.83 13.07
CA PRO A 128 -20.74 -5.40 13.50
C PRO A 128 -21.23 -4.80 14.81
N GLY A 129 -22.56 -4.78 14.96
CA GLY A 129 -23.22 -4.30 16.17
C GLY A 129 -24.51 -5.05 16.28
N THR A 130 -25.06 -5.14 17.48
CA THR A 130 -26.26 -5.94 17.70
C THR A 130 -27.54 -5.22 17.21
N ILE A 131 -28.51 -6.00 16.73
CA ILE A 131 -29.82 -5.45 16.36
C ILE A 131 -30.66 -4.95 17.54
N GLN A 132 -30.24 -5.28 18.76
CA GLN A 132 -30.87 -4.73 19.98
C GLN A 132 -30.61 -3.24 20.14
N MET A 133 -29.71 -2.68 19.33
CA MET A 133 -29.24 -1.30 19.49
C MET A 133 -30.37 -0.32 19.29
N LYS A 134 -30.36 0.72 20.12
CA LYS A 134 -31.30 1.81 20.02
C LYS A 134 -30.62 2.95 19.27
N SER A 135 -31.33 4.05 19.04
CA SER A 135 -30.86 5.15 18.18
C SER A 135 -29.65 5.90 18.71
N THR A 136 -29.59 6.16 20.01
CA THR A 136 -28.41 6.80 20.55
C THR A 136 -27.19 5.91 20.40
N ASP A 137 -27.36 4.59 20.57
CA ASP A 137 -26.24 3.68 20.41
C ASP A 137 -25.68 3.85 18.99
N ILE A 138 -26.60 3.90 18.03
CA ILE A 138 -26.23 3.95 16.63
C ILE A 138 -25.51 5.25 16.27
N LEU A 139 -26.02 6.37 16.81
CA LEU A 139 -25.41 7.67 16.61
C LEU A 139 -23.98 7.64 17.12
N TYR A 140 -23.80 7.23 18.36
CA TYR A 140 -22.46 7.13 18.92
C TYR A 140 -21.56 6.44 17.92
N ARG A 141 -21.93 5.22 17.54
CA ARG A 141 -21.06 4.35 16.72
C ARG A 141 -20.75 4.95 15.34
N LEU A 142 -21.76 5.38 14.60
CA LEU A 142 -21.56 5.97 13.29
C LEU A 142 -20.70 7.24 13.34
N GLN A 143 -20.93 8.09 14.33
CA GLN A 143 -20.19 9.36 14.43
C GLN A 143 -18.73 9.14 14.80
N MET A 144 -18.50 8.27 15.77
CA MET A 144 -17.16 8.00 16.24
CA MET A 144 -17.14 7.98 16.24
C MET A 144 -16.31 7.34 15.13
N SER A 145 -16.93 6.43 14.39
CA SER A 145 -16.24 5.66 13.33
C SER A 145 -16.15 6.42 12.03
N LYS A 146 -17.01 7.42 11.85
CA LYS A 146 -17.18 8.10 10.57
C LYS A 146 -17.48 7.09 9.47
N ALA A 147 -18.43 6.20 9.76
CA ALA A 147 -18.83 5.15 8.84
C ALA A 147 -19.38 5.73 7.56
N LYS A 148 -18.91 5.21 6.43
CA LYS A 148 -19.41 5.60 5.10
C LYS A 148 -20.67 4.85 4.68
N ALA A 149 -20.98 3.75 5.36
CA ALA A 149 -22.17 2.96 5.00
C ALA A 149 -22.71 2.19 6.19
N ILE A 150 -23.97 1.75 6.05
CA ILE A 150 -24.60 0.89 7.03
C ILE A 150 -25.49 -0.14 6.37
N VAL A 151 -25.34 -1.41 6.74
CA VAL A 151 -26.21 -2.51 6.28
C VAL A 151 -27.09 -2.94 7.43
N ALA A 152 -28.38 -2.78 7.28
CA ALA A 152 -29.31 -2.96 8.40
C ALA A 152 -30.56 -3.75 8.01
N GLY A 153 -31.24 -4.24 9.04
CA GLY A 153 -32.49 -4.97 8.88
C GLY A 153 -33.69 -4.25 9.51
N ASP A 154 -34.86 -4.78 9.21
CA ASP A 154 -36.13 -4.18 9.63
C ASP A 154 -36.18 -3.76 11.08
N GLU A 155 -35.46 -4.52 11.93
CA GLU A 155 -35.47 -4.33 13.38
CA GLU A 155 -35.53 -4.29 13.38
C GLU A 155 -34.98 -2.93 13.78
N VAL A 156 -33.99 -2.42 13.04
CA VAL A 156 -33.35 -1.13 13.35
C VAL A 156 -33.46 -0.02 12.32
N ILE A 157 -34.20 -0.20 11.22
CA ILE A 157 -34.39 0.90 10.23
C ILE A 157 -34.81 2.23 10.85
N GLN A 158 -35.86 2.21 11.66
CA GLN A 158 -36.42 3.44 12.21
C GLN A 158 -35.40 4.11 13.12
N GLU A 159 -34.71 3.30 13.93
CA GLU A 159 -33.69 3.82 14.85
CA GLU A 159 -33.70 3.83 14.86
C GLU A 159 -32.55 4.50 14.09
N VAL A 160 -32.10 3.91 12.99
CA VAL A 160 -31.08 4.53 12.17
C VAL A 160 -31.61 5.86 11.63
N ASP A 161 -32.81 5.81 11.06
CA ASP A 161 -33.40 6.96 10.40
C ASP A 161 -33.63 8.14 11.34
N THR A 162 -33.78 7.88 12.62
CA THR A 162 -33.95 8.94 13.60
C THR A 162 -32.71 9.83 13.69
N VAL A 163 -31.53 9.24 13.53
CA VAL A 163 -30.26 9.92 13.78
C VAL A 163 -29.34 10.05 12.53
N ALA A 164 -29.78 9.52 11.39
CA ALA A 164 -28.93 9.40 10.18
C ALA A 164 -28.46 10.74 9.63
N SER A 165 -29.32 11.74 9.74
CA SER A 165 -29.02 13.06 9.21
C SER A 165 -27.85 13.74 9.95
N GLU A 166 -27.63 13.33 11.20
CA GLU A 166 -26.55 13.88 12.03
C GLU A 166 -25.19 13.20 11.78
N CYS A 167 -25.13 12.34 10.75
CA CYS A 167 -23.92 11.58 10.45
C CYS A 167 -23.42 11.93 9.07
N PRO A 168 -22.63 13.01 8.98
CA PRO A 168 -22.17 13.56 7.69
C PRO A 168 -21.42 12.56 6.80
N SER A 169 -20.64 11.67 7.38
CA SER A 169 -19.87 10.71 6.58
C SER A 169 -20.74 9.61 6.00
N LEU A 170 -21.91 9.38 6.58
CA LEU A 170 -22.76 8.26 6.15
C LEU A 170 -23.34 8.53 4.76
N ARG A 171 -22.86 7.76 3.76
CA ARG A 171 -23.22 8.00 2.37
C ARG A 171 -24.08 6.90 1.78
N ILE A 172 -24.07 5.72 2.38
CA ILE A 172 -24.79 4.57 1.82
C ILE A 172 -25.59 3.84 2.88
N LYS A 173 -26.89 3.61 2.61
CA LYS A 173 -27.77 2.84 3.50
C LYS A 173 -28.37 1.63 2.77
N LEU A 174 -27.88 0.45 3.09
CA LEU A 174 -28.40 -0.76 2.47
C LEU A 174 -29.36 -1.41 3.42
N LEU A 175 -30.58 -1.71 2.94
CA LEU A 175 -31.55 -2.49 3.74
C LEU A 175 -31.70 -3.95 3.26
N VAL A 176 -31.64 -4.89 4.22
CA VAL A 176 -31.89 -6.32 3.95
C VAL A 176 -33.27 -6.65 4.50
N SER A 177 -34.23 -6.87 3.59
CA SER A 177 -35.62 -6.98 3.98
C SER A 177 -36.51 -7.41 2.83
N GLU A 178 -37.60 -8.11 3.14
CA GLU A 178 -38.63 -8.44 2.12
C GLU A 178 -39.37 -7.18 1.61
N LYS A 179 -39.40 -6.13 2.43
CA LYS A 179 -40.01 -4.85 2.05
C LYS A 179 -38.98 -3.88 1.48
N SER A 180 -39.40 -3.00 0.60
CA SER A 180 -38.53 -1.91 0.14
C SER A 180 -38.79 -0.70 1.01
N CYS A 181 -37.87 0.27 0.99
CA CYS A 181 -38.01 1.47 1.83
C CYS A 181 -37.34 2.74 1.27
N ASP A 182 -37.99 3.88 1.48
CA ASP A 182 -37.68 5.12 0.76
C ASP A 182 -36.46 5.83 1.37
N GLY A 183 -35.29 5.54 0.84
CA GLY A 183 -34.04 6.16 1.33
C GLY A 183 -32.96 5.10 1.48
N TRP A 184 -33.41 3.86 1.40
CA TRP A 184 -32.57 2.71 1.59
C TRP A 184 -32.50 1.90 0.32
N LEU A 185 -31.27 1.54 -0.06
CA LEU A 185 -31.04 0.70 -1.22
C LEU A 185 -31.46 -0.75 -0.89
N ASN A 186 -32.07 -1.43 -1.84
CA ASN A 186 -32.57 -2.79 -1.59
C ASN A 186 -31.46 -3.80 -1.81
N PHE A 187 -30.98 -4.39 -0.72
CA PHE A 187 -29.77 -5.22 -0.80
C PHE A 187 -29.98 -6.52 -1.57
N LYS A 188 -31.10 -7.17 -1.27
CA LYS A 188 -31.47 -8.43 -1.92
C LYS A 188 -31.65 -8.25 -3.42
N LYS A 189 -32.35 -7.20 -3.82
CA LYS A 189 -32.56 -6.90 -5.24
C LYS A 189 -31.19 -6.73 -5.92
N LEU A 190 -30.36 -5.86 -5.34
CA LEU A 190 -29.02 -5.54 -5.89
C LEU A 190 -28.04 -6.70 -5.96
N LEU A 191 -28.13 -7.60 -4.99
CA LEU A 191 -27.32 -8.82 -5.01
C LEU A 191 -27.67 -9.72 -6.21
N ASN A 192 -28.95 -9.89 -6.48
CA ASN A 192 -29.37 -10.74 -7.57
C ASN A 192 -28.89 -10.21 -8.91
N GLU A 193 -28.75 -8.89 -9.00
CA GLU A 193 -28.34 -8.24 -10.24
C GLU A 193 -26.82 -8.21 -10.36
N ALA A 194 -26.12 -8.33 -9.24
CA ALA A 194 -24.65 -8.25 -9.25
C ALA A 194 -24.00 -9.43 -9.98
N SER A 195 -22.76 -9.24 -10.40
CA SER A 195 -22.01 -10.31 -11.09
C SER A 195 -21.41 -11.27 -10.09
N THR A 196 -21.41 -12.56 -10.44
CA THR A 196 -20.82 -13.59 -9.57
C THR A 196 -19.28 -13.67 -9.65
N THR A 197 -18.66 -12.83 -10.48
CA THR A 197 -17.21 -12.65 -10.43
C THR A 197 -16.86 -11.33 -9.75
N HIS A 198 -15.96 -11.41 -8.78
CA HIS A 198 -15.38 -10.22 -8.17
C HIS A 198 -13.94 -10.53 -7.91
N HIS A 199 -13.08 -9.59 -8.27
CA HIS A 199 -11.63 -9.77 -8.10
C HIS A 199 -11.23 -9.30 -6.71
N CYS A 200 -10.86 -10.27 -5.88
CA CYS A 200 -10.52 -10.03 -4.49
C CYS A 200 -9.37 -9.02 -4.38
N VAL A 201 -9.52 -8.04 -3.48
CA VAL A 201 -8.46 -7.07 -3.26
C VAL A 201 -7.28 -7.79 -2.64
N GLU A 202 -6.07 -7.50 -3.12
CA GLU A 202 -4.86 -8.03 -2.49
C GLU A 202 -4.58 -7.30 -1.15
N THR A 203 -5.36 -7.63 -0.13
CA THR A 203 -5.28 -6.98 1.18
C THR A 203 -4.03 -7.39 1.96
N GLY A 204 -3.44 -6.44 2.67
CA GLY A 204 -2.25 -6.67 3.46
C GLY A 204 -2.56 -7.37 4.76
N SER A 205 -1.56 -8.04 5.34
CA SER A 205 -1.73 -8.81 6.60
C SER A 205 -2.12 -7.96 7.79
N GLN A 206 -1.56 -6.74 7.82
CA GLN A 206 -1.70 -5.83 8.95
C GLN A 206 -2.78 -4.76 8.69
N GLU A 207 -3.36 -4.81 7.49
CA GLU A 207 -4.33 -3.85 7.04
C GLU A 207 -5.62 -4.05 7.82
N ALA A 208 -6.22 -2.94 8.25
CA ALA A 208 -7.51 -3.00 8.97
C ALA A 208 -8.54 -3.82 8.16
N SER A 209 -9.20 -4.75 8.85
CA SER A 209 -10.33 -5.52 8.28
C SER A 209 -11.65 -5.25 9.01
N ALA A 210 -11.60 -5.07 10.32
CA ALA A 210 -12.81 -4.90 11.09
C ALA A 210 -12.58 -4.01 12.32
N ILE A 211 -13.65 -3.36 12.77
CA ILE A 211 -13.65 -2.61 14.02
C ILE A 211 -14.81 -3.10 14.87
N TYR A 212 -14.49 -3.56 16.07
CA TYR A 212 -15.53 -3.96 17.00
C TYR A 212 -15.54 -2.96 18.10
N PHE A 213 -16.69 -2.38 18.38
CA PHE A 213 -16.88 -1.52 19.55
C PHE A 213 -16.95 -2.35 20.82
N THR A 214 -16.12 -2.02 21.79
CA THR A 214 -16.05 -2.82 23.00
C THR A 214 -16.06 -1.95 24.27
N SER A 215 -16.84 -2.35 25.27
CA SER A 215 -17.04 -1.58 26.49
C SER A 215 -15.83 -1.48 27.40
N GLY A 216 -15.69 -0.34 28.07
CA GLY A 216 -14.59 -0.05 28.98
C GLY A 216 -15.02 0.04 30.43
N THR A 217 -14.03 0.08 31.33
CA THR A 217 -14.25 0.14 32.79
C THR A 217 -14.93 1.41 33.25
N SER A 218 -14.76 2.49 32.47
CA SER A 218 -15.63 3.67 32.54
C SER A 218 -15.73 4.23 31.15
N GLY A 219 -16.57 5.25 30.98
CA GLY A 219 -16.76 5.89 29.69
C GLY A 219 -17.54 5.02 28.73
N LEU A 220 -17.53 5.42 27.46
CA LEU A 220 -18.28 4.75 26.41
C LEU A 220 -17.36 3.88 25.54
N PRO A 221 -17.94 2.93 24.77
CA PRO A 221 -17.18 1.94 24.05
C PRO A 221 -16.07 2.49 23.14
N LYS A 222 -14.94 1.80 23.14
CA LYS A 222 -13.82 2.12 22.26
C LYS A 222 -13.88 1.22 21.01
N MET A 223 -13.12 1.60 19.99
CA MET A 223 -13.07 0.87 18.73
C MET A 223 -11.87 -0.09 18.60
N ALA A 224 -12.10 -1.37 18.80
CA ALA A 224 -10.99 -2.36 18.65
C ALA A 224 -10.80 -2.69 17.18
N GLU A 225 -9.64 -2.34 16.65
CA GLU A 225 -9.28 -2.65 15.27
C GLU A 225 -8.53 -4.00 15.12
N HIS A 226 -9.01 -4.82 14.18
CA HIS A 226 -8.37 -6.09 13.84
C HIS A 226 -7.95 -6.07 12.38
N SER A 227 -6.87 -6.79 12.10
CA SER A 227 -6.36 -6.89 10.74
C SER A 227 -6.91 -8.12 10.02
N TYR A 228 -6.55 -8.26 8.77
CA TYR A 228 -6.88 -9.43 7.96
C TYR A 228 -6.21 -10.70 8.47
N SER A 229 -5.06 -10.56 9.11
CA SER A 229 -4.36 -11.70 9.65
C SER A 229 -4.71 -11.97 11.12
N SER A 230 -5.02 -10.91 11.88
CA SER A 230 -5.39 -11.09 13.29
C SER A 230 -6.65 -11.96 13.46
N LEU A 231 -7.54 -11.89 12.47
CA LEU A 231 -8.75 -12.69 12.45
C LEU A 231 -8.53 -13.91 11.57
N GLY A 232 -8.31 -13.70 10.29
CA GLY A 232 -8.30 -14.80 9.32
C GLY A 232 -7.12 -15.78 9.47
N LEU A 233 -5.93 -15.24 9.61
CA LEU A 233 -4.76 -16.09 9.64
C LEU A 233 -4.74 -16.86 10.94
N LYS A 234 -5.06 -16.15 12.02
CA LYS A 234 -5.23 -16.75 13.34
C LYS A 234 -6.20 -17.91 13.24
N ALA A 235 -7.38 -17.65 12.70
CA ALA A 235 -8.41 -18.65 12.63
C ALA A 235 -7.97 -19.84 11.78
N LYS A 236 -7.19 -19.60 10.75
CA LYS A 236 -6.64 -20.71 9.94
C LYS A 236 -5.66 -21.53 10.77
N MET A 237 -4.82 -20.87 11.58
CA MET A 237 -3.85 -21.59 12.42
C MET A 237 -4.53 -22.35 13.55
N ASP A 238 -5.64 -21.82 14.05
CA ASP A 238 -6.40 -22.46 15.11
C ASP A 238 -7.35 -23.49 14.57
N ALA A 239 -7.42 -23.62 13.25
CA ALA A 239 -8.46 -24.41 12.61
C ALA A 239 -8.55 -25.79 13.23
N GLY A 240 -9.73 -26.10 13.81
CA GLY A 240 -9.97 -27.40 14.43
C GLY A 240 -9.98 -27.42 15.94
N TRP A 241 -9.64 -26.30 16.57
CA TRP A 241 -9.51 -26.24 18.02
C TRP A 241 -10.79 -26.66 18.73
N THR A 242 -11.93 -26.44 18.07
CA THR A 242 -13.21 -26.81 18.63
C THR A 242 -13.56 -28.28 18.50
N GLY A 243 -12.67 -29.07 17.91
CA GLY A 243 -12.91 -30.49 17.72
C GLY A 243 -13.54 -30.78 16.37
N LEU A 244 -14.10 -29.74 15.75
CA LEU A 244 -14.76 -29.83 14.44
C LEU A 244 -13.84 -30.41 13.36
N GLN A 245 -14.43 -30.92 12.28
CA GLN A 245 -13.69 -31.55 11.17
C GLN A 245 -14.33 -31.29 9.82
N ALA A 246 -13.56 -31.54 8.76
CA ALA A 246 -13.96 -31.14 7.41
C ALA A 246 -15.41 -31.46 7.04
N SER A 247 -15.92 -32.63 7.39
CA SER A 247 -17.30 -33.03 6.95
C SER A 247 -18.37 -32.95 8.02
N ASP A 248 -18.16 -32.08 9.01
CA ASP A 248 -19.08 -31.95 10.13
C ASP A 248 -19.88 -30.68 9.98
N ILE A 249 -20.82 -30.49 10.91
CA ILE A 249 -21.63 -29.28 11.03
C ILE A 249 -21.44 -28.62 12.39
N MET A 250 -21.01 -27.37 12.41
CA MET A 250 -21.00 -26.63 13.69
C MET A 250 -22.14 -25.65 13.85
N TRP A 251 -22.68 -25.57 15.05
CA TRP A 251 -23.67 -24.55 15.38
C TRP A 251 -23.14 -23.62 16.46
N THR A 252 -22.57 -22.50 16.06
CA THR A 252 -22.26 -21.43 17.01
C THR A 252 -23.55 -20.69 17.31
N ILE A 253 -23.86 -20.50 18.58
CA ILE A 253 -25.01 -19.71 19.01
C ILE A 253 -24.50 -18.37 19.49
N SER A 254 -24.67 -17.33 18.69
CA SER A 254 -24.08 -16.02 18.99
C SER A 254 -24.91 -14.86 18.43
N ASP A 255 -24.95 -13.76 19.17
CA ASP A 255 -25.34 -12.45 18.62
C ASP A 255 -24.38 -12.11 17.50
N THR A 256 -24.90 -11.72 16.34
CA THR A 256 -24.06 -11.42 15.18
C THR A 256 -23.09 -10.25 15.41
N GLY A 257 -23.38 -9.41 16.39
CA GLY A 257 -22.44 -8.35 16.78
C GLY A 257 -21.27 -8.80 17.65
N TRP A 258 -21.27 -10.04 18.11
CA TRP A 258 -20.13 -10.53 18.91
C TRP A 258 -18.99 -10.92 17.99
N ILE A 259 -17.76 -10.72 18.45
CA ILE A 259 -16.62 -11.24 17.70
C ILE A 259 -16.67 -12.79 17.59
N LEU A 260 -17.33 -13.45 18.54
CA LEU A 260 -17.53 -14.87 18.52
C LEU A 260 -18.06 -15.33 17.18
N ASN A 261 -18.99 -14.56 16.63
CA ASN A 261 -19.64 -14.88 15.38
C ASN A 261 -18.68 -14.92 14.19
N ILE A 262 -17.67 -14.06 14.21
CA ILE A 262 -16.70 -14.05 13.11
C ILE A 262 -15.66 -15.18 13.23
N LEU A 263 -15.23 -15.44 14.47
CA LEU A 263 -14.17 -16.40 14.72
C LEU A 263 -14.69 -17.84 14.71
N CYS A 264 -15.88 -18.05 15.28
CA CYS A 264 -16.44 -19.38 15.48
C CYS A 264 -17.50 -19.78 14.47
N SER A 265 -18.47 -18.90 14.26
CA SER A 265 -19.54 -19.22 13.33
C SER A 265 -19.07 -19.20 11.89
N LEU A 266 -18.06 -18.40 11.59
CA LEU A 266 -17.67 -18.17 10.19
C LEU A 266 -16.30 -18.77 9.86
N MET A 267 -15.25 -18.35 10.55
CA MET A 267 -13.88 -18.67 10.12
C MET A 267 -13.38 -20.06 10.51
N GLU A 268 -13.73 -20.51 11.70
CA GLU A 268 -13.37 -21.86 12.15
C GLU A 268 -13.86 -22.96 11.16
N PRO A 269 -15.18 -23.13 11.00
CA PRO A 269 -15.67 -24.17 10.07
C PRO A 269 -15.17 -24.03 8.63
N TRP A 270 -15.08 -22.78 8.16
CA TRP A 270 -14.67 -22.53 6.78
C TRP A 270 -13.16 -22.63 6.54
N ALA A 271 -12.35 -22.55 7.59
CA ALA A 271 -10.95 -22.93 7.50
C ALA A 271 -10.79 -24.45 7.31
N LEU A 272 -11.72 -25.22 7.83
CA LEU A 272 -11.69 -26.69 7.74
C LEU A 272 -12.47 -27.24 6.53
N GLY A 273 -13.28 -26.40 5.90
CA GLY A 273 -14.20 -26.87 4.85
C GLY A 273 -15.44 -27.49 5.44
N ALA A 274 -15.69 -27.23 6.73
CA ALA A 274 -16.85 -27.72 7.45
C ALA A 274 -18.06 -26.84 7.16
N CYS A 275 -19.21 -27.33 7.57
CA CYS A 275 -20.44 -26.56 7.48
C CYS A 275 -20.77 -25.78 8.76
N THR A 276 -21.23 -24.55 8.58
CA THR A 276 -21.71 -23.75 9.71
C THR A 276 -23.25 -23.72 9.70
N PHE A 277 -23.84 -24.00 10.86
CA PHE A 277 -25.30 -23.99 11.02
C PHE A 277 -25.75 -22.66 11.66
N VAL A 278 -26.81 -22.06 11.13
CA VAL A 278 -27.37 -20.83 11.73
C VAL A 278 -28.89 -20.89 11.93
N HIS A 279 -29.33 -20.67 13.15
CA HIS A 279 -30.76 -20.60 13.44
C HIS A 279 -31.12 -19.16 13.74
N LEU A 280 -32.19 -18.67 13.14
CA LEU A 280 -32.65 -17.31 13.36
C LEU A 280 -32.82 -17.07 14.84
N LEU A 281 -33.47 -18.02 15.51
CA LEU A 281 -33.69 -17.96 16.96
C LEU A 281 -34.23 -16.60 17.37
N PRO A 282 -35.35 -16.19 16.79
CA PRO A 282 -35.79 -14.83 17.06
C PRO A 282 -36.00 -14.55 18.56
N LYS A 283 -36.45 -15.56 19.32
CA LYS A 283 -36.81 -15.37 20.74
C LYS A 283 -35.93 -16.12 21.76
N PHE A 284 -34.75 -16.60 21.41
CA PHE A 284 -33.85 -17.15 22.47
C PHE A 284 -34.61 -18.09 23.44
N ASP A 285 -35.31 -19.05 22.85
CA ASP A 285 -36.13 -19.98 23.58
C ASP A 285 -35.40 -21.32 23.74
N PRO A 286 -35.14 -21.76 24.99
CA PRO A 286 -34.36 -22.98 25.24
C PRO A 286 -34.94 -24.24 24.59
N LEU A 287 -36.26 -24.35 24.60
CA LEU A 287 -36.92 -25.48 24.01
C LEU A 287 -36.64 -25.49 22.51
N VAL A 288 -36.56 -24.32 21.89
CA VAL A 288 -36.24 -24.24 20.47
C VAL A 288 -34.81 -24.71 20.23
N ILE A 289 -33.88 -24.25 21.08
CA ILE A 289 -32.49 -24.71 20.98
C ILE A 289 -32.42 -26.23 21.09
N LEU A 290 -33.19 -26.81 21.98
CA LEU A 290 -33.13 -28.23 22.26
C LEU A 290 -33.68 -29.05 21.09
N LYS A 291 -34.85 -28.65 20.58
CA LYS A 291 -35.47 -29.32 19.45
C LYS A 291 -34.51 -29.34 18.27
N THR A 292 -33.82 -28.22 18.07
CA THR A 292 -32.88 -28.05 16.97
C THR A 292 -31.66 -28.96 17.08
N LEU A 293 -31.14 -29.09 18.29
CA LEU A 293 -30.00 -30.00 18.53
C LEU A 293 -30.40 -31.43 18.25
N SER A 294 -31.65 -31.74 18.61
CA SER A 294 -32.21 -33.08 18.51
C SER A 294 -32.61 -33.46 17.08
N SER A 295 -33.06 -32.45 16.32
CA SER A 295 -33.66 -32.67 15.01
C SER A 295 -32.66 -32.60 13.88
N TYR A 296 -31.58 -31.86 14.09
CA TYR A 296 -30.58 -31.67 13.05
C TYR A 296 -29.27 -32.36 13.43
N PRO A 297 -28.49 -32.84 12.44
CA PRO A 297 -27.17 -33.48 12.69
C PRO A 297 -26.01 -32.54 13.07
N ILE A 298 -26.21 -31.70 14.09
CA ILE A 298 -25.15 -30.84 14.59
C ILE A 298 -24.17 -31.71 15.36
N LYS A 299 -22.89 -31.62 14.97
CA LYS A 299 -21.83 -32.39 15.60
C LYS A 299 -21.10 -31.58 16.65
N SER A 300 -20.80 -30.33 16.35
CA SER A 300 -20.28 -29.41 17.37
C SER A 300 -21.25 -28.26 17.65
N MET A 301 -21.33 -27.87 18.91
CA MET A 301 -22.03 -26.66 19.29
C MET A 301 -21.18 -25.79 20.21
N MET A 302 -21.26 -24.47 20.02
CA MET A 302 -20.58 -23.50 20.87
C MET A 302 -21.62 -22.52 21.34
N GLY A 303 -21.50 -22.08 22.57
CA GLY A 303 -22.42 -21.10 23.11
C GLY A 303 -21.99 -20.72 24.49
N ALA A 304 -22.45 -19.55 24.96
CA ALA A 304 -22.10 -19.05 26.29
C ALA A 304 -22.68 -20.00 27.34
N PRO A 305 -22.01 -20.12 28.49
CA PRO A 305 -22.49 -21.00 29.55
C PRO A 305 -23.98 -20.93 29.83
N ILE A 306 -24.53 -19.74 29.77
CA ILE A 306 -25.96 -19.55 30.07
C ILE A 306 -26.84 -20.45 29.22
N VAL A 307 -26.46 -20.66 27.96
CA VAL A 307 -27.20 -21.56 27.09
C VAL A 307 -27.28 -22.99 27.68
N TYR A 308 -26.15 -23.52 28.13
CA TYR A 308 -26.13 -24.86 28.71
C TYR A 308 -26.93 -24.95 30.01
N ARG A 309 -26.89 -23.85 30.78
CA ARG A 309 -27.65 -23.78 32.02
C ARG A 309 -29.15 -23.76 31.74
N MET A 310 -29.57 -23.08 30.68
CA MET A 310 -30.98 -23.04 30.34
CA MET A 310 -31.03 -23.06 30.31
C MET A 310 -31.43 -24.40 29.85
N LEU A 311 -30.62 -25.03 29.00
CA LEU A 311 -30.93 -26.36 28.49
C LEU A 311 -31.04 -27.39 29.60
N LEU A 312 -30.26 -27.28 30.66
CA LEU A 312 -30.32 -28.27 31.75
C LEU A 312 -31.63 -28.16 32.51
N GLN A 313 -32.26 -26.98 32.47
CA GLN A 313 -33.61 -26.77 33.05
C GLN A 313 -34.74 -27.44 32.25
N GLN A 314 -34.46 -27.80 31.01
CA GLN A 314 -35.45 -28.50 30.17
C GLN A 314 -35.38 -30.03 30.35
N ASP A 315 -36.22 -30.74 29.59
CA ASP A 315 -36.32 -32.22 29.67
C ASP A 315 -35.46 -32.92 28.59
N LEU A 316 -34.18 -33.09 28.90
CA LEU A 316 -33.22 -33.60 27.93
C LEU A 316 -33.52 -35.04 27.45
N SER A 317 -34.22 -35.81 28.28
CA SER A 317 -34.45 -37.23 28.02
C SER A 317 -35.42 -37.49 26.88
N SER A 318 -36.42 -36.62 26.71
CA SER A 318 -37.32 -36.70 25.55
C SER A 318 -36.59 -36.32 24.25
N TYR A 319 -35.77 -35.28 24.33
CA TYR A 319 -35.11 -34.72 23.16
C TYR A 319 -33.64 -35.09 23.19
N LYS A 320 -33.31 -36.22 22.55
CA LYS A 320 -31.94 -36.77 22.48
C LYS A 320 -31.18 -36.41 21.20
N PHE A 321 -29.85 -36.50 21.25
CA PHE A 321 -28.99 -36.04 20.16
C PHE A 321 -27.64 -36.77 20.11
N PRO A 322 -27.70 -38.05 19.69
CA PRO A 322 -26.54 -38.93 19.69
C PRO A 322 -25.43 -38.43 18.78
N HIS A 323 -25.81 -37.77 17.71
CA HIS A 323 -24.87 -37.18 16.74
C HIS A 323 -23.87 -36.16 17.33
N LEU A 324 -24.27 -35.48 18.41
CA LEU A 324 -23.49 -34.39 19.04
C LEU A 324 -22.27 -34.93 19.79
N GLN A 325 -21.10 -34.47 19.37
CA GLN A 325 -19.82 -34.91 19.95
C GLN A 325 -19.13 -33.81 20.75
N ASN A 326 -18.98 -32.62 20.16
CA ASN A 326 -18.23 -31.53 20.77
C ASN A 326 -19.13 -30.41 21.27
N CYS A 327 -19.08 -30.14 22.57
CA CYS A 327 -19.71 -28.97 23.16
C CYS A 327 -18.64 -28.04 23.67
N VAL A 328 -18.54 -26.83 23.11
CA VAL A 328 -17.61 -25.84 23.64
C VAL A 328 -18.36 -24.61 24.19
N THR A 329 -17.61 -23.76 24.90
CA THR A 329 -18.22 -22.66 25.65
C THR A 329 -17.22 -21.54 25.94
N VAL A 330 -17.72 -20.31 25.93
CA VAL A 330 -16.86 -19.14 26.08
C VAL A 330 -17.65 -17.92 26.57
N GLY A 331 -16.93 -16.87 26.90
CA GLY A 331 -17.55 -15.58 27.27
C GLY A 331 -18.04 -15.44 28.71
N GLU A 332 -17.69 -16.41 29.55
CA GLU A 332 -18.13 -16.47 30.95
C GLU A 332 -17.49 -17.67 31.63
N SER A 333 -17.41 -17.60 32.95
CA SER A 333 -16.76 -18.66 33.70
C SER A 333 -17.68 -19.88 33.79
N LEU A 334 -17.21 -21.02 33.30
CA LEU A 334 -18.01 -22.25 33.38
C LEU A 334 -17.93 -22.82 34.80
N LEU A 335 -19.08 -22.89 35.47
CA LEU A 335 -19.17 -23.41 36.83
C LEU A 335 -19.06 -24.92 36.88
N PRO A 336 -18.26 -25.45 37.83
CA PRO A 336 -18.10 -26.91 37.95
C PRO A 336 -19.42 -27.66 38.01
N GLU A 337 -20.43 -27.02 38.59
CA GLU A 337 -21.77 -27.58 38.70
C GLU A 337 -22.39 -27.79 37.31
N THR A 338 -22.20 -26.82 36.43
CA THR A 338 -22.77 -26.89 35.10
C THR A 338 -22.13 -28.04 34.38
N LEU A 339 -20.81 -28.03 34.37
CA LEU A 339 -20.03 -29.08 33.69
C LEU A 339 -20.52 -30.44 34.10
N GLU A 340 -20.54 -30.68 35.41
CA GLU A 340 -20.90 -31.99 36.00
C GLU A 340 -22.28 -32.49 35.57
N ASN A 341 -23.27 -31.60 35.61
CA ASN A 341 -24.61 -31.98 35.20
C ASN A 341 -24.70 -32.31 33.72
N TRP A 342 -24.13 -31.47 32.86
CA TRP A 342 -24.11 -31.72 31.44
C TRP A 342 -23.54 -33.10 31.17
N ARG A 343 -22.46 -33.45 31.85
CA ARG A 343 -21.91 -34.82 31.79
C ARG A 343 -22.95 -35.86 32.18
N ALA A 344 -23.52 -35.68 33.37
CA ALA A 344 -24.54 -36.58 33.91
C ALA A 344 -25.66 -36.84 32.90
N GLN A 345 -26.29 -35.76 32.43
CA GLN A 345 -27.49 -35.84 31.59
C GLN A 345 -27.22 -36.24 30.14
N THR A 346 -26.09 -35.84 29.59
CA THR A 346 -25.84 -36.00 28.15
C THR A 346 -24.67 -36.90 27.79
N GLY A 347 -23.84 -37.22 28.76
CA GLY A 347 -22.66 -38.07 28.54
C GLY A 347 -21.53 -37.38 27.79
N LEU A 348 -21.62 -36.05 27.64
CA LEU A 348 -20.63 -35.29 26.91
C LEU A 348 -19.93 -34.31 27.84
N ASP A 349 -18.70 -33.92 27.45
CA ASP A 349 -17.96 -32.90 28.17
C ASP A 349 -18.25 -31.55 27.56
N ILE A 350 -18.24 -30.51 28.39
CA ILE A 350 -18.19 -29.12 27.93
C ILE A 350 -16.77 -28.58 28.04
N ARG A 351 -16.16 -28.23 26.91
CA ARG A 351 -14.81 -27.68 26.92
C ARG A 351 -14.83 -26.14 26.91
N GLU A 352 -14.19 -25.57 27.91
CA GLU A 352 -14.20 -24.15 28.14
C GLU A 352 -13.10 -23.51 27.32
N SER A 353 -13.34 -22.28 26.91
CA SER A 353 -12.34 -21.47 26.20
C SER A 353 -12.45 -20.04 26.69
N TYR A 354 -11.42 -19.25 26.43
CA TYR A 354 -11.30 -17.93 27.02
C TYR A 354 -10.68 -16.92 26.08
N GLY A 355 -11.06 -15.65 26.23
CA GLY A 355 -10.45 -14.56 25.47
C GLY A 355 -11.23 -13.27 25.62
N GLN A 356 -10.91 -12.30 24.76
CA GLN A 356 -11.63 -11.02 24.69
C GLN A 356 -11.55 -10.46 23.28
N THR A 357 -12.40 -9.49 22.98
CA THR A 357 -12.41 -8.84 21.68
C THR A 357 -11.02 -8.52 21.17
N GLU A 358 -10.16 -8.07 22.06
CA GLU A 358 -8.83 -7.60 21.69
C GLU A 358 -7.84 -8.72 21.35
N THR A 359 -8.07 -9.91 21.88
CA THR A 359 -7.10 -11.00 21.78
C THR A 359 -7.59 -12.25 21.07
N GLY A 360 -8.89 -12.31 20.82
CA GLY A 360 -9.47 -13.51 20.29
C GLY A 360 -9.24 -14.69 21.19
N LEU A 361 -9.20 -15.88 20.59
N LEU A 361 -9.17 -15.88 20.58
CA LEU A 361 -9.05 -17.12 21.35
CA LEU A 361 -9.02 -17.13 21.30
C LEU A 361 -7.71 -17.11 22.01
C LEU A 361 -7.69 -17.09 22.02
N THR A 362 -7.73 -17.07 23.35
CA THR A 362 -6.52 -16.94 24.16
C THR A 362 -6.16 -18.27 24.80
N CYS A 363 -7.06 -18.83 25.61
CA CYS A 363 -6.85 -20.13 26.21
C CYS A 363 -7.99 -21.04 25.89
N MET A 364 -7.74 -22.34 25.97
CA MET A 364 -8.83 -23.32 25.89
C MET A 364 -8.42 -24.69 26.32
N VAL A 365 -9.44 -25.50 26.62
CA VAL A 365 -9.28 -26.94 26.71
C VAL A 365 -9.52 -27.49 25.32
N SER A 366 -8.46 -27.94 24.65
CA SER A 366 -8.57 -28.59 23.32
C SER A 366 -9.14 -29.99 23.46
N LYS A 367 -9.53 -30.59 22.32
CA LYS A 367 -10.23 -31.88 22.34
C LYS A 367 -9.50 -32.99 23.10
N THR A 368 -8.20 -33.12 22.89
CA THR A 368 -7.45 -34.23 23.53
C THR A 368 -6.92 -33.89 24.93
N MET A 369 -7.41 -32.84 25.58
CA MET A 369 -6.88 -32.44 26.89
C MET A 369 -7.73 -32.95 28.04
N LYS A 370 -7.10 -33.25 29.16
CA LYS A 370 -7.84 -33.59 30.37
C LYS A 370 -8.62 -32.37 30.86
N ILE A 371 -9.89 -32.55 31.20
CA ILE A 371 -10.69 -31.45 31.74
C ILE A 371 -10.49 -31.31 33.25
N LYS A 372 -10.31 -30.08 33.69
CA LYS A 372 -10.18 -29.75 35.12
C LYS A 372 -11.26 -28.73 35.46
N PRO A 373 -12.27 -29.15 36.21
CA PRO A 373 -13.35 -28.26 36.58
C PRO A 373 -12.85 -26.96 37.20
N GLY A 374 -13.43 -25.83 36.82
CA GLY A 374 -13.03 -24.52 37.33
C GLY A 374 -11.89 -23.87 36.58
N TYR A 375 -11.23 -24.65 35.71
CA TYR A 375 -10.14 -24.17 34.87
C TYR A 375 -10.61 -23.98 33.44
N MET A 376 -10.04 -23.02 32.73
CA MET A 376 -10.42 -22.72 31.34
C MET A 376 -9.36 -23.19 30.31
N GLY A 377 -8.40 -23.99 30.77
CA GLY A 377 -7.40 -24.57 29.90
C GLY A 377 -6.08 -23.83 29.82
N THR A 378 -5.40 -24.05 28.71
CA THR A 378 -4.02 -23.60 28.56
C THR A 378 -3.94 -22.70 27.35
N ALA A 379 -2.75 -22.12 27.13
CA ALA A 379 -2.55 -21.08 26.13
C ALA A 379 -2.85 -21.50 24.68
N ALA A 380 -3.56 -20.65 23.92
CA ALA A 380 -3.78 -20.88 22.48
C ALA A 380 -2.46 -20.75 21.71
N SER A 381 -2.39 -21.39 20.53
CA SER A 381 -1.09 -21.84 19.98
C SER A 381 -0.09 -20.72 19.89
N CYS A 382 -0.44 -19.70 19.14
CA CYS A 382 0.37 -18.51 19.13
C CYS A 382 0.94 -18.24 20.54
N TYR A 383 0.01 -18.04 21.48
CA TYR A 383 0.21 -17.16 22.62
C TYR A 383 0.97 -17.71 23.80
N ASP A 384 1.88 -16.88 24.29
CA ASP A 384 2.54 -17.12 25.56
C ASP A 384 1.82 -16.34 26.64
N VAL A 385 0.93 -17.05 27.34
CA VAL A 385 0.09 -16.45 28.36
C VAL A 385 0.63 -16.74 29.76
N GLN A 386 0.63 -15.72 30.61
CA GLN A 386 1.21 -15.82 31.95
C GLN A 386 0.50 -14.93 32.98
N ILE A 387 0.56 -15.35 34.22
CA ILE A 387 0.13 -14.54 35.32
C ILE A 387 1.31 -13.61 35.63
N ILE A 388 1.10 -12.30 35.51
CA ILE A 388 2.18 -11.36 35.79
C ILE A 388 1.86 -10.44 36.96
N ASP A 389 2.93 -9.92 37.57
CA ASP A 389 2.84 -9.06 38.75
C ASP A 389 2.69 -7.59 38.39
N ASP A 390 2.64 -6.75 39.42
CA ASP A 390 2.44 -5.31 39.28
C ASP A 390 3.56 -4.59 38.53
N LYS A 391 4.73 -5.25 38.43
CA LYS A 391 5.88 -4.70 37.67
C LYS A 391 5.85 -5.16 36.21
N GLY A 392 5.23 -6.30 35.95
CA GLY A 392 5.19 -6.90 34.62
C GLY A 392 6.05 -8.14 34.52
N ASN A 393 6.33 -8.79 35.63
CA ASN A 393 7.14 -10.01 35.62
C ASN A 393 6.28 -11.26 35.75
N VAL A 394 6.72 -12.35 35.12
CA VAL A 394 5.99 -13.64 35.18
C VAL A 394 6.01 -14.21 36.59
N LEU A 395 4.86 -14.74 37.02
CA LEU A 395 4.72 -15.30 38.35
C LEU A 395 4.69 -16.81 38.33
N PRO A 396 4.98 -17.43 39.47
CA PRO A 396 4.93 -18.88 39.51
C PRO A 396 3.52 -19.44 39.54
N PRO A 397 3.39 -20.76 39.38
CA PRO A 397 2.09 -21.35 39.58
C PRO A 397 1.58 -21.15 41.02
N GLY A 398 0.26 -21.22 41.16
CA GLY A 398 -0.37 -21.15 42.46
C GLY A 398 -0.40 -19.77 43.08
N THR A 399 -0.15 -18.74 42.26
CA THR A 399 -0.11 -17.36 42.75
C THR A 399 -1.06 -16.53 41.92
N GLU A 400 -1.96 -15.81 42.57
CA GLU A 400 -2.91 -15.01 41.83
C GLU A 400 -2.21 -13.74 41.36
N GLY A 401 -2.53 -13.32 40.14
CA GLY A 401 -1.93 -12.13 39.56
C GLY A 401 -2.79 -11.73 38.39
N ASP A 402 -2.20 -11.02 37.41
CA ASP A 402 -2.96 -10.60 36.24
C ASP A 402 -2.64 -11.47 35.02
N ILE A 403 -3.69 -11.93 34.35
CA ILE A 403 -3.57 -12.72 33.13
C ILE A 403 -3.13 -11.81 32.01
N GLY A 404 -2.03 -12.18 31.35
CA GLY A 404 -1.41 -11.39 30.27
C GLY A 404 -0.84 -12.22 29.14
N ILE A 405 -0.69 -11.62 27.96
CA ILE A 405 -0.07 -12.25 26.81
C ILE A 405 1.17 -11.47 26.40
N ARG A 406 2.28 -12.20 26.26
CA ARG A 406 3.52 -11.61 25.80
C ARG A 406 3.24 -11.02 24.43
N VAL A 407 3.60 -9.74 24.24
CA VAL A 407 3.43 -9.07 22.94
C VAL A 407 4.68 -8.38 22.42
N LYS A 408 5.70 -8.25 23.27
CA LYS A 408 7.01 -7.74 22.88
C LYS A 408 8.01 -8.86 23.08
N PRO A 409 9.03 -8.96 22.21
CA PRO A 409 9.30 -8.12 21.03
C PRO A 409 8.42 -8.44 19.82
N ILE A 410 8.04 -9.71 19.70
CA ILE A 410 7.14 -10.15 18.62
C ILE A 410 5.70 -10.23 19.11
N ARG A 411 4.84 -9.41 18.51
CA ARG A 411 3.39 -9.51 18.70
C ARG A 411 2.91 -10.77 17.98
N PRO A 412 2.22 -11.65 18.69
CA PRO A 412 1.82 -12.89 18.04
C PRO A 412 0.65 -12.69 17.13
N ILE A 413 0.49 -13.57 16.15
CA ILE A 413 -0.63 -13.48 15.22
C ILE A 413 -1.93 -13.66 15.97
N GLY A 414 -2.86 -12.72 15.81
CA GLY A 414 -4.15 -12.82 16.46
C GLY A 414 -4.46 -11.64 17.34
N ILE A 415 -3.42 -10.95 17.81
CA ILE A 415 -3.61 -9.74 18.60
C ILE A 415 -4.07 -8.62 17.67
N PHE A 416 -4.93 -7.74 18.20
CA PHE A 416 -5.53 -6.67 17.44
C PHE A 416 -4.55 -5.52 17.25
N SER A 417 -4.90 -4.59 16.38
CA SER A 417 -4.03 -3.50 16.01
C SER A 417 -4.06 -2.29 16.98
N GLY A 418 -4.93 -2.30 17.98
CA GLY A 418 -5.01 -1.19 18.92
C GLY A 418 -6.37 -0.51 18.84
N TYR A 419 -6.61 0.40 19.79
CA TYR A 419 -7.86 1.13 19.82
C TYR A 419 -7.77 2.28 18.83
N VAL A 420 -8.79 2.45 18.00
CA VAL A 420 -8.73 3.42 16.94
C VAL A 420 -8.68 4.84 17.50
N ASP A 421 -7.82 5.65 16.91
CA ASP A 421 -7.58 7.03 17.36
C ASP A 421 -7.07 7.16 18.83
N ASN A 422 -6.85 6.04 19.55
CA ASN A 422 -6.48 6.04 20.98
C ASN A 422 -5.20 5.26 21.35
N PRO A 423 -4.03 5.65 20.85
CA PRO A 423 -2.78 4.99 21.21
C PRO A 423 -2.52 5.01 22.71
N ASP A 424 -3.03 6.04 23.37
CA ASP A 424 -2.92 6.17 24.81
C ASP A 424 -3.55 4.95 25.51
N LYS A 425 -4.76 4.59 25.14
CA LYS A 425 -5.46 3.54 25.85
C LYS A 425 -5.03 2.13 25.40
N THR A 426 -4.44 2.03 24.21
CA THR A 426 -3.75 0.82 23.79
C THR A 426 -2.51 0.58 24.65
N ALA A 427 -1.81 1.66 24.96
CA ALA A 427 -0.64 1.63 25.80
C ALA A 427 -0.98 1.36 27.27
N ALA A 428 -2.05 1.98 27.78
CA ALA A 428 -2.42 1.81 29.20
C ALA A 428 -2.64 0.34 29.60
N ASN A 429 -2.89 -0.53 28.61
CA ASN A 429 -3.06 -1.98 28.81
C ASN A 429 -1.80 -2.81 28.58
N ILE A 430 -0.69 -2.18 28.25
CA ILE A 430 0.54 -2.93 28.14
C ILE A 430 1.36 -2.66 29.36
N ARG A 431 1.72 -3.73 30.09
CA ARG A 431 2.66 -3.69 31.21
C ARG A 431 3.89 -4.48 30.78
N GLY A 432 5.05 -3.84 30.81
CA GLY A 432 6.28 -4.48 30.40
C GLY A 432 6.13 -5.02 28.99
N ASP A 433 6.37 -6.33 28.85
CA ASP A 433 6.25 -7.01 27.57
C ASP A 433 4.90 -7.68 27.35
N PHE A 434 3.92 -7.38 28.19
CA PHE A 434 2.64 -8.09 28.18
C PHE A 434 1.41 -7.21 27.97
N TRP A 435 0.49 -7.72 27.15
CA TRP A 435 -0.84 -7.14 27.08
C TRP A 435 -1.61 -7.69 28.25
N LEU A 436 -2.28 -6.79 28.98
CA LEU A 436 -3.14 -7.18 30.08
C LEU A 436 -4.56 -7.37 29.60
N LEU A 437 -5.19 -8.46 30.00
CA LEU A 437 -6.56 -8.72 29.60
C LEU A 437 -7.56 -8.06 30.57
N GLY A 438 -7.09 -7.67 31.76
CA GLY A 438 -7.94 -7.07 32.77
C GLY A 438 -8.58 -8.11 33.68
N ASP A 439 -8.11 -9.34 33.52
CA ASP A 439 -8.59 -10.51 34.24
C ASP A 439 -7.53 -11.03 35.21
N ARG A 440 -7.97 -11.41 36.39
CA ARG A 440 -7.11 -12.01 37.37
C ARG A 440 -7.13 -13.50 37.13
N GLY A 441 -6.07 -14.18 37.59
CA GLY A 441 -6.05 -15.62 37.46
C GLY A 441 -4.91 -16.28 38.21
N ILE A 442 -5.01 -17.60 38.31
CA ILE A 442 -3.96 -18.44 38.84
C ILE A 442 -3.70 -19.51 37.80
N LYS A 443 -2.43 -19.89 37.66
CA LYS A 443 -2.03 -20.95 36.74
C LYS A 443 -1.58 -22.13 37.58
N ASP A 444 -1.92 -23.35 37.15
CA ASP A 444 -1.58 -24.54 37.92
C ASP A 444 -0.39 -25.22 37.33
N GLU A 445 0.04 -26.31 37.96
CA GLU A 445 1.30 -26.99 37.60
C GLU A 445 1.40 -27.48 36.16
N ASP A 446 0.26 -27.75 35.55
CA ASP A 446 0.24 -28.11 34.15
C ASP A 446 -0.09 -26.94 33.23
N GLY A 447 -0.13 -25.72 33.76
CA GLY A 447 -0.33 -24.52 32.91
C GLY A 447 -1.78 -24.16 32.62
N TYR A 448 -2.70 -24.80 33.37
CA TYR A 448 -4.12 -24.50 33.31
C TYR A 448 -4.38 -23.20 34.06
N PHE A 449 -5.18 -22.33 33.46
CA PHE A 449 -5.56 -21.06 34.09
C PHE A 449 -6.85 -21.19 34.87
N GLN A 450 -6.91 -20.52 36.02
CA GLN A 450 -8.15 -20.43 36.77
C GLN A 450 -8.60 -18.98 36.84
N PHE A 451 -9.74 -18.67 36.22
CA PHE A 451 -10.26 -17.32 36.22
C PHE A 451 -10.60 -16.96 37.66
N MET A 452 -10.18 -15.78 38.10
CA MET A 452 -10.44 -15.34 39.46
C MET A 452 -11.24 -13.99 39.55
N GLY A 453 -11.81 -13.52 38.44
CA GLY A 453 -12.59 -12.27 38.42
C GLY A 453 -11.95 -11.14 37.62
N ARG A 454 -12.78 -10.19 37.19
CA ARG A 454 -12.31 -8.98 36.53
C ARG A 454 -11.59 -8.16 37.54
N ALA A 455 -10.51 -7.51 37.11
CA ALA A 455 -9.75 -6.65 38.00
C ALA A 455 -10.37 -5.26 38.06
N ASP A 456 -11.23 -4.93 37.09
CA ASP A 456 -11.78 -3.59 36.98
C ASP A 456 -13.30 -3.67 36.96
N ASP A 457 -13.98 -2.60 36.54
CA ASP A 457 -15.43 -2.53 36.70
C ASP A 457 -16.30 -3.13 35.57
N ILE A 458 -15.69 -3.82 34.62
CA ILE A 458 -16.45 -4.33 33.49
C ILE A 458 -17.26 -5.52 33.97
N ILE A 459 -18.44 -5.66 33.40
CA ILE A 459 -19.41 -6.63 33.84
C ILE A 459 -19.63 -7.62 32.72
N ASN A 460 -19.83 -8.87 33.08
CA ASN A 460 -20.00 -9.91 32.09
C ASN A 460 -21.27 -10.67 32.33
N SER A 461 -22.33 -10.34 31.59
CA SER A 461 -23.61 -11.03 31.73
C SER A 461 -23.94 -11.84 30.47
N SER A 462 -24.16 -13.15 30.65
CA SER A 462 -24.73 -14.01 29.61
C SER A 462 -24.06 -13.88 28.23
N GLY A 463 -22.74 -13.70 28.20
CA GLY A 463 -22.00 -13.52 26.93
C GLY A 463 -21.79 -12.06 26.48
N TYR A 464 -22.60 -11.14 27.01
CA TYR A 464 -22.45 -9.74 26.71
C TYR A 464 -21.41 -9.11 27.62
N ARG A 465 -20.73 -8.10 27.10
CA ARG A 465 -19.69 -7.35 27.80
C ARG A 465 -20.19 -5.92 27.94
N ILE A 466 -20.47 -5.50 29.18
CA ILE A 466 -21.22 -4.27 29.47
C ILE A 466 -20.41 -3.30 30.33
N GLY A 467 -20.18 -2.10 29.84
CA GLY A 467 -19.53 -1.04 30.63
C GLY A 467 -20.51 -0.34 31.57
N PRO A 468 -20.07 -0.08 32.82
CA PRO A 468 -21.04 0.41 33.80
C PRO A 468 -21.54 1.86 33.51
N SER A 469 -20.65 2.70 33.01
CA SER A 469 -21.02 4.06 32.63
C SER A 469 -22.14 4.10 31.60
N GLU A 470 -22.27 3.02 30.84
CA GLU A 470 -23.30 2.96 29.80
C GLU A 470 -24.64 2.78 30.46
N VAL A 471 -24.70 1.86 31.43
CA VAL A 471 -25.93 1.58 32.17
C VAL A 471 -26.27 2.70 33.13
N GLU A 472 -25.24 3.28 33.75
CA GLU A 472 -25.38 4.41 34.67
C GLU A 472 -25.94 5.64 33.98
N ASN A 473 -25.38 5.97 32.83
CA ASN A 473 -25.90 7.12 32.09
C ASN A 473 -27.37 6.90 31.84
N ALA A 474 -27.71 5.72 31.36
CA ALA A 474 -29.09 5.41 31.03
C ALA A 474 -29.99 5.72 32.20
N LEU A 475 -29.63 5.22 33.36
CA LEU A 475 -30.45 5.40 34.55
C LEU A 475 -30.59 6.89 34.82
N MET A 476 -29.46 7.59 34.85
CA MET A 476 -29.42 9.00 35.14
C MET A 476 -30.34 9.86 34.28
N GLU A 477 -30.81 9.37 33.14
CA GLU A 477 -31.75 10.14 32.33
C GLU A 477 -33.16 10.08 32.96
N HIS A 478 -33.39 9.15 33.88
CA HIS A 478 -34.66 9.07 34.59
C HIS A 478 -34.70 10.05 35.80
N PRO A 479 -35.79 10.79 35.96
CA PRO A 479 -35.78 11.84 36.97
C PRO A 479 -35.81 11.33 38.42
N ALA A 480 -36.22 10.08 38.63
CA ALA A 480 -36.17 9.47 39.96
C ALA A 480 -34.76 9.15 40.42
N VAL A 481 -33.80 9.19 39.52
CA VAL A 481 -32.44 8.78 39.82
C VAL A 481 -31.60 10.00 40.03
N VAL A 482 -31.24 10.31 41.26
CA VAL A 482 -30.35 11.45 41.45
C VAL A 482 -28.91 10.93 41.40
N GLU A 483 -28.72 9.66 41.77
CA GLU A 483 -27.37 9.11 41.73
C GLU A 483 -27.43 7.60 41.59
N THR A 484 -26.43 7.03 40.88
CA THR A 484 -26.40 5.57 40.64
C THR A 484 -24.98 5.03 40.40
N ALA A 485 -24.81 3.73 40.70
CA ALA A 485 -23.55 2.99 40.47
C ALA A 485 -23.86 1.52 40.13
N VAL A 486 -23.36 1.04 38.98
CA VAL A 486 -23.73 -0.29 38.47
C VAL A 486 -22.57 -1.30 38.49
N ILE A 487 -22.82 -2.45 39.11
CA ILE A 487 -21.82 -3.48 39.29
C ILE A 487 -22.34 -4.82 38.89
N SER A 488 -21.44 -5.80 38.85
CA SER A 488 -21.81 -7.20 38.63
C SER A 488 -22.35 -7.81 39.92
N SER A 489 -23.00 -8.96 39.78
CA SER A 489 -23.68 -9.62 40.89
C SER A 489 -24.04 -11.07 40.56
N PRO A 490 -23.86 -11.96 41.52
CA PRO A 490 -24.15 -13.34 41.25
C PRO A 490 -25.65 -13.63 41.31
N ASP A 491 -26.22 -14.14 40.22
CA ASP A 491 -27.50 -14.86 40.32
C ASP A 491 -27.22 -16.39 40.37
N PRO A 492 -27.89 -17.09 41.32
CA PRO A 492 -27.69 -18.55 41.41
C PRO A 492 -28.25 -19.35 40.23
N VAL A 493 -29.11 -18.74 39.40
CA VAL A 493 -29.59 -19.42 38.19
C VAL A 493 -28.92 -18.93 36.91
N ARG A 494 -28.67 -17.62 36.82
CA ARG A 494 -28.22 -17.02 35.55
C ARG A 494 -26.73 -16.85 35.48
N GLY A 495 -26.11 -16.58 36.61
CA GLY A 495 -24.66 -16.46 36.68
C GLY A 495 -24.17 -15.13 37.19
N GLU A 496 -23.73 -14.28 36.27
CA GLU A 496 -23.30 -12.95 36.59
C GLU A 496 -24.31 -12.03 35.96
N VAL A 497 -24.98 -11.22 36.78
CA VAL A 497 -26.05 -10.32 36.31
C VAL A 497 -25.81 -8.88 36.70
N VAL A 498 -26.27 -7.96 35.86
CA VAL A 498 -26.13 -6.53 36.15
C VAL A 498 -26.94 -6.12 37.39
N LYS A 499 -26.27 -5.49 38.36
CA LYS A 499 -26.98 -4.84 39.48
C LYS A 499 -26.78 -3.31 39.51
N ALA A 500 -27.85 -2.59 39.85
CA ALA A 500 -27.83 -1.14 40.01
C ALA A 500 -28.14 -0.76 41.45
N PHE A 501 -27.22 -0.02 42.06
CA PHE A 501 -27.52 0.67 43.29
C PHE A 501 -28.11 2.00 42.83
N VAL A 502 -29.31 2.34 43.30
CA VAL A 502 -29.89 3.68 43.00
C VAL A 502 -30.07 4.60 44.22
N VAL A 503 -29.93 5.90 44.01
CA VAL A 503 -30.32 6.89 45.01
C VAL A 503 -31.54 7.61 44.47
N LEU A 504 -32.67 7.40 45.14
CA LEU A 504 -33.93 8.00 44.73
C LEU A 504 -33.98 9.48 45.13
N ALA A 505 -34.52 10.30 44.24
CA ALA A 505 -34.95 11.64 44.63
C ALA A 505 -35.93 11.51 45.79
N SER A 506 -36.01 12.57 46.61
CA SER A 506 -36.79 12.49 47.82
C SER A 506 -38.26 12.25 47.48
N GLN A 507 -38.65 12.74 46.30
CA GLN A 507 -40.06 12.74 45.87
C GLN A 507 -40.46 11.42 45.21
N PHE A 508 -39.65 10.38 45.41
CA PHE A 508 -39.93 9.03 44.91
C PHE A 508 -39.84 7.93 45.99
N LEU A 509 -39.48 8.33 47.20
CA LEU A 509 -39.23 7.40 48.29
C LEU A 509 -40.41 6.48 48.60
N SER A 510 -41.61 7.02 48.68
CA SER A 510 -42.74 6.25 49.16
C SER A 510 -43.42 5.40 48.06
N HIS A 511 -42.74 5.19 46.95
CA HIS A 511 -43.27 4.38 45.86
C HIS A 511 -43.11 2.89 46.10
N ASP A 512 -44.04 2.10 45.54
CA ASP A 512 -43.91 0.65 45.43
C ASP A 512 -42.58 0.21 44.77
N PRO A 513 -41.64 -0.30 45.56
CA PRO A 513 -40.35 -0.72 45.02
C PRO A 513 -40.39 -1.79 43.89
N GLU A 514 -41.33 -2.73 43.92
CA GLU A 514 -41.47 -3.67 42.80
C GLU A 514 -41.80 -2.91 41.52
N GLN A 515 -42.85 -2.09 41.54
CA GLN A 515 -43.24 -1.36 40.31
C GLN A 515 -42.15 -0.35 39.87
N LEU A 516 -41.58 0.40 40.82
CA LEU A 516 -40.55 1.36 40.49
C LEU A 516 -39.40 0.66 39.78
N THR A 517 -39.07 -0.54 40.25
CA THR A 517 -37.95 -1.27 39.69
C THR A 517 -38.31 -1.69 38.28
N LYS A 518 -39.48 -2.29 38.13
CA LYS A 518 -39.95 -2.68 36.80
C LYS A 518 -39.86 -1.47 35.85
N GLU A 519 -40.33 -0.32 36.35
CA GLU A 519 -40.32 0.93 35.58
C GLU A 519 -38.88 1.28 35.20
N LEU A 520 -38.00 1.28 36.18
CA LEU A 520 -36.63 1.65 35.93
C LEU A 520 -35.99 0.71 34.91
N GLN A 521 -36.31 -0.58 35.01
CA GLN A 521 -35.78 -1.56 34.05
C GLN A 521 -36.20 -1.25 32.60
N GLN A 522 -37.50 -1.13 32.39
CA GLN A 522 -38.05 -0.68 31.11
C GLN A 522 -37.46 0.63 30.60
N HIS A 523 -37.17 1.55 31.51
CA HIS A 523 -36.54 2.82 31.12
C HIS A 523 -35.19 2.54 30.45
N VAL A 524 -34.41 1.64 31.05
CA VAL A 524 -33.16 1.23 30.44
C VAL A 524 -33.40 0.50 29.14
N LYS A 525 -34.40 -0.37 29.10
CA LYS A 525 -34.63 -1.21 27.89
C LYS A 525 -34.97 -0.36 26.68
N SER A 526 -35.53 0.83 26.96
CA SER A 526 -35.99 1.74 25.93
C SER A 526 -34.89 2.67 25.39
N VAL A 527 -33.87 2.93 26.18
CA VAL A 527 -32.92 3.99 25.85
C VAL A 527 -31.56 3.50 25.39
N THR A 528 -31.27 2.24 25.65
CA THR A 528 -30.09 1.58 25.14
C THR A 528 -30.38 0.07 24.99
N ALA A 529 -29.47 -0.70 24.40
CA ALA A 529 -29.73 -2.14 24.15
C ALA A 529 -30.14 -2.91 25.42
N PRO A 530 -31.16 -3.76 25.32
CA PRO A 530 -31.64 -4.37 26.53
C PRO A 530 -30.67 -5.28 27.25
N TYR A 531 -29.76 -5.96 26.54
CA TYR A 531 -28.89 -6.91 27.22
C TYR A 531 -28.14 -6.29 28.41
N LYS A 532 -28.00 -4.98 28.46
CA LYS A 532 -27.31 -4.35 29.59
C LYS A 532 -28.23 -3.76 30.67
N TYR A 533 -29.51 -4.16 30.68
CA TYR A 533 -30.48 -3.61 31.64
C TYR A 533 -30.31 -4.22 33.03
N PRO A 534 -30.35 -3.38 34.08
CA PRO A 534 -30.16 -3.93 35.42
C PRO A 534 -31.18 -4.98 35.77
N ARG A 535 -30.74 -6.23 35.91
CA ARG A 535 -31.63 -7.33 36.25
C ARG A 535 -31.95 -7.30 37.75
N LYS A 536 -31.05 -6.69 38.53
CA LYS A 536 -31.27 -6.32 39.92
C LYS A 536 -31.21 -4.80 40.11
N ILE A 537 -32.09 -4.24 40.94
CA ILE A 537 -31.97 -2.84 41.45
C ILE A 537 -32.17 -2.83 42.96
N GLU A 538 -31.23 -2.23 43.70
CA GLU A 538 -31.39 -2.03 45.13
C GLU A 538 -31.26 -0.56 45.48
N PHE A 539 -32.29 -0.01 46.14
CA PHE A 539 -32.29 1.40 46.52
C PHE A 539 -31.52 1.61 47.83
N VAL A 540 -30.83 2.75 47.90
CA VAL A 540 -30.05 3.14 49.09
C VAL A 540 -30.09 4.68 49.28
N LEU A 541 -29.72 5.17 50.47
CA LEU A 541 -29.74 6.60 50.75
C LEU A 541 -28.40 7.26 50.41
N ASN A 542 -27.34 6.49 50.58
CA ASN A 542 -25.98 6.92 50.23
C ASN A 542 -25.29 5.86 49.38
N LEU A 543 -24.23 6.28 48.70
CA LEU A 543 -23.37 5.38 47.95
C LEU A 543 -21.97 5.68 48.42
N PRO A 544 -21.20 4.62 48.76
CA PRO A 544 -19.84 4.88 49.20
C PRO A 544 -19.04 5.58 48.09
N LYS A 545 -18.23 6.55 48.46
CA LYS A 545 -17.37 7.17 47.48
C LYS A 545 -15.94 7.29 48.00
N THR A 546 -15.12 7.89 47.15
CA THR A 546 -13.78 8.31 47.51
C THR A 546 -13.93 9.62 48.28
N VAL A 547 -12.84 10.07 48.89
CA VAL A 547 -12.80 11.40 49.52
C VAL A 547 -12.57 12.50 48.47
N THR A 548 -12.49 12.08 47.21
CA THR A 548 -12.43 12.95 46.03
C THR A 548 -13.78 13.05 45.33
N GLY A 549 -14.72 12.21 45.75
CA GLY A 549 -16.05 12.16 45.16
C GLY A 549 -16.37 10.94 44.31
N LYS A 550 -15.36 10.29 43.72
CA LYS A 550 -15.64 9.17 42.80
C LYS A 550 -16.19 7.94 43.54
N ILE A 551 -17.18 7.32 42.92
CA ILE A 551 -17.92 6.24 43.52
C ILE A 551 -17.03 5.00 43.65
N GLN A 552 -17.26 4.22 44.72
CA GLN A 552 -16.47 3.04 45.04
C GLN A 552 -17.18 1.76 44.59
N ARG A 553 -17.05 1.44 43.31
CA ARG A 553 -17.66 0.22 42.79
C ARG A 553 -16.99 -1.05 43.32
N ALA A 554 -15.69 -1.01 43.53
CA ALA A 554 -14.96 -2.15 44.11
C ALA A 554 -15.60 -2.60 45.42
N LYS A 555 -15.79 -1.64 46.33
CA LYS A 555 -16.41 -1.87 47.63
C LYS A 555 -17.80 -2.49 47.53
N LEU A 556 -18.55 -2.11 46.51
CA LEU A 556 -19.92 -2.58 46.35
C LEU A 556 -19.96 -3.98 45.73
N ARG A 557 -18.99 -4.26 44.85
CA ARG A 557 -18.85 -5.57 44.23
C ARG A 557 -18.46 -6.65 45.23
N ASP A 558 -17.43 -6.39 46.02
CA ASP A 558 -17.00 -7.35 47.05
C ASP A 558 -18.07 -7.70 48.10
N LYS A 559 -18.79 -6.69 48.61
CA LYS A 559 -19.93 -6.96 49.48
C LYS A 559 -20.93 -7.82 48.71
N GLU A 560 -21.28 -7.45 47.47
CA GLU A 560 -22.25 -8.26 46.72
C GLU A 560 -21.78 -9.72 46.60
N TRP A 561 -20.52 -9.94 46.21
CA TRP A 561 -19.98 -11.28 45.98
C TRP A 561 -19.46 -11.91 47.27
N LYS A 562 -20.38 -12.08 48.23
CA LYS A 562 -20.02 -12.39 49.62
C LYS A 562 -18.92 -11.43 50.08
N HIS B 30 -4.83 -8.86 -60.03
CA HIS B 30 -5.43 -10.23 -60.04
C HIS B 30 -4.51 -11.19 -59.28
N GLN B 31 -4.92 -12.45 -59.15
CA GLN B 31 -4.14 -13.47 -58.43
C GLN B 31 -4.02 -14.80 -59.16
N GLU B 32 -2.97 -15.58 -58.82
CA GLU B 32 -2.69 -16.86 -59.52
C GLU B 32 -3.01 -18.06 -58.59
N VAL B 33 -4.25 -18.08 -58.12
CA VAL B 33 -4.72 -19.12 -57.22
C VAL B 33 -5.59 -20.13 -57.95
N PRO B 34 -5.85 -21.28 -57.29
CA PRO B 34 -6.97 -22.15 -57.68
C PRO B 34 -8.32 -21.48 -57.49
N ALA B 35 -9.34 -22.02 -58.16
CA ALA B 35 -10.70 -21.49 -58.06
C ALA B 35 -11.20 -21.54 -56.62
N LYS B 36 -10.98 -22.68 -55.98
CA LYS B 36 -11.57 -22.99 -54.69
C LYS B 36 -10.51 -23.44 -53.71
N PHE B 37 -10.76 -23.18 -52.44
CA PHE B 37 -9.86 -23.62 -51.38
C PHE B 37 -10.52 -23.49 -50.00
N ASN B 38 -10.18 -24.44 -49.13
CA ASN B 38 -10.73 -24.52 -47.78
C ASN B 38 -9.74 -25.26 -46.90
N PHE B 39 -9.23 -24.60 -45.88
CA PHE B 39 -8.25 -25.23 -45.01
C PHE B 39 -8.79 -26.51 -44.34
N ALA B 40 -10.08 -26.55 -44.05
CA ALA B 40 -10.65 -27.67 -43.31
C ALA B 40 -10.68 -28.92 -44.19
N SER B 41 -11.17 -28.77 -45.43
CA SER B 41 -11.29 -29.91 -46.32
C SER B 41 -9.98 -30.24 -47.02
N ASP B 42 -9.28 -29.22 -47.49
CA ASP B 42 -8.09 -29.42 -48.30
C ASP B 42 -6.82 -29.64 -47.48
N VAL B 43 -6.86 -29.40 -46.17
CA VAL B 43 -5.68 -29.69 -45.36
C VAL B 43 -6.00 -30.60 -44.18
N LEU B 44 -6.89 -30.15 -43.31
CA LEU B 44 -7.12 -30.85 -42.05
C LEU B 44 -7.69 -32.24 -42.29
N ASP B 45 -8.63 -32.33 -43.21
CA ASP B 45 -9.26 -33.60 -43.50
C ASP B 45 -8.29 -34.60 -44.15
N HIS B 46 -7.24 -34.11 -44.77
CA HIS B 46 -6.26 -34.99 -45.36
C HIS B 46 -5.64 -35.81 -44.24
N TRP B 47 -5.23 -35.13 -43.17
CA TRP B 47 -4.58 -35.79 -42.06
C TRP B 47 -5.53 -36.75 -41.35
N ALA B 48 -6.79 -36.37 -41.28
CA ALA B 48 -7.81 -37.25 -40.70
C ALA B 48 -8.02 -38.51 -41.56
N ASP B 49 -8.10 -38.34 -42.88
CA ASP B 49 -8.25 -39.47 -43.81
C ASP B 49 -7.06 -40.43 -43.80
N MET B 50 -5.88 -39.92 -43.50
CA MET B 50 -4.68 -40.73 -43.37
C MET B 50 -4.82 -41.73 -42.23
N GLU B 51 -5.41 -41.26 -41.12
CA GLU B 51 -5.65 -42.09 -39.94
C GLU B 51 -6.72 -43.13 -40.22
N LYS B 52 -7.85 -42.70 -40.79
CA LYS B 52 -8.97 -43.60 -41.15
C LYS B 52 -8.52 -44.70 -42.07
N ALA B 53 -7.72 -44.33 -43.07
CA ALA B 53 -7.18 -45.24 -44.05
C ALA B 53 -5.97 -46.05 -43.56
N GLY B 54 -5.54 -45.85 -42.33
CA GLY B 54 -4.40 -46.59 -41.79
C GLY B 54 -3.02 -46.13 -42.26
N LYS B 55 -2.95 -45.27 -43.26
CA LYS B 55 -1.68 -44.80 -43.76
C LYS B 55 -0.83 -44.00 -42.75
N ARG B 56 -1.41 -43.67 -41.59
CA ARG B 56 -0.64 -43.04 -40.53
C ARG B 56 -1.23 -43.44 -39.19
N PRO B 57 -0.40 -43.40 -38.13
CA PRO B 57 -0.99 -43.70 -36.83
C PRO B 57 -1.83 -42.54 -36.31
N PRO B 58 -2.74 -42.81 -35.36
CA PRO B 58 -3.45 -41.71 -34.75
C PRO B 58 -2.47 -40.74 -34.12
N SER B 59 -2.38 -39.54 -34.68
CA SER B 59 -1.35 -38.60 -34.26
C SER B 59 -1.98 -37.41 -33.55
N PRO B 60 -1.34 -36.89 -32.49
CA PRO B 60 -2.00 -35.79 -31.77
C PRO B 60 -2.07 -34.49 -32.56
N ALA B 61 -3.25 -33.89 -32.62
CA ALA B 61 -3.50 -32.66 -33.36
C ALA B 61 -3.65 -31.46 -32.41
N LEU B 62 -4.39 -31.64 -31.32
CA LEU B 62 -4.57 -30.58 -30.31
C LEU B 62 -4.38 -31.18 -28.92
N TRP B 63 -3.48 -30.56 -28.15
CA TRP B 63 -3.23 -30.93 -26.77
C TRP B 63 -3.48 -29.68 -25.88
N TRP B 64 -4.56 -29.70 -25.11
CA TRP B 64 -4.93 -28.60 -24.24
C TRP B 64 -4.66 -28.95 -22.76
N VAL B 65 -4.21 -27.96 -21.99
CA VAL B 65 -4.08 -28.06 -20.51
C VAL B 65 -4.43 -26.74 -19.84
N ASN B 66 -4.94 -26.80 -18.62
CA ASN B 66 -5.38 -25.58 -17.90
C ASN B 66 -4.44 -25.19 -16.76
N GLY B 67 -3.48 -26.06 -16.45
CA GLY B 67 -2.51 -25.82 -15.39
C GLY B 67 -3.02 -26.23 -14.01
N LYS B 68 -4.24 -26.75 -13.95
CA LYS B 68 -4.82 -27.19 -12.68
C LYS B 68 -5.06 -28.68 -12.65
N GLY B 69 -4.34 -29.42 -13.49
CA GLY B 69 -4.47 -30.90 -13.51
C GLY B 69 -5.37 -31.47 -14.59
N LYS B 70 -6.05 -30.58 -15.31
CA LYS B 70 -6.95 -30.98 -16.39
C LYS B 70 -6.24 -30.88 -17.72
N GLU B 71 -6.37 -31.96 -18.49
CA GLU B 71 -5.81 -32.07 -19.87
C GLU B 71 -6.73 -32.81 -20.87
N LEU B 72 -6.70 -32.35 -22.11
CA LEU B 72 -7.55 -32.87 -23.18
C LEU B 72 -6.69 -33.06 -24.44
N MET B 73 -7.06 -34.02 -25.28
CA MET B 73 -6.28 -34.26 -26.50
C MET B 73 -7.10 -34.90 -27.61
N TRP B 74 -6.87 -34.39 -28.82
CA TRP B 74 -7.55 -34.83 -30.01
C TRP B 74 -6.54 -35.33 -31.04
N ASN B 75 -6.73 -36.53 -31.56
CA ASN B 75 -5.99 -36.89 -32.76
C ASN B 75 -6.64 -36.19 -33.97
N PHE B 76 -6.09 -36.37 -35.17
CA PHE B 76 -6.63 -35.62 -36.31
C PHE B 76 -8.02 -36.06 -36.72
N ARG B 77 -8.27 -37.35 -36.58
CA ARG B 77 -9.59 -37.86 -36.86
C ARG B 77 -10.60 -37.25 -35.90
N GLU B 78 -10.33 -37.33 -34.61
CA GLU B 78 -11.22 -36.77 -33.59
C GLU B 78 -11.43 -35.26 -33.84
N LEU B 79 -10.36 -34.54 -34.15
CA LEU B 79 -10.47 -33.11 -34.44
C LEU B 79 -11.39 -32.83 -35.61
N SER B 80 -11.29 -33.65 -36.65
CA SER B 80 -12.19 -33.53 -37.80
C SER B 80 -13.64 -33.76 -37.36
N GLU B 81 -13.89 -34.91 -36.76
CA GLU B 81 -15.24 -35.30 -36.34
C GLU B 81 -15.88 -34.22 -35.43
N ASN B 82 -15.13 -33.77 -34.44
CA ASN B 82 -15.64 -32.83 -33.47
C ASN B 82 -15.87 -31.47 -34.11
N SER B 83 -15.00 -31.11 -35.04
CA SER B 83 -15.14 -29.83 -35.73
C SER B 83 -16.33 -29.82 -36.69
N GLN B 84 -16.69 -30.99 -37.19
CA GLN B 84 -17.86 -31.09 -38.04
C GLN B 84 -19.09 -30.89 -37.16
N GLN B 85 -19.14 -31.59 -36.03
CA GLN B 85 -20.19 -31.33 -35.08
C GLN B 85 -20.35 -29.84 -34.87
N ALA B 86 -19.22 -29.13 -34.74
CA ALA B 86 -19.22 -27.68 -34.53
C ALA B 86 -19.91 -26.97 -35.69
N ALA B 87 -19.56 -27.36 -36.91
CA ALA B 87 -20.13 -26.75 -38.09
C ALA B 87 -21.64 -27.06 -38.18
N ASN B 88 -22.02 -28.27 -37.76
CA ASN B 88 -23.43 -28.62 -37.67
C ASN B 88 -24.18 -27.76 -36.63
N VAL B 89 -23.56 -27.54 -35.48
CA VAL B 89 -24.14 -26.67 -34.48
C VAL B 89 -24.38 -25.24 -35.06
N LEU B 90 -23.43 -24.76 -35.85
CA LEU B 90 -23.49 -23.39 -36.36
C LEU B 90 -24.48 -23.22 -37.51
N SER B 91 -24.43 -24.15 -38.46
CA SER B 91 -25.24 -24.06 -39.66
C SER B 91 -26.50 -24.89 -39.56
N GLY B 92 -26.50 -25.88 -38.66
CA GLY B 92 -27.72 -26.63 -38.37
C GLY B 92 -28.55 -26.02 -37.27
N ALA B 93 -28.19 -26.31 -36.02
CA ALA B 93 -28.93 -25.85 -34.84
C ALA B 93 -29.16 -24.34 -34.81
N CYS B 94 -28.14 -23.57 -35.20
CA CYS B 94 -28.27 -22.10 -35.24
C CYS B 94 -28.63 -21.53 -36.61
N GLY B 95 -28.59 -22.38 -37.65
CA GLY B 95 -29.04 -21.98 -38.97
C GLY B 95 -28.26 -20.82 -39.58
N LEU B 96 -27.02 -20.64 -39.17
CA LEU B 96 -26.20 -19.60 -39.77
C LEU B 96 -25.87 -19.99 -41.20
N GLN B 97 -25.89 -19.00 -42.09
CA GLN B 97 -25.74 -19.20 -43.51
C GLN B 97 -24.36 -18.76 -44.01
N ARG B 98 -23.96 -19.32 -45.14
CA ARG B 98 -22.73 -18.93 -45.80
C ARG B 98 -22.67 -17.43 -45.94
N GLY B 99 -21.53 -16.85 -45.59
CA GLY B 99 -21.37 -15.42 -45.62
C GLY B 99 -21.68 -14.72 -44.30
N ASP B 100 -22.43 -15.37 -43.41
CA ASP B 100 -22.80 -14.77 -42.14
C ASP B 100 -21.55 -14.56 -41.30
N ARG B 101 -21.53 -13.45 -40.58
CA ARG B 101 -20.38 -13.05 -39.80
C ARG B 101 -20.52 -13.46 -38.35
N VAL B 102 -19.54 -14.19 -37.84
CA VAL B 102 -19.61 -14.74 -36.50
C VAL B 102 -18.52 -14.20 -35.59
N ALA B 103 -18.91 -13.36 -34.61
CA ALA B 103 -17.98 -12.86 -33.61
C ALA B 103 -17.56 -13.99 -32.65
N VAL B 104 -16.27 -14.12 -32.40
CA VAL B 104 -15.75 -15.15 -31.49
C VAL B 104 -14.89 -14.51 -30.40
N VAL B 105 -15.33 -14.68 -29.16
CA VAL B 105 -14.68 -14.04 -28.01
C VAL B 105 -14.54 -15.07 -26.90
N LEU B 106 -13.45 -15.83 -26.95
CA LEU B 106 -13.21 -16.97 -26.06
C LEU B 106 -11.80 -16.94 -25.47
N PRO B 107 -11.65 -17.54 -24.29
CA PRO B 107 -10.34 -17.72 -23.74
C PRO B 107 -9.65 -18.91 -24.38
N ARG B 108 -8.44 -19.19 -23.92
CA ARG B 108 -7.67 -20.28 -24.49
C ARG B 108 -8.26 -21.60 -24.05
N VAL B 109 -9.33 -21.99 -24.73
CA VAL B 109 -9.99 -23.27 -24.52
C VAL B 109 -10.16 -23.95 -25.87
N PRO B 110 -10.27 -25.28 -25.87
CA PRO B 110 -10.31 -25.99 -27.13
C PRO B 110 -11.45 -25.58 -28.06
N GLU B 111 -12.56 -25.12 -27.49
CA GLU B 111 -13.75 -24.76 -28.27
C GLU B 111 -13.47 -23.65 -29.28
N TRP B 112 -12.47 -22.83 -29.01
CA TRP B 112 -12.12 -21.77 -29.92
C TRP B 112 -11.64 -22.37 -31.23
N TRP B 113 -10.75 -23.34 -31.14
CA TRP B 113 -10.22 -23.99 -32.31
C TRP B 113 -11.34 -24.76 -33.01
N LEU B 114 -12.24 -25.34 -32.23
CA LEU B 114 -13.39 -26.02 -32.78
C LEU B 114 -14.31 -25.05 -33.54
N VAL B 115 -14.65 -23.90 -32.94
CA VAL B 115 -15.59 -22.93 -33.55
C VAL B 115 -15.01 -22.38 -34.84
N ILE B 116 -13.72 -22.05 -34.82
CA ILE B 116 -13.06 -21.49 -36.00
C ILE B 116 -13.07 -22.53 -37.14
N LEU B 117 -12.70 -23.78 -36.84
CA LEU B 117 -12.80 -24.85 -37.84
C LEU B 117 -14.23 -25.02 -38.34
N GLY B 118 -15.20 -24.86 -37.44
CA GLY B 118 -16.62 -24.95 -37.79
C GLY B 118 -17.04 -23.91 -38.79
N CYS B 119 -16.56 -22.69 -38.58
CA CYS B 119 -16.88 -21.57 -39.46
C CYS B 119 -16.31 -21.80 -40.85
N ILE B 120 -15.07 -22.27 -40.89
CA ILE B 120 -14.39 -22.51 -42.15
C ILE B 120 -15.13 -23.59 -42.93
N ARG B 121 -15.67 -24.57 -42.21
CA ARG B 121 -16.43 -25.64 -42.83
C ARG B 121 -17.78 -25.17 -43.35
N ALA B 122 -18.46 -24.32 -42.58
CA ALA B 122 -19.80 -23.85 -42.93
C ALA B 122 -19.79 -22.62 -43.81
N GLY B 123 -18.62 -22.13 -44.19
CA GLY B 123 -18.55 -20.92 -44.99
C GLY B 123 -18.95 -19.65 -44.21
N LEU B 124 -18.71 -19.65 -42.91
CA LEU B 124 -19.08 -18.54 -42.08
C LEU B 124 -17.87 -17.67 -41.84
N ILE B 125 -18.05 -16.35 -41.83
CA ILE B 125 -16.93 -15.42 -41.64
C ILE B 125 -16.65 -15.25 -40.15
N PHE B 126 -15.48 -15.70 -39.69
CA PHE B 126 -15.14 -15.59 -38.27
C PHE B 126 -14.40 -14.30 -37.92
N MET B 127 -14.73 -13.76 -36.76
CA MET B 127 -14.26 -12.47 -36.37
C MET B 127 -13.80 -12.55 -34.93
N PRO B 128 -12.55 -12.97 -34.71
CA PRO B 128 -12.05 -13.06 -33.34
C PRO B 128 -11.76 -11.71 -32.66
N GLY B 129 -11.91 -11.72 -31.34
CA GLY B 129 -11.63 -10.58 -30.48
C GLY B 129 -11.22 -11.11 -29.12
N THR B 130 -10.49 -10.28 -28.37
CA THR B 130 -10.00 -10.66 -27.06
C THR B 130 -11.09 -10.67 -25.97
N ILE B 131 -11.00 -11.63 -25.05
CA ILE B 131 -11.87 -11.70 -23.89
C ILE B 131 -11.73 -10.52 -22.91
N GLN B 132 -10.66 -9.74 -23.08
CA GLN B 132 -10.46 -8.50 -22.31
C GLN B 132 -11.46 -7.40 -22.66
N MET B 133 -12.17 -7.56 -23.78
CA MET B 133 -13.08 -6.54 -24.28
C MET B 133 -14.16 -6.16 -23.29
N LYS B 134 -14.43 -4.86 -23.21
CA LYS B 134 -15.51 -4.33 -22.40
C LYS B 134 -16.72 -4.15 -23.30
N SER B 135 -17.82 -3.67 -22.75
CA SER B 135 -19.08 -3.64 -23.46
C SER B 135 -19.05 -2.71 -24.64
N THR B 136 -18.54 -1.49 -24.45
CA THR B 136 -18.48 -0.54 -25.56
C THR B 136 -17.67 -1.12 -26.69
N ASP B 137 -16.61 -1.87 -26.38
CA ASP B 137 -15.79 -2.45 -27.44
C ASP B 137 -16.65 -3.39 -28.25
N ILE B 138 -17.49 -4.15 -27.57
CA ILE B 138 -18.30 -5.16 -28.19
C ILE B 138 -19.40 -4.57 -29.05
N LEU B 139 -19.97 -3.45 -28.58
CA LEU B 139 -21.00 -2.74 -29.32
C LEU B 139 -20.41 -2.29 -30.64
N TYR B 140 -19.32 -1.55 -30.57
CA TYR B 140 -18.66 -1.04 -31.76
C TYR B 140 -18.53 -2.17 -32.75
N ARG B 141 -17.94 -3.29 -32.33
CA ARG B 141 -17.61 -4.40 -33.23
C ARG B 141 -18.84 -5.07 -33.85
N LEU B 142 -19.80 -5.44 -33.03
CA LEU B 142 -21.04 -6.04 -33.52
C LEU B 142 -21.84 -5.12 -34.45
N GLN B 143 -21.88 -3.84 -34.16
CA GLN B 143 -22.65 -2.90 -34.96
C GLN B 143 -22.00 -2.58 -36.31
N MET B 144 -20.69 -2.34 -36.28
CA MET B 144 -19.93 -2.10 -37.49
CA MET B 144 -19.92 -2.10 -37.50
C MET B 144 -19.96 -3.32 -38.43
N SER B 145 -19.84 -4.52 -37.86
CA SER B 145 -19.80 -5.76 -38.66
C SER B 145 -21.18 -6.30 -39.06
N LYS B 146 -22.22 -5.85 -38.35
CA LYS B 146 -23.56 -6.42 -38.49
C LYS B 146 -23.47 -7.95 -38.33
N ALA B 147 -22.81 -8.36 -37.26
CA ALA B 147 -22.64 -9.76 -36.91
C ALA B 147 -23.96 -10.42 -36.71
N LYS B 148 -24.17 -11.59 -37.35
CA LYS B 148 -25.38 -12.36 -37.16
C LYS B 148 -25.33 -13.27 -35.94
N ALA B 149 -24.12 -13.51 -35.42
CA ALA B 149 -23.96 -14.35 -34.26
C ALA B 149 -22.73 -13.93 -33.42
N ILE B 150 -22.70 -14.41 -32.17
CA ILE B 150 -21.54 -14.29 -31.29
C ILE B 150 -21.37 -15.56 -30.44
N VAL B 151 -20.15 -16.09 -30.43
CA VAL B 151 -19.76 -17.20 -29.55
C VAL B 151 -18.89 -16.65 -28.44
N ALA B 152 -19.32 -16.79 -27.20
CA ALA B 152 -18.64 -16.15 -26.11
C ALA B 152 -18.54 -17.04 -24.92
N GLY B 153 -17.67 -16.64 -23.99
CA GLY B 153 -17.48 -17.33 -22.72
C GLY B 153 -17.94 -16.53 -21.51
N ASP B 154 -17.84 -17.17 -20.34
CA ASP B 154 -18.23 -16.58 -19.06
C ASP B 154 -17.65 -15.18 -18.86
N GLU B 155 -16.40 -14.99 -19.29
CA GLU B 155 -15.67 -13.75 -19.04
CA GLU B 155 -15.71 -13.73 -18.97
C GLU B 155 -16.42 -12.53 -19.56
N VAL B 156 -17.06 -12.66 -20.72
CA VAL B 156 -17.74 -11.51 -21.38
C VAL B 156 -19.28 -11.55 -21.51
N ILE B 157 -19.96 -12.58 -20.99
CA ILE B 157 -21.41 -12.68 -21.13
C ILE B 157 -22.12 -11.41 -20.73
N GLN B 158 -21.79 -10.89 -19.55
CA GLN B 158 -22.52 -9.76 -18.96
C GLN B 158 -22.27 -8.52 -19.84
N GLU B 159 -21.03 -8.42 -20.32
CA GLU B 159 -20.61 -7.33 -21.21
C GLU B 159 -21.45 -7.31 -22.48
N VAL B 160 -21.64 -8.48 -23.08
CA VAL B 160 -22.44 -8.63 -24.29
C VAL B 160 -23.89 -8.25 -24.03
N ASP B 161 -24.44 -8.83 -22.98
CA ASP B 161 -25.83 -8.63 -22.60
C ASP B 161 -26.18 -7.15 -22.26
N THR B 162 -25.18 -6.38 -21.84
CA THR B 162 -25.39 -4.96 -21.60
C THR B 162 -25.80 -4.25 -22.87
N VAL B 163 -25.23 -4.67 -24.01
CA VAL B 163 -25.37 -3.93 -25.27
C VAL B 163 -26.06 -4.72 -26.42
N ALA B 164 -26.40 -6.00 -26.17
CA ALA B 164 -26.92 -6.89 -27.22
C ALA B 164 -28.18 -6.38 -27.89
N SER B 165 -29.03 -5.71 -27.10
CA SER B 165 -30.33 -5.28 -27.61
C SER B 165 -30.20 -4.17 -28.66
N GLU B 166 -29.10 -3.42 -28.60
CA GLU B 166 -28.82 -2.36 -29.58
C GLU B 166 -28.20 -2.87 -30.88
N CYS B 167 -28.15 -4.20 -31.06
CA CYS B 167 -27.54 -4.82 -32.24
C CYS B 167 -28.58 -5.61 -33.03
N PRO B 168 -29.33 -4.92 -33.89
CA PRO B 168 -30.42 -5.51 -34.65
C PRO B 168 -30.07 -6.74 -35.50
N SER B 169 -28.86 -6.81 -36.06
CA SER B 169 -28.48 -7.96 -36.87
C SER B 169 -28.14 -9.20 -36.06
N LEU B 170 -27.87 -9.02 -34.77
CA LEU B 170 -27.44 -10.14 -33.93
C LEU B 170 -28.64 -11.01 -33.73
N ARG B 171 -28.54 -12.26 -34.18
CA ARG B 171 -29.63 -13.24 -34.12
C ARG B 171 -29.31 -14.47 -33.27
N ILE B 172 -28.03 -14.77 -33.07
CA ILE B 172 -27.62 -15.99 -32.38
C ILE B 172 -26.57 -15.66 -31.31
N LYS B 173 -26.79 -16.17 -30.08
CA LYS B 173 -25.83 -16.05 -28.99
C LYS B 173 -25.50 -17.44 -28.45
N LEU B 174 -24.29 -17.92 -28.74
CA LEU B 174 -23.81 -19.20 -28.24
C LEU B 174 -22.88 -19.01 -27.04
N LEU B 175 -23.14 -19.73 -25.95
CA LEU B 175 -22.28 -19.65 -24.79
C LEU B 175 -21.46 -20.93 -24.63
N VAL B 176 -20.16 -20.79 -24.39
CA VAL B 176 -19.29 -21.93 -24.06
C VAL B 176 -18.96 -21.82 -22.58
N SER B 177 -19.51 -22.73 -21.77
CA SER B 177 -19.46 -22.60 -20.33
C SER B 177 -20.00 -23.85 -19.67
N GLU B 178 -19.51 -24.15 -18.47
CA GLU B 178 -20.06 -25.24 -17.63
C GLU B 178 -21.47 -24.93 -17.13
N LYS B 179 -21.76 -23.64 -17.02
CA LYS B 179 -23.08 -23.15 -16.65
C LYS B 179 -23.94 -22.87 -17.90
N SER B 180 -25.25 -23.03 -17.75
CA SER B 180 -26.26 -22.58 -18.73
C SER B 180 -26.73 -21.16 -18.39
N CYS B 181 -27.31 -20.47 -19.34
CA CYS B 181 -27.71 -19.09 -19.12
C CYS B 181 -28.89 -18.68 -19.96
N ASP B 182 -29.75 -17.81 -19.43
CA ASP B 182 -31.08 -17.54 -20.01
C ASP B 182 -30.99 -16.55 -21.15
N GLY B 183 -30.93 -17.04 -22.39
CA GLY B 183 -30.88 -16.16 -23.57
C GLY B 183 -29.81 -16.64 -24.52
N TRP B 184 -28.94 -17.48 -23.99
CA TRP B 184 -27.80 -18.00 -24.69
C TRP B 184 -27.99 -19.48 -24.93
N LEU B 185 -27.69 -19.93 -26.14
CA LEU B 185 -27.71 -21.34 -26.48
C LEU B 185 -26.45 -22.03 -25.93
N ASN B 186 -26.61 -23.25 -25.43
CA ASN B 186 -25.51 -23.97 -24.75
C ASN B 186 -24.66 -24.73 -25.76
N PHE B 187 -23.48 -24.19 -26.04
CA PHE B 187 -22.68 -24.69 -27.14
C PHE B 187 -22.22 -26.13 -26.90
N LYS B 188 -21.70 -26.38 -25.72
CA LYS B 188 -21.22 -27.72 -25.38
C LYS B 188 -22.35 -28.74 -25.52
N LYS B 189 -23.52 -28.43 -24.98
CA LYS B 189 -24.66 -29.37 -25.06
C LYS B 189 -25.00 -29.68 -26.53
N LEU B 190 -25.15 -28.63 -27.33
CA LEU B 190 -25.49 -28.77 -28.74
C LEU B 190 -24.43 -29.55 -29.54
N LEU B 191 -23.15 -29.33 -29.23
CA LEU B 191 -22.06 -30.00 -29.92
C LEU B 191 -22.16 -31.51 -29.74
N ASN B 192 -22.45 -31.94 -28.51
CA ASN B 192 -22.59 -33.36 -28.24
C ASN B 192 -23.73 -33.99 -29.01
N GLU B 193 -24.78 -33.21 -29.25
CA GLU B 193 -25.94 -33.72 -29.97
C GLU B 193 -25.74 -33.66 -31.47
N ALA B 194 -24.81 -32.83 -31.95
CA ALA B 194 -24.58 -32.64 -33.39
C ALA B 194 -24.00 -33.88 -34.06
N SER B 195 -24.21 -34.00 -35.36
CA SER B 195 -23.71 -35.15 -36.11
C SER B 195 -22.24 -34.97 -36.42
N THR B 196 -21.48 -36.06 -36.45
CA THR B 196 -20.03 -35.98 -36.74
C THR B 196 -19.73 -35.96 -38.23
N THR B 197 -20.78 -35.98 -39.07
CA THR B 197 -20.64 -35.67 -40.52
C THR B 197 -21.18 -34.30 -40.90
N HIS B 198 -20.35 -33.53 -41.58
CA HIS B 198 -20.75 -32.26 -42.13
C HIS B 198 -20.09 -32.14 -43.48
N HIS B 199 -20.87 -31.76 -44.48
CA HIS B 199 -20.33 -31.61 -45.83
C HIS B 199 -19.74 -30.22 -46.01
N CYS B 200 -18.43 -30.18 -46.13
CA CYS B 200 -17.71 -28.94 -46.25
C CYS B 200 -18.15 -28.08 -47.44
N VAL B 201 -18.42 -26.80 -47.19
CA VAL B 201 -18.84 -25.88 -48.24
C VAL B 201 -17.69 -25.71 -49.23
N GLU B 202 -17.99 -25.79 -50.52
CA GLU B 202 -16.98 -25.58 -51.54
C GLU B 202 -16.67 -24.09 -51.66
N THR B 203 -15.89 -23.59 -50.70
CA THR B 203 -15.60 -22.18 -50.60
C THR B 203 -14.58 -21.76 -51.63
N GLY B 204 -14.74 -20.54 -52.13
CA GLY B 204 -13.85 -19.95 -53.13
C GLY B 204 -12.60 -19.37 -52.52
N SER B 205 -11.53 -19.32 -53.31
CA SER B 205 -10.20 -18.86 -52.87
C SER B 205 -10.21 -17.44 -52.37
N GLN B 206 -11.02 -16.61 -53.01
CA GLN B 206 -11.06 -15.18 -52.76
C GLN B 206 -12.22 -14.82 -51.84
N GLU B 207 -13.01 -15.81 -51.47
CA GLU B 207 -14.21 -15.61 -50.69
C GLU B 207 -13.86 -15.24 -49.23
N ALA B 208 -14.57 -14.29 -48.65
CA ALA B 208 -14.31 -13.88 -47.27
C ALA B 208 -14.35 -15.07 -46.32
N SER B 209 -13.28 -15.23 -45.54
CA SER B 209 -13.21 -16.22 -44.48
C SER B 209 -13.19 -15.63 -43.06
N ALA B 210 -12.52 -14.51 -42.89
CA ALA B 210 -12.41 -13.89 -41.58
C ALA B 210 -12.32 -12.36 -41.62
N ILE B 211 -12.77 -11.70 -40.57
CA ILE B 211 -12.57 -10.25 -40.39
C ILE B 211 -11.89 -10.00 -39.06
N TYR B 212 -10.74 -9.36 -39.10
CA TYR B 212 -10.03 -9.00 -37.91
C TYR B 212 -10.07 -7.49 -37.73
N PHE B 213 -10.57 -7.04 -36.59
CA PHE B 213 -10.57 -5.63 -36.29
C PHE B 213 -9.17 -5.15 -35.94
N THR B 214 -8.70 -4.14 -36.63
CA THR B 214 -7.33 -3.70 -36.41
C THR B 214 -7.20 -2.18 -36.27
N SER B 215 -6.45 -1.75 -35.25
CA SER B 215 -6.33 -0.32 -34.87
C SER B 215 -5.65 0.55 -35.93
N GLY B 216 -6.11 1.80 -36.04
CA GLY B 216 -5.53 2.76 -36.98
C GLY B 216 -4.77 3.91 -36.29
N THR B 217 -4.00 4.65 -37.10
CA THR B 217 -3.21 5.82 -36.65
C THR B 217 -4.06 6.94 -36.01
N SER B 218 -5.31 7.02 -36.41
CA SER B 218 -6.34 7.75 -35.68
C SER B 218 -7.68 7.02 -35.88
N GLY B 219 -8.72 7.51 -35.21
CA GLY B 219 -10.02 6.88 -35.27
C GLY B 219 -10.09 5.52 -34.62
N LEU B 220 -11.18 4.83 -34.88
CA LEU B 220 -11.45 3.52 -34.28
C LEU B 220 -11.13 2.35 -35.23
N PRO B 221 -10.97 1.13 -34.70
CA PRO B 221 -10.51 -0.01 -35.51
C PRO B 221 -11.28 -0.22 -36.79
N LYS B 222 -10.55 -0.56 -37.85
CA LYS B 222 -11.12 -0.96 -39.14
C LYS B 222 -11.18 -2.49 -39.25
N MET B 223 -11.96 -2.98 -40.20
CA MET B 223 -12.20 -4.41 -40.38
C MET B 223 -11.33 -4.98 -41.50
N ALA B 224 -10.27 -5.71 -41.18
CA ALA B 224 -9.40 -6.32 -42.20
C ALA B 224 -9.98 -7.65 -42.62
N GLU B 225 -10.40 -7.76 -43.87
CA GLU B 225 -10.98 -8.98 -44.39
C GLU B 225 -9.91 -9.87 -45.01
N HIS B 226 -9.93 -11.15 -44.67
CA HIS B 226 -9.05 -12.16 -45.26
C HIS B 226 -9.88 -13.24 -45.97
N SER B 227 -9.30 -13.81 -47.03
CA SER B 227 -9.96 -14.86 -47.81
C SER B 227 -9.53 -16.26 -47.36
N TYR B 228 -10.17 -17.27 -47.93
CA TYR B 228 -9.83 -18.66 -47.62
C TYR B 228 -8.41 -19.04 -48.05
N SER B 229 -7.88 -18.32 -49.04
CA SER B 229 -6.53 -18.59 -49.52
C SER B 229 -5.52 -17.68 -48.84
N SER B 230 -5.92 -16.46 -48.48
CA SER B 230 -5.00 -15.50 -47.83
C SER B 230 -4.55 -15.96 -46.45
N LEU B 231 -5.35 -16.77 -45.80
CA LEU B 231 -4.94 -17.44 -44.58
C LEU B 231 -4.48 -18.88 -44.86
N GLY B 232 -5.39 -19.74 -45.33
CA GLY B 232 -5.14 -21.19 -45.44
C GLY B 232 -4.09 -21.58 -46.48
N LEU B 233 -4.18 -21.02 -47.67
CA LEU B 233 -3.31 -21.45 -48.74
C LEU B 233 -1.92 -20.92 -48.48
N LYS B 234 -1.87 -19.68 -48.01
CA LYS B 234 -0.64 -19.05 -47.55
C LYS B 234 0.04 -19.90 -46.48
N ALA B 235 -0.71 -20.31 -45.47
CA ALA B 235 -0.15 -21.11 -44.38
C ALA B 235 0.37 -22.44 -44.91
N LYS B 236 -0.35 -23.03 -45.86
CA LYS B 236 0.07 -24.31 -46.46
C LYS B 236 1.38 -24.15 -47.24
N MET B 237 1.52 -23.04 -47.95
CA MET B 237 2.79 -22.75 -48.64
C MET B 237 3.95 -22.43 -47.68
N ASP B 238 3.67 -21.77 -46.56
CA ASP B 238 4.70 -21.43 -45.57
C ASP B 238 5.00 -22.60 -44.64
N ALA B 239 4.24 -23.69 -44.80
CA ALA B 239 4.25 -24.77 -43.82
C ALA B 239 5.67 -25.16 -43.52
N GLY B 240 6.05 -25.04 -42.26
CA GLY B 240 7.39 -25.43 -41.82
C GLY B 240 8.30 -24.26 -41.53
N TRP B 241 7.85 -23.04 -41.82
CA TRP B 241 8.72 -21.89 -41.65
C TRP B 241 9.26 -21.71 -40.24
N THR B 242 8.49 -22.19 -39.27
CA THR B 242 8.88 -22.09 -37.85
C THR B 242 9.92 -23.12 -37.43
N GLY B 243 10.27 -24.04 -38.33
CA GLY B 243 11.19 -25.15 -38.00
C GLY B 243 10.44 -26.41 -37.63
N LEU B 244 9.15 -26.26 -37.33
CA LEU B 244 8.31 -27.37 -36.92
C LEU B 244 8.24 -28.47 -37.96
N GLN B 245 7.89 -29.69 -37.52
CA GLN B 245 7.85 -30.89 -38.37
C GLN B 245 6.70 -31.82 -38.01
N ALA B 246 6.42 -32.79 -38.88
CA ALA B 246 5.20 -33.57 -38.81
C ALA B 246 4.91 -34.18 -37.44
N SER B 247 5.93 -34.67 -36.75
CA SER B 247 5.71 -35.37 -35.48
C SER B 247 6.12 -34.54 -34.25
N ASP B 248 6.07 -33.23 -34.37
CA ASP B 248 6.48 -32.35 -33.30
C ASP B 248 5.30 -31.69 -32.66
N ILE B 249 5.58 -31.00 -31.56
CA ILE B 249 4.58 -30.23 -30.83
C ILE B 249 4.94 -28.75 -30.84
N MET B 250 4.02 -27.90 -31.28
CA MET B 250 4.23 -26.46 -31.17
C MET B 250 3.35 -25.78 -30.13
N TRP B 251 3.94 -24.88 -29.37
CA TRP B 251 3.20 -24.08 -28.43
C TRP B 251 3.29 -22.61 -28.81
N THR B 252 2.30 -22.14 -29.55
CA THR B 252 2.13 -20.70 -29.76
C THR B 252 1.45 -20.11 -28.54
N ILE B 253 2.02 -19.04 -28.00
CA ILE B 253 1.45 -18.34 -26.85
C ILE B 253 0.84 -17.04 -27.36
N SER B 254 -0.48 -17.00 -27.42
CA SER B 254 -1.18 -15.92 -28.09
C SER B 254 -2.57 -15.69 -27.53
N ASP B 255 -2.95 -14.42 -27.39
CA ASP B 255 -4.37 -14.01 -27.23
C ASP B 255 -5.13 -14.58 -28.42
N THR B 256 -6.25 -15.22 -28.14
CA THR B 256 -7.02 -15.87 -29.20
C THR B 256 -7.53 -14.88 -30.22
N GLY B 257 -7.65 -13.60 -29.84
CA GLY B 257 -8.06 -12.54 -30.77
C GLY B 257 -7.00 -12.03 -31.74
N TRP B 258 -5.79 -12.53 -31.61
CA TRP B 258 -4.70 -12.17 -32.53
C TRP B 258 -4.74 -13.06 -33.72
N ILE B 259 -4.37 -12.49 -34.86
CA ILE B 259 -4.20 -13.26 -36.08
C ILE B 259 -3.07 -14.31 -35.90
N LEU B 260 -2.15 -14.03 -35.00
CA LEU B 260 -1.08 -14.98 -34.68
C LEU B 260 -1.64 -16.32 -34.32
N ASN B 261 -2.80 -16.32 -33.66
CA ASN B 261 -3.44 -17.55 -33.21
C ASN B 261 -3.95 -18.41 -34.35
N ILE B 262 -4.43 -17.77 -35.42
CA ILE B 262 -4.92 -18.51 -36.57
C ILE B 262 -3.78 -19.03 -37.43
N LEU B 263 -2.73 -18.23 -37.61
CA LEU B 263 -1.62 -18.57 -38.52
C LEU B 263 -0.55 -19.50 -37.89
N CYS B 264 -0.30 -19.38 -36.59
CA CYS B 264 0.70 -20.20 -35.88
C CYS B 264 0.10 -21.26 -35.02
N SER B 265 -0.87 -20.89 -34.19
CA SER B 265 -1.41 -21.87 -33.27
C SER B 265 -2.26 -22.89 -33.96
N LEU B 266 -2.85 -22.53 -35.10
CA LEU B 266 -3.77 -23.41 -35.79
C LEU B 266 -3.23 -23.91 -37.13
N MET B 267 -2.98 -23.02 -38.08
CA MET B 267 -2.72 -23.45 -39.44
C MET B 267 -1.32 -24.04 -39.70
N GLU B 268 -0.30 -23.45 -39.11
CA GLU B 268 1.07 -23.93 -39.30
C GLU B 268 1.27 -25.41 -38.92
N PRO B 269 0.99 -25.78 -37.66
CA PRO B 269 1.13 -27.18 -37.27
C PRO B 269 0.26 -28.13 -38.08
N TRP B 270 -0.99 -27.76 -38.30
CA TRP B 270 -1.96 -28.61 -38.97
C TRP B 270 -1.73 -28.72 -40.47
N ALA B 271 -1.02 -27.77 -41.08
CA ALA B 271 -0.52 -27.95 -42.44
C ALA B 271 0.48 -29.11 -42.49
N LEU B 272 1.28 -29.23 -41.42
CA LEU B 272 2.34 -30.23 -41.34
C LEU B 272 1.87 -31.55 -40.75
N GLY B 273 0.68 -31.57 -40.17
CA GLY B 273 0.23 -32.75 -39.43
C GLY B 273 0.83 -32.81 -38.04
N ALA B 274 1.38 -31.67 -37.60
CA ALA B 274 2.01 -31.56 -36.28
C ALA B 274 0.97 -31.28 -35.24
N CYS B 275 1.35 -31.42 -33.99
CA CYS B 275 0.46 -31.14 -32.87
C CYS B 275 0.61 -29.69 -32.44
N THR B 276 -0.51 -29.08 -32.07
CA THR B 276 -0.49 -27.75 -31.46
C THR B 276 -0.78 -27.86 -29.96
N PHE B 277 0.03 -27.19 -29.14
CA PHE B 277 -0.16 -27.17 -27.69
C PHE B 277 -0.87 -25.88 -27.24
N VAL B 278 -1.86 -26.01 -26.37
CA VAL B 278 -2.53 -24.84 -25.80
C VAL B 278 -2.60 -24.90 -24.27
N HIS B 279 -2.17 -23.81 -23.62
CA HIS B 279 -2.31 -23.68 -22.17
C HIS B 279 -3.26 -22.55 -21.88
N LEU B 280 -4.23 -22.80 -21.00
CA LEU B 280 -5.22 -21.79 -20.63
C LEU B 280 -4.55 -20.52 -20.17
N LEU B 281 -3.50 -20.67 -19.37
CA LEU B 281 -2.70 -19.54 -18.90
C LEU B 281 -3.58 -18.40 -18.39
N PRO B 282 -4.43 -18.71 -17.42
CA PRO B 282 -5.39 -17.69 -17.05
C PRO B 282 -4.72 -16.40 -16.57
N LYS B 283 -3.56 -16.49 -15.92
CA LYS B 283 -2.90 -15.30 -15.34
C LYS B 283 -1.53 -14.96 -15.93
N PHE B 284 -1.19 -15.50 -17.09
CA PHE B 284 0.04 -15.11 -17.78
C PHE B 284 1.25 -15.03 -16.83
N ASP B 285 1.44 -16.12 -16.09
CA ASP B 285 2.48 -16.22 -15.06
C ASP B 285 3.76 -16.87 -15.65
N PRO B 286 4.90 -16.14 -15.61
CA PRO B 286 6.14 -16.62 -16.26
C PRO B 286 6.63 -17.96 -15.71
N LEU B 287 6.46 -18.14 -14.41
CA LEU B 287 6.87 -19.39 -13.77
C LEU B 287 6.03 -20.54 -14.30
N VAL B 288 4.76 -20.27 -14.63
CA VAL B 288 3.91 -21.28 -15.22
C VAL B 288 4.40 -21.62 -16.61
N ILE B 289 4.69 -20.59 -17.39
CA ILE B 289 5.18 -20.82 -18.76
C ILE B 289 6.43 -21.69 -18.71
N LEU B 290 7.28 -21.42 -17.73
CA LEU B 290 8.58 -22.08 -17.64
C LEU B 290 8.41 -23.56 -17.24
N LYS B 291 7.57 -23.81 -16.24
CA LYS B 291 7.28 -25.18 -15.80
C LYS B 291 6.74 -26.02 -16.92
N THR B 292 5.85 -25.41 -17.71
CA THR B 292 5.25 -26.04 -18.88
C THR B 292 6.28 -26.37 -19.98
N LEU B 293 7.22 -25.47 -20.23
CA LEU B 293 8.26 -25.73 -21.22
C LEU B 293 9.14 -26.88 -20.77
N SER B 294 9.35 -26.94 -19.46
CA SER B 294 10.26 -27.90 -18.87
C SER B 294 9.60 -29.28 -18.78
N SER B 295 8.29 -29.31 -18.51
CA SER B 295 7.57 -30.54 -18.17
C SER B 295 6.99 -31.28 -19.40
N TYR B 296 6.74 -30.54 -20.46
CA TYR B 296 6.13 -31.07 -21.66
C TYR B 296 7.10 -31.07 -22.86
N PRO B 297 6.96 -32.04 -23.78
CA PRO B 297 7.87 -32.15 -24.90
C PRO B 297 7.56 -31.16 -26.04
N ILE B 298 7.53 -29.88 -25.70
CA ILE B 298 7.39 -28.84 -26.70
C ILE B 298 8.68 -28.77 -27.49
N LYS B 299 8.56 -28.81 -28.81
CA LYS B 299 9.72 -28.70 -29.67
C LYS B 299 9.85 -27.27 -30.20
N SER B 300 8.76 -26.68 -30.68
CA SER B 300 8.80 -25.28 -31.08
C SER B 300 7.92 -24.42 -30.18
N MET B 301 8.37 -23.20 -29.88
CA MET B 301 7.52 -22.22 -29.21
C MET B 301 7.52 -20.88 -29.92
N MET B 302 6.37 -20.23 -29.95
CA MET B 302 6.24 -18.89 -30.52
C MET B 302 5.55 -18.00 -29.53
N GLY B 303 6.02 -16.77 -29.44
CA GLY B 303 5.47 -15.82 -28.48
C GLY B 303 6.07 -14.44 -28.64
N ALA B 304 5.35 -13.42 -28.19
CA ALA B 304 5.81 -12.05 -28.33
C ALA B 304 7.03 -11.87 -27.50
N PRO B 305 7.96 -11.03 -27.94
CA PRO B 305 9.22 -10.84 -27.20
C PRO B 305 9.09 -10.74 -25.69
N ILE B 306 8.04 -10.06 -25.22
CA ILE B 306 7.84 -9.86 -23.79
C ILE B 306 7.85 -11.19 -23.02
N VAL B 307 7.32 -12.24 -23.62
CA VAL B 307 7.38 -13.57 -23.02
C VAL B 307 8.83 -13.99 -22.76
N TYR B 308 9.68 -13.87 -23.76
CA TYR B 308 11.06 -14.25 -23.57
C TYR B 308 11.76 -13.38 -22.53
N ARG B 309 11.42 -12.08 -22.50
CA ARG B 309 12.00 -11.16 -21.52
C ARG B 309 11.56 -11.49 -20.08
N MET B 310 10.32 -11.93 -19.91
CA MET B 310 9.84 -12.33 -18.60
C MET B 310 10.51 -13.60 -18.14
N LEU B 311 10.65 -14.54 -19.05
CA LEU B 311 11.28 -15.83 -18.75
C LEU B 311 12.75 -15.66 -18.36
N LEU B 312 13.43 -14.66 -18.95
CA LEU B 312 14.84 -14.43 -18.62
C LEU B 312 15.02 -13.89 -17.18
N GLN B 313 13.98 -13.24 -16.66
CA GLN B 313 13.92 -12.84 -15.24
C GLN B 313 13.76 -14.01 -14.25
N GLN B 314 13.37 -15.17 -14.76
CA GLN B 314 13.21 -16.36 -13.93
C GLN B 314 14.51 -17.17 -13.89
N ASP B 315 14.53 -18.18 -13.04
CA ASP B 315 15.70 -18.97 -12.80
C ASP B 315 15.81 -20.12 -13.81
N LEU B 316 16.51 -19.87 -14.90
CA LEU B 316 16.58 -20.85 -15.99
C LEU B 316 17.41 -22.09 -15.64
N SER B 317 18.29 -21.95 -14.66
CA SER B 317 19.09 -23.08 -14.18
C SER B 317 18.28 -24.09 -13.38
N SER B 318 17.15 -23.65 -12.83
CA SER B 318 16.26 -24.58 -12.15
C SER B 318 15.58 -25.49 -13.18
N TYR B 319 14.92 -24.88 -14.18
CA TYR B 319 14.13 -25.62 -15.19
C TYR B 319 14.83 -25.69 -16.54
N LYS B 320 15.09 -26.92 -16.99
CA LYS B 320 15.76 -27.17 -18.25
C LYS B 320 14.77 -27.74 -19.30
N PHE B 321 15.00 -27.45 -20.58
CA PHE B 321 14.07 -27.86 -21.66
C PHE B 321 14.82 -28.35 -22.90
N PRO B 322 15.62 -29.41 -22.70
CA PRO B 322 16.49 -29.95 -23.74
C PRO B 322 15.71 -30.35 -25.02
N HIS B 323 14.47 -30.78 -24.84
CA HIS B 323 13.56 -31.07 -25.95
C HIS B 323 13.32 -29.87 -26.87
N LEU B 324 13.44 -28.65 -26.31
CA LEU B 324 13.12 -27.41 -27.04
C LEU B 324 14.19 -27.11 -28.06
N GLN B 325 13.76 -26.92 -29.31
CA GLN B 325 14.67 -26.67 -30.41
C GLN B 325 14.46 -25.32 -31.06
N ASN B 326 13.23 -25.02 -31.44
CA ASN B 326 12.93 -23.76 -32.14
C ASN B 326 12.21 -22.78 -31.22
N CYS B 327 12.78 -21.59 -31.08
CA CYS B 327 12.12 -20.46 -30.44
C CYS B 327 11.92 -19.38 -31.45
N VAL B 328 10.68 -19.06 -31.78
CA VAL B 328 10.43 -17.92 -32.67
C VAL B 328 9.73 -16.77 -31.92
N THR B 329 9.65 -15.62 -32.57
CA THR B 329 9.09 -14.44 -31.96
C THR B 329 8.59 -13.45 -33.02
N VAL B 330 7.60 -12.65 -32.64
CA VAL B 330 6.95 -11.72 -33.56
C VAL B 330 6.23 -10.61 -32.79
N GLY B 331 5.70 -9.62 -33.52
CA GLY B 331 4.78 -8.60 -32.94
C GLY B 331 5.44 -7.41 -32.24
N GLU B 332 6.78 -7.36 -32.32
CA GLU B 332 7.61 -6.40 -31.63
C GLU B 332 9.07 -6.58 -32.05
N SER B 333 9.86 -5.55 -31.81
CA SER B 333 11.26 -5.55 -32.22
C SER B 333 12.09 -6.34 -31.24
N LEU B 334 12.76 -7.40 -31.69
CA LEU B 334 13.63 -8.21 -30.80
C LEU B 334 14.97 -7.52 -30.53
N LEU B 335 15.18 -7.12 -29.29
CA LEU B 335 16.37 -6.37 -28.93
C LEU B 335 17.55 -7.32 -28.95
N PRO B 336 18.71 -6.84 -29.41
CA PRO B 336 19.93 -7.67 -29.43
C PRO B 336 20.34 -8.18 -28.05
N GLU B 337 19.99 -7.43 -27.01
CA GLU B 337 20.24 -7.82 -25.62
C GLU B 337 19.43 -9.07 -25.23
N THR B 338 18.17 -9.11 -25.62
CA THR B 338 17.32 -10.26 -25.34
C THR B 338 17.88 -11.50 -26.05
N LEU B 339 18.10 -11.36 -27.36
CA LEU B 339 18.62 -12.47 -28.17
C LEU B 339 19.83 -13.07 -27.46
N GLU B 340 20.81 -12.20 -27.19
CA GLU B 340 22.11 -12.60 -26.65
C GLU B 340 21.98 -13.42 -25.36
N ASN B 341 21.16 -12.94 -24.44
CA ASN B 341 20.92 -13.61 -23.14
C ASN B 341 20.23 -14.96 -23.24
N TRP B 342 19.17 -15.02 -24.04
CA TRP B 342 18.52 -16.30 -24.32
C TRP B 342 19.53 -17.33 -24.81
N ARG B 343 20.42 -16.91 -25.73
CA ARG B 343 21.53 -17.76 -26.21
C ARG B 343 22.37 -18.19 -25.06
N ALA B 344 22.80 -17.23 -24.27
CA ALA B 344 23.64 -17.46 -23.11
C ALA B 344 23.05 -18.51 -22.17
N GLN B 345 21.82 -18.25 -21.72
CA GLN B 345 21.14 -19.04 -20.69
C GLN B 345 20.58 -20.37 -21.16
N THR B 346 20.15 -20.45 -22.43
CA THR B 346 19.46 -21.65 -22.94
C THR B 346 20.19 -22.41 -24.06
N GLY B 347 21.21 -21.79 -24.64
CA GLY B 347 21.89 -22.37 -25.82
C GLY B 347 21.08 -22.41 -27.13
N LEU B 348 19.95 -21.70 -27.16
CA LEU B 348 19.09 -21.69 -28.35
C LEU B 348 19.06 -20.29 -28.92
N ASP B 349 18.80 -20.22 -30.23
CA ASP B 349 18.56 -18.95 -30.93
C ASP B 349 17.10 -18.58 -30.87
N ILE B 350 16.81 -17.29 -30.82
CA ILE B 350 15.44 -16.81 -31.06
C ILE B 350 15.39 -16.28 -32.48
N ARG B 351 14.48 -16.81 -33.28
CA ARG B 351 14.31 -16.31 -34.65
C ARG B 351 13.13 -15.32 -34.75
N GLU B 352 13.43 -14.17 -35.30
CA GLU B 352 12.49 -13.09 -35.37
C GLU B 352 11.70 -13.22 -36.66
N SER B 353 10.47 -12.74 -36.61
CA SER B 353 9.60 -12.67 -37.75
C SER B 353 8.74 -11.42 -37.65
N TYR B 354 8.18 -11.01 -38.79
CA TYR B 354 7.58 -9.69 -38.90
C TYR B 354 6.36 -9.72 -39.80
N GLY B 355 5.41 -8.82 -39.53
CA GLY B 355 4.21 -8.66 -40.34
C GLY B 355 3.12 -7.79 -39.67
N GLN B 356 1.91 -7.86 -40.20
CA GLN B 356 0.79 -7.18 -39.58
C GLN B 356 -0.49 -7.90 -39.97
N THR B 357 -1.58 -7.58 -39.29
CA THR B 357 -2.89 -8.19 -39.56
C THR B 357 -3.23 -8.22 -41.05
N GLU B 358 -2.86 -7.16 -41.77
CA GLU B 358 -3.20 -7.00 -43.18
C GLU B 358 -2.37 -7.88 -44.13
N THR B 359 -1.15 -8.24 -43.71
CA THR B 359 -0.20 -8.91 -44.58
C THR B 359 0.23 -10.30 -44.11
N GLY B 360 -0.07 -10.66 -42.88
CA GLY B 360 0.43 -11.91 -42.32
C GLY B 360 1.95 -11.97 -42.22
N LEU B 361 2.51 -13.17 -42.32
N LEU B 361 2.49 -13.18 -42.29
CA LEU B 361 3.94 -13.38 -42.28
CA LEU B 361 3.95 -13.41 -42.33
C LEU B 361 4.63 -12.70 -43.45
C LEU B 361 4.60 -12.68 -43.48
N THR B 362 5.36 -11.63 -43.17
CA THR B 362 5.94 -10.80 -44.20
C THR B 362 7.44 -11.06 -44.36
N CYS B 363 8.19 -10.91 -43.28
CA CYS B 363 9.61 -11.28 -43.26
C CYS B 363 9.87 -12.24 -42.13
N MET B 364 10.98 -12.98 -42.23
CA MET B 364 11.48 -13.78 -41.10
C MET B 364 12.91 -14.27 -41.28
N VAL B 365 13.50 -14.69 -40.16
CA VAL B 365 14.73 -15.49 -40.19
C VAL B 365 14.26 -16.95 -40.15
N SER B 366 14.43 -17.65 -41.29
CA SER B 366 14.06 -19.07 -41.38
C SER B 366 15.10 -19.91 -40.64
N LYS B 367 14.80 -21.20 -40.47
CA LYS B 367 15.65 -22.09 -39.67
C LYS B 367 17.10 -22.13 -40.20
N THR B 368 17.26 -22.25 -41.50
CA THR B 368 18.61 -22.37 -42.04
C THR B 368 19.29 -21.01 -42.37
N MET B 369 18.84 -19.91 -41.76
CA MET B 369 19.44 -18.60 -42.04
C MET B 369 20.34 -18.08 -40.93
N LYS B 370 21.42 -17.40 -41.32
CA LYS B 370 22.31 -16.77 -40.34
C LYS B 370 21.52 -15.69 -39.59
N ILE B 371 21.68 -15.64 -38.29
CA ILE B 371 20.99 -14.63 -37.50
C ILE B 371 21.82 -13.36 -37.47
N LYS B 372 21.16 -12.22 -37.67
CA LYS B 372 21.79 -10.90 -37.56
C LYS B 372 21.03 -10.09 -36.52
N PRO B 373 21.65 -9.87 -35.34
CA PRO B 373 21.00 -9.10 -34.26
C PRO B 373 20.47 -7.76 -34.72
N GLY B 374 19.24 -7.43 -34.31
CA GLY B 374 18.61 -6.17 -34.70
C GLY B 374 17.87 -6.24 -36.03
N TYR B 375 18.00 -7.38 -36.73
CA TYR B 375 17.39 -7.59 -38.05
C TYR B 375 16.34 -8.65 -37.93
N MET B 376 15.25 -8.48 -38.67
CA MET B 376 14.07 -9.38 -38.58
C MET B 376 13.99 -10.34 -39.78
N GLY B 377 15.08 -10.41 -40.54
CA GLY B 377 15.18 -11.39 -41.60
C GLY B 377 14.76 -10.84 -42.93
N THR B 378 14.40 -11.77 -43.82
CA THR B 378 14.21 -11.46 -45.23
C THR B 378 12.76 -11.73 -45.59
N ALA B 379 12.40 -11.40 -46.83
CA ALA B 379 11.00 -11.50 -47.26
C ALA B 379 10.54 -12.96 -47.32
N ALA B 380 9.27 -13.19 -46.94
CA ALA B 380 8.62 -14.51 -46.96
C ALA B 380 8.31 -14.98 -48.39
N SER B 381 8.56 -16.26 -48.63
CA SER B 381 8.63 -16.86 -49.99
C SER B 381 7.68 -16.28 -51.08
N CYS B 382 6.51 -15.82 -50.68
CA CYS B 382 5.69 -15.10 -51.63
C CYS B 382 6.34 -13.74 -51.97
N TYR B 383 6.69 -12.99 -50.94
CA TYR B 383 6.61 -11.51 -50.98
C TYR B 383 7.84 -10.79 -51.43
N ASP B 384 7.67 -9.93 -52.42
CA ASP B 384 8.65 -8.91 -52.72
C ASP B 384 8.57 -7.74 -51.74
N VAL B 385 9.31 -7.85 -50.65
CA VAL B 385 9.36 -6.75 -49.68
C VAL B 385 10.52 -5.80 -50.00
N GLN B 386 10.24 -4.51 -50.12
CA GLN B 386 11.28 -3.52 -50.38
C GLN B 386 11.20 -2.38 -49.38
N ILE B 387 12.20 -1.51 -49.39
CA ILE B 387 12.16 -0.22 -48.71
C ILE B 387 11.92 0.80 -49.81
N ILE B 388 10.83 1.55 -49.72
CA ILE B 388 10.45 2.45 -50.80
C ILE B 388 10.36 3.90 -50.36
N ASP B 389 10.59 4.80 -51.33
CA ASP B 389 10.69 6.24 -51.06
C ASP B 389 9.30 6.89 -51.08
N ASP B 390 9.25 8.21 -50.90
CA ASP B 390 7.95 8.93 -50.82
C ASP B 390 7.08 8.92 -52.10
N LYS B 391 7.69 8.58 -53.23
CA LYS B 391 7.00 8.48 -54.53
C LYS B 391 6.73 6.99 -54.87
N GLY B 392 7.23 6.07 -54.05
CA GLY B 392 6.86 4.67 -54.15
C GLY B 392 7.83 3.85 -54.96
N ASN B 393 9.01 4.40 -55.14
CA ASN B 393 10.09 3.74 -55.86
C ASN B 393 11.00 3.00 -54.90
N VAL B 394 11.52 1.86 -55.33
CA VAL B 394 12.43 1.08 -54.53
C VAL B 394 13.66 1.91 -54.21
N LEU B 395 14.21 1.75 -53.02
CA LEU B 395 15.43 2.43 -52.62
C LEU B 395 16.62 1.47 -52.60
N PRO B 396 17.86 2.00 -52.45
CA PRO B 396 19.01 1.13 -52.38
C PRO B 396 19.32 0.70 -50.95
N PRO B 397 20.27 -0.24 -50.82
CA PRO B 397 20.55 -0.75 -49.50
C PRO B 397 21.27 0.28 -48.64
N GLY B 398 20.85 0.36 -47.39
CA GLY B 398 21.46 1.27 -46.42
C GLY B 398 20.85 2.66 -46.41
N THR B 399 19.63 2.78 -46.92
CA THR B 399 18.92 4.04 -46.95
C THR B 399 17.62 3.82 -46.22
N GLU B 400 17.25 4.74 -45.34
CA GLU B 400 16.02 4.58 -44.59
C GLU B 400 14.85 5.04 -45.43
N GLY B 401 13.69 4.45 -45.17
CA GLY B 401 12.47 4.76 -45.91
C GLY B 401 11.40 3.83 -45.45
N ASP B 402 10.34 3.71 -46.24
CA ASP B 402 9.18 2.95 -45.84
C ASP B 402 9.23 1.51 -46.35
N ILE B 403 8.79 0.60 -45.47
CA ILE B 403 8.74 -0.81 -45.76
C ILE B 403 7.45 -1.00 -46.52
N GLY B 404 7.49 -1.82 -47.57
CA GLY B 404 6.31 -2.09 -48.38
C GLY B 404 6.36 -3.43 -49.10
N ILE B 405 5.21 -3.90 -49.54
CA ILE B 405 5.14 -5.17 -50.27
C ILE B 405 4.52 -4.87 -51.61
N ARG B 406 5.19 -5.31 -52.69
CA ARG B 406 4.65 -5.15 -54.03
C ARG B 406 3.31 -5.85 -54.10
N VAL B 407 2.32 -5.14 -54.59
CA VAL B 407 0.97 -5.69 -54.73
C VAL B 407 0.36 -5.48 -56.12
N LYS B 408 1.07 -4.75 -56.99
CA LYS B 408 0.68 -4.60 -58.38
C LYS B 408 1.82 -5.13 -59.23
N PRO B 409 1.50 -5.76 -60.38
CA PRO B 409 0.14 -6.00 -60.90
C PRO B 409 -0.48 -7.27 -60.30
N ILE B 410 0.38 -8.16 -59.81
CA ILE B 410 -0.05 -9.36 -59.14
C ILE B 410 -0.03 -9.11 -57.62
N ARG B 411 -1.14 -9.45 -56.98
CA ARG B 411 -1.26 -9.42 -55.52
C ARG B 411 -0.93 -10.82 -54.98
N PRO B 412 0.13 -10.92 -54.14
CA PRO B 412 0.57 -12.23 -53.71
C PRO B 412 -0.40 -12.91 -52.77
N ILE B 413 -0.33 -14.23 -52.74
CA ILE B 413 -1.14 -14.98 -51.83
C ILE B 413 -0.71 -14.60 -50.40
N GLY B 414 -1.69 -14.18 -49.60
CA GLY B 414 -1.41 -13.85 -48.20
C GLY B 414 -1.76 -12.43 -47.85
N ILE B 415 -1.84 -11.55 -48.84
CA ILE B 415 -2.31 -10.18 -48.62
C ILE B 415 -3.81 -10.21 -48.46
N PHE B 416 -4.30 -9.33 -47.57
CA PHE B 416 -5.71 -9.31 -47.18
C PHE B 416 -6.53 -8.70 -48.28
N SER B 417 -7.85 -8.82 -48.18
CA SER B 417 -8.74 -8.46 -49.26
C SER B 417 -9.07 -6.98 -49.28
N GLY B 418 -8.81 -6.29 -48.16
CA GLY B 418 -9.11 -4.88 -48.02
C GLY B 418 -9.98 -4.58 -46.80
N TYR B 419 -10.07 -3.30 -46.42
CA TYR B 419 -10.86 -2.90 -45.26
C TYR B 419 -12.34 -2.90 -45.63
N VAL B 420 -13.14 -3.58 -44.82
CA VAL B 420 -14.54 -3.77 -45.14
C VAL B 420 -15.30 -2.41 -45.15
N ASP B 421 -16.03 -2.18 -46.23
CA ASP B 421 -16.78 -0.95 -46.46
C ASP B 421 -15.89 0.29 -46.63
N ASN B 422 -14.56 0.13 -46.75
CA ASN B 422 -13.65 1.30 -46.88
C ASN B 422 -12.64 1.19 -47.99
N PRO B 423 -13.10 1.25 -49.24
CA PRO B 423 -12.13 1.14 -50.31
C PRO B 423 -11.14 2.31 -50.26
N ASP B 424 -11.61 3.48 -49.84
CA ASP B 424 -10.74 4.66 -49.70
C ASP B 424 -9.54 4.36 -48.84
N LYS B 425 -9.82 3.95 -47.60
CA LYS B 425 -8.76 3.66 -46.65
C LYS B 425 -7.85 2.52 -47.08
N THR B 426 -8.31 1.63 -47.95
CA THR B 426 -7.38 0.62 -48.52
C THR B 426 -6.39 1.35 -49.44
N ALA B 427 -6.90 2.13 -50.39
CA ALA B 427 -6.05 2.84 -51.33
C ALA B 427 -5.08 3.79 -50.60
N ALA B 428 -5.51 4.41 -49.51
CA ALA B 428 -4.65 5.31 -48.72
C ALA B 428 -3.29 4.72 -48.35
N ASN B 429 -3.25 3.39 -48.19
CA ASN B 429 -2.01 2.68 -47.84
C ASN B 429 -1.24 2.21 -49.04
N ILE B 430 -1.84 2.22 -50.22
CA ILE B 430 -1.09 1.88 -51.42
C ILE B 430 -0.32 3.09 -51.90
N ARG B 431 0.98 2.89 -52.14
CA ARG B 431 1.79 3.87 -52.84
C ARG B 431 2.40 3.23 -54.10
N GLY B 432 2.02 3.75 -55.26
CA GLY B 432 2.54 3.21 -56.51
C GLY B 432 2.16 1.76 -56.53
N ASP B 433 3.15 0.87 -56.59
CA ASP B 433 2.89 -0.57 -56.72
C ASP B 433 2.96 -1.32 -55.39
N PHE B 434 3.05 -0.59 -54.29
CA PHE B 434 3.36 -1.19 -53.00
C PHE B 434 2.30 -0.94 -51.92
N TRP B 435 2.09 -1.93 -51.06
CA TRP B 435 1.26 -1.77 -49.89
C TRP B 435 2.17 -1.34 -48.75
N LEU B 436 1.90 -0.17 -48.20
CA LEU B 436 2.69 0.34 -47.07
C LEU B 436 2.35 -0.46 -45.82
N LEU B 437 3.37 -0.75 -45.02
CA LEU B 437 3.14 -1.43 -43.74
C LEU B 437 3.04 -0.44 -42.59
N GLY B 438 3.33 0.82 -42.87
CA GLY B 438 3.43 1.83 -41.82
C GLY B 438 4.78 1.84 -41.11
N ASP B 439 5.67 0.92 -41.48
CA ASP B 439 6.93 0.80 -40.78
C ASP B 439 8.10 1.37 -41.55
N ARG B 440 9.01 2.03 -40.82
CA ARG B 440 10.24 2.57 -41.39
C ARG B 440 11.23 1.45 -41.25
N GLY B 441 12.20 1.43 -42.15
CA GLY B 441 13.22 0.37 -42.17
C GLY B 441 14.44 0.66 -43.02
N ILE B 442 15.46 -0.21 -42.91
CA ILE B 442 16.65 -0.23 -43.78
C ILE B 442 16.95 -1.64 -44.23
N LYS B 443 17.21 -1.80 -45.53
CA LYS B 443 17.62 -3.09 -46.09
C LYS B 443 19.10 -3.05 -46.24
N ASP B 444 19.75 -4.13 -45.81
CA ASP B 444 21.19 -4.26 -45.90
C ASP B 444 21.53 -5.07 -47.15
N GLU B 445 22.81 -5.23 -47.40
CA GLU B 445 23.31 -5.84 -48.63
C GLU B 445 22.82 -7.26 -48.94
N ASP B 446 22.45 -8.01 -47.90
CA ASP B 446 21.96 -9.37 -48.08
C ASP B 446 20.43 -9.50 -48.14
N GLY B 447 19.75 -8.36 -48.10
CA GLY B 447 18.28 -8.31 -48.11
C GLY B 447 17.64 -8.36 -46.73
N TYR B 448 18.46 -8.46 -45.69
CA TYR B 448 17.96 -8.45 -44.32
C TYR B 448 17.42 -7.06 -43.98
N PHE B 449 16.24 -6.99 -43.37
CA PHE B 449 15.66 -5.71 -42.96
C PHE B 449 16.01 -5.34 -41.51
N GLN B 450 16.05 -4.05 -41.24
CA GLN B 450 16.25 -3.57 -39.88
C GLN B 450 15.16 -2.57 -39.51
N PHE B 451 14.37 -2.86 -38.47
CA PHE B 451 13.20 -2.03 -38.14
C PHE B 451 13.69 -0.67 -37.58
N MET B 452 12.98 0.40 -37.93
CA MET B 452 13.38 1.76 -37.56
C MET B 452 12.25 2.67 -37.05
N GLY B 453 11.16 2.09 -36.56
CA GLY B 453 10.10 2.88 -35.89
C GLY B 453 8.87 3.10 -36.76
N ARG B 454 7.71 3.18 -36.13
CA ARG B 454 6.48 3.38 -36.87
C ARG B 454 6.53 4.73 -37.58
N ALA B 455 6.05 4.75 -38.81
CA ALA B 455 5.92 5.99 -39.55
C ALA B 455 4.75 6.83 -39.05
N ASP B 456 3.82 6.21 -38.31
CA ASP B 456 2.62 6.89 -37.86
C ASP B 456 2.43 6.76 -36.36
N ASP B 457 1.22 6.96 -35.87
CA ASP B 457 0.94 7.08 -34.43
C ASP B 457 0.54 5.77 -33.76
N ILE B 458 0.52 4.69 -34.53
CA ILE B 458 0.13 3.41 -33.96
C ILE B 458 1.11 2.98 -32.88
N ILE B 459 0.57 2.53 -31.74
CA ILE B 459 1.41 2.06 -30.60
C ILE B 459 1.45 0.52 -30.57
N ASN B 460 2.58 -0.04 -30.13
CA ASN B 460 2.80 -1.50 -30.12
C ASN B 460 3.32 -2.00 -28.78
N SER B 461 2.45 -2.56 -27.95
CA SER B 461 2.86 -2.95 -26.60
C SER B 461 2.62 -4.40 -26.31
N SER B 462 3.69 -5.08 -25.90
CA SER B 462 3.56 -6.47 -25.45
C SER B 462 2.68 -7.31 -26.41
N GLY B 463 2.86 -7.11 -27.71
CA GLY B 463 2.17 -7.92 -28.72
C GLY B 463 0.88 -7.33 -29.25
N TYR B 464 0.31 -6.37 -28.52
CA TYR B 464 -0.92 -5.71 -28.93
C TYR B 464 -0.68 -4.49 -29.80
N ARG B 465 -1.58 -4.26 -30.75
CA ARG B 465 -1.59 -3.10 -31.62
C ARG B 465 -2.70 -2.10 -31.17
N ILE B 466 -2.27 -0.92 -30.71
CA ILE B 466 -3.15 0.08 -30.11
C ILE B 466 -3.25 1.41 -30.89
N GLY B 467 -4.47 1.84 -31.17
CA GLY B 467 -4.71 3.13 -31.78
C GLY B 467 -4.74 4.20 -30.71
N PRO B 468 -4.05 5.33 -30.95
CA PRO B 468 -4.09 6.40 -29.95
C PRO B 468 -5.50 6.89 -29.66
N SER B 469 -6.29 7.20 -30.66
CA SER B 469 -7.64 7.71 -30.41
C SER B 469 -8.50 6.86 -29.46
N GLU B 470 -8.24 5.56 -29.39
CA GLU B 470 -9.04 4.68 -28.56
C GLU B 470 -8.74 4.96 -27.10
N VAL B 471 -7.49 5.29 -26.80
CA VAL B 471 -7.04 5.53 -25.41
C VAL B 471 -7.36 6.98 -24.98
N GLU B 472 -7.18 7.87 -25.93
CA GLU B 472 -7.52 9.26 -25.76
C GLU B 472 -9.02 9.42 -25.53
N ASN B 473 -9.84 8.71 -26.31
CA ASN B 473 -11.29 8.78 -26.15
C ASN B 473 -11.70 8.42 -24.70
N ALA B 474 -11.08 7.37 -24.17
CA ALA B 474 -11.35 6.91 -22.81
C ALA B 474 -10.95 7.94 -21.75
N LEU B 475 -9.81 8.57 -21.93
CA LEU B 475 -9.32 9.57 -20.98
C LEU B 475 -10.23 10.79 -20.96
N MET B 476 -10.76 11.16 -22.13
CA MET B 476 -11.66 12.29 -22.26
C MET B 476 -13.00 12.04 -21.64
N GLU B 477 -13.28 10.80 -21.25
CA GLU B 477 -14.50 10.52 -20.49
C GLU B 477 -14.38 10.86 -19.01
N HIS B 478 -13.15 11.06 -18.54
CA HIS B 478 -12.90 11.33 -17.13
C HIS B 478 -12.79 12.86 -16.89
N PRO B 479 -13.65 13.39 -16.03
CA PRO B 479 -13.79 14.85 -15.82
C PRO B 479 -12.48 15.62 -15.58
N ALA B 480 -11.51 14.97 -14.95
CA ALA B 480 -10.22 15.64 -14.67
C ALA B 480 -9.42 16.06 -15.93
N VAL B 481 -9.54 15.29 -16.99
CA VAL B 481 -8.78 15.52 -18.21
C VAL B 481 -9.52 16.46 -19.10
N VAL B 482 -8.99 17.67 -19.36
CA VAL B 482 -9.57 18.50 -20.43
C VAL B 482 -9.11 18.04 -21.82
N GLU B 483 -7.84 17.68 -21.93
CA GLU B 483 -7.20 17.50 -23.22
C GLU B 483 -5.99 16.56 -23.07
N THR B 484 -5.72 15.75 -24.11
CA THR B 484 -4.75 14.66 -23.98
C THR B 484 -4.23 14.12 -25.31
N ALA B 485 -3.00 13.59 -25.28
CA ALA B 485 -2.41 12.87 -26.45
C ALA B 485 -1.63 11.60 -26.04
N VAL B 486 -1.94 10.47 -26.67
CA VAL B 486 -1.29 9.21 -26.32
C VAL B 486 -0.30 8.73 -27.40
N ILE B 487 0.95 8.51 -26.98
CA ILE B 487 2.03 8.12 -27.88
C ILE B 487 2.71 6.86 -27.36
N SER B 488 3.68 6.32 -28.12
CA SER B 488 4.51 5.22 -27.63
C SER B 488 5.65 5.75 -26.79
N SER B 489 6.18 4.88 -25.94
CA SER B 489 7.26 5.23 -25.04
C SER B 489 8.06 3.99 -24.71
N PRO B 490 9.39 4.10 -24.67
CA PRO B 490 10.23 2.99 -24.32
C PRO B 490 10.24 2.70 -22.84
N ASP B 491 10.15 1.43 -22.51
CA ASP B 491 10.36 0.94 -21.16
C ASP B 491 11.61 0.09 -21.18
N PRO B 492 12.41 0.17 -20.12
CA PRO B 492 13.55 -0.75 -20.02
C PRO B 492 13.08 -2.20 -19.88
N VAL B 493 12.01 -2.41 -19.13
CA VAL B 493 11.58 -3.76 -18.81
C VAL B 493 10.61 -4.31 -19.88
N ARG B 494 9.63 -3.51 -20.27
CA ARG B 494 8.58 -4.01 -21.15
C ARG B 494 8.86 -3.84 -22.64
N GLY B 495 9.64 -2.80 -22.96
CA GLY B 495 10.09 -2.55 -24.33
C GLY B 495 9.44 -1.33 -24.92
N GLU B 496 8.20 -1.50 -25.38
CA GLU B 496 7.33 -0.42 -25.81
C GLU B 496 6.03 -0.49 -24.98
N VAL B 497 5.50 0.68 -24.62
CA VAL B 497 4.30 0.81 -23.78
C VAL B 497 3.54 2.11 -24.10
N VAL B 498 2.34 2.21 -23.56
CA VAL B 498 1.44 3.34 -23.83
C VAL B 498 1.69 4.46 -22.80
N LYS B 499 1.95 5.66 -23.34
CA LYS B 499 2.14 6.84 -22.54
C LYS B 499 1.08 7.87 -22.88
N ALA B 500 0.50 8.50 -21.85
CA ALA B 500 -0.49 9.56 -22.03
C ALA B 500 0.02 10.90 -21.52
N PHE B 501 0.02 11.89 -22.39
CA PHE B 501 0.24 13.29 -22.03
C PHE B 501 -1.10 13.92 -21.68
N VAL B 502 -1.23 14.47 -20.45
CA VAL B 502 -2.53 14.93 -19.98
C VAL B 502 -2.53 16.37 -19.46
N VAL B 503 -3.44 17.18 -20.00
CA VAL B 503 -3.68 18.57 -19.52
C VAL B 503 -4.88 18.58 -18.57
N LEU B 504 -4.62 18.77 -17.28
CA LEU B 504 -5.65 18.58 -16.25
C LEU B 504 -6.57 19.81 -16.19
N ALA B 505 -7.80 19.59 -15.74
CA ALA B 505 -8.68 20.69 -15.33
C ALA B 505 -7.95 21.48 -14.24
N SER B 506 -8.14 22.80 -14.21
CA SER B 506 -7.50 23.62 -13.17
C SER B 506 -7.74 23.02 -11.80
N GLN B 507 -8.99 22.62 -11.55
CA GLN B 507 -9.49 22.06 -10.28
C GLN B 507 -8.78 20.79 -9.78
N PHE B 508 -7.93 20.18 -10.61
CA PHE B 508 -7.24 18.94 -10.25
C PHE B 508 -5.75 19.15 -10.02
N LEU B 509 -5.26 20.36 -10.31
CA LEU B 509 -3.83 20.68 -10.31
C LEU B 509 -3.12 20.53 -8.97
N SER B 510 -3.84 20.27 -7.88
CA SER B 510 -3.18 19.98 -6.59
C SER B 510 -3.64 18.69 -5.92
N HIS B 511 -4.08 17.71 -6.73
CA HIS B 511 -4.17 16.32 -6.25
C HIS B 511 -2.80 15.71 -6.20
N ASP B 512 -2.67 14.59 -5.48
CA ASP B 512 -1.46 13.75 -5.56
C ASP B 512 -1.35 13.22 -6.97
N PRO B 513 -0.35 13.68 -7.72
CA PRO B 513 -0.24 13.20 -9.10
C PRO B 513 0.03 11.68 -9.26
N GLU B 514 0.42 10.99 -8.19
CA GLU B 514 0.54 9.53 -8.22
C GLU B 514 -0.83 8.89 -8.06
N GLN B 515 -1.69 9.48 -7.22
CA GLN B 515 -3.07 8.97 -7.06
C GLN B 515 -3.97 9.38 -8.25
N LEU B 516 -3.73 10.54 -8.84
CA LEU B 516 -4.48 10.92 -10.03
C LEU B 516 -4.08 10.03 -11.16
N THR B 517 -2.81 9.67 -11.22
CA THR B 517 -2.37 8.72 -12.27
C THR B 517 -3.07 7.38 -12.15
N LYS B 518 -3.01 6.78 -10.96
CA LYS B 518 -3.69 5.51 -10.71
C LYS B 518 -5.17 5.56 -11.11
N GLU B 519 -5.85 6.60 -10.64
CA GLU B 519 -7.28 6.73 -10.87
C GLU B 519 -7.56 6.73 -12.38
N LEU B 520 -6.77 7.52 -13.12
CA LEU B 520 -6.94 7.63 -14.57
C LEU B 520 -6.57 6.33 -15.27
N GLN B 521 -5.72 5.53 -14.63
CA GLN B 521 -5.35 4.22 -15.17
C GLN B 521 -6.46 3.21 -14.92
N GLN B 522 -6.99 3.22 -13.71
CA GLN B 522 -8.10 2.32 -13.38
C GLN B 522 -9.30 2.63 -14.29
N HIS B 523 -9.51 3.91 -14.51
CA HIS B 523 -10.54 4.39 -15.43
C HIS B 523 -10.45 3.84 -16.87
N VAL B 524 -9.26 3.89 -17.45
CA VAL B 524 -9.13 3.43 -18.83
C VAL B 524 -9.35 1.92 -18.90
N LYS B 525 -8.85 1.24 -17.88
CA LYS B 525 -8.95 -0.20 -17.74
C LYS B 525 -10.38 -0.67 -17.64
N SER B 526 -11.22 0.20 -17.09
CA SER B 526 -12.59 -0.13 -16.78
C SER B 526 -13.53 0.23 -17.90
N VAL B 527 -13.12 1.15 -18.76
CA VAL B 527 -14.01 1.57 -19.84
C VAL B 527 -13.58 1.04 -21.22
N THR B 528 -12.44 0.35 -21.29
CA THR B 528 -12.04 -0.34 -22.52
C THR B 528 -11.06 -1.49 -22.22
N ALA B 529 -10.68 -2.28 -23.23
CA ALA B 529 -9.84 -3.47 -22.95
C ALA B 529 -8.49 -3.06 -22.36
N PRO B 530 -8.16 -3.57 -21.16
CA PRO B 530 -6.99 -3.19 -20.40
C PRO B 530 -5.63 -3.13 -21.10
N TYR B 531 -5.45 -3.84 -22.21
CA TYR B 531 -4.11 -3.97 -22.78
C TYR B 531 -3.60 -2.65 -23.29
N LYS B 532 -4.51 -1.69 -23.47
CA LYS B 532 -4.18 -0.36 -24.02
C LYS B 532 -4.21 0.73 -22.98
N TYR B 533 -4.29 0.35 -21.71
CA TYR B 533 -4.24 1.33 -20.63
C TYR B 533 -2.90 2.02 -20.66
N PRO B 534 -2.88 3.29 -20.26
CA PRO B 534 -1.67 4.12 -20.34
C PRO B 534 -0.75 3.93 -19.17
N ARG B 535 0.29 3.14 -19.40
CA ARG B 535 1.20 2.71 -18.33
C ARG B 535 2.01 3.88 -17.78
N LYS B 536 2.10 4.94 -18.58
CA LYS B 536 2.74 6.18 -18.16
C LYS B 536 1.80 7.36 -18.37
N ILE B 537 1.80 8.26 -17.40
CA ILE B 537 1.09 9.51 -17.52
C ILE B 537 2.02 10.65 -17.15
N GLU B 538 2.06 11.66 -18.00
CA GLU B 538 2.76 12.92 -17.71
C GLU B 538 1.76 14.03 -17.82
N PHE B 539 1.62 14.82 -16.78
CA PHE B 539 0.71 15.94 -16.80
C PHE B 539 1.46 17.13 -17.37
N VAL B 540 0.90 17.82 -18.36
CA VAL B 540 1.56 19.02 -18.89
C VAL B 540 0.59 20.18 -18.98
N LEU B 541 1.12 21.40 -19.08
CA LEU B 541 0.27 22.58 -19.11
C LEU B 541 -0.29 22.80 -20.52
N ASN B 542 0.49 22.42 -21.51
CA ASN B 542 0.08 22.56 -22.91
C ASN B 542 0.51 21.34 -23.73
N LEU B 543 0.02 21.28 -24.96
CA LEU B 543 0.43 20.27 -25.91
C LEU B 543 0.83 20.89 -27.24
N PRO B 544 1.90 20.38 -27.88
CA PRO B 544 2.31 20.89 -29.18
C PRO B 544 1.20 20.75 -30.19
N LYS B 545 0.98 21.78 -30.99
CA LYS B 545 -0.11 21.80 -31.95
C LYS B 545 0.30 22.30 -33.33
N THR B 546 -0.60 22.08 -34.29
CA THR B 546 -0.50 22.67 -35.60
C THR B 546 -1.21 24.01 -35.64
N VAL B 547 -0.81 24.86 -36.59
CA VAL B 547 -1.51 26.14 -36.84
C VAL B 547 -2.97 25.92 -37.28
N THR B 548 -3.35 24.67 -37.52
CA THR B 548 -4.73 24.28 -37.85
C THR B 548 -5.46 23.66 -36.65
N GLY B 549 -4.74 23.43 -35.56
CA GLY B 549 -5.32 22.87 -34.35
C GLY B 549 -4.98 21.43 -33.97
N LYS B 550 -4.47 20.63 -34.92
CA LYS B 550 -4.16 19.20 -34.63
C LYS B 550 -2.92 19.05 -33.74
N ILE B 551 -2.81 17.89 -33.08
CA ILE B 551 -1.82 17.67 -32.04
C ILE B 551 -0.67 16.88 -32.64
N GLN B 552 0.50 17.51 -32.70
CA GLN B 552 1.75 16.90 -33.20
C GLN B 552 2.28 15.78 -32.27
N ARG B 553 1.73 14.58 -32.44
CA ARG B 553 2.20 13.41 -31.72
C ARG B 553 3.60 13.00 -32.17
N ALA B 554 3.96 13.34 -33.40
CA ALA B 554 5.27 13.01 -33.90
C ALA B 554 6.28 13.63 -32.96
N LYS B 555 6.11 14.92 -32.72
CA LYS B 555 7.02 15.74 -31.89
C LYS B 555 7.16 15.20 -30.48
N LEU B 556 6.02 14.86 -29.87
CA LEU B 556 5.99 14.22 -28.57
C LEU B 556 6.74 12.91 -28.59
N ARG B 557 6.61 12.18 -29.70
CA ARG B 557 7.21 10.84 -29.81
C ARG B 557 8.71 10.92 -29.81
N ASP B 558 9.29 11.83 -30.58
CA ASP B 558 10.75 11.91 -30.70
C ASP B 558 11.43 12.33 -29.40
N LYS B 559 10.86 13.35 -28.74
CA LYS B 559 11.38 13.78 -27.44
C LYS B 559 11.38 12.56 -26.52
N GLU B 560 10.34 11.73 -26.63
CA GLU B 560 10.13 10.61 -25.73
C GLU B 560 11.15 9.50 -25.92
N TRP B 561 11.68 9.41 -27.14
CA TRP B 561 12.66 8.40 -27.52
C TRP B 561 13.98 9.15 -27.74
N LYS B 562 14.45 9.85 -26.70
CA LYS B 562 15.64 10.70 -26.79
C LYS B 562 15.49 11.71 -27.92
N GLN C 27 3.98 5.54 24.29
CA GLN C 27 4.08 6.50 25.42
C GLN C 27 5.46 6.39 26.10
N TRP C 28 6.30 7.43 26.12
CA TRP C 28 6.15 8.74 25.42
C TRP C 28 5.02 9.64 25.96
N GLY C 29 4.31 9.13 26.97
CA GLY C 29 3.09 9.75 27.48
C GLY C 29 2.25 10.53 26.48
N HIS C 30 1.68 11.63 26.96
CA HIS C 30 0.90 12.56 26.15
C HIS C 30 1.43 13.99 26.36
N GLN C 31 0.81 14.97 25.70
CA GLN C 31 1.26 16.37 25.75
C GLN C 31 0.12 17.37 26.03
N GLU C 32 0.47 18.53 26.58
CA GLU C 32 -0.50 19.57 26.97
C GLU C 32 -0.52 20.75 25.98
N VAL C 33 -0.65 20.40 24.71
CA VAL C 33 -0.67 21.38 23.62
C VAL C 33 -2.09 21.77 23.17
N PRO C 34 -2.20 22.87 22.39
CA PRO C 34 -3.37 23.06 21.53
C PRO C 34 -3.46 21.98 20.44
N ALA C 35 -4.68 21.84 19.89
CA ALA C 35 -4.97 20.90 18.80
C ALA C 35 -4.12 21.20 17.59
N LYS C 36 -4.04 22.47 17.21
CA LYS C 36 -3.39 22.88 15.97
C LYS C 36 -2.37 23.95 16.20
N PHE C 37 -1.31 23.95 15.38
CA PHE C 37 -0.30 25.00 15.42
C PHE C 37 0.56 25.09 14.13
N ASN C 38 0.89 26.32 13.76
CA ASN C 38 1.66 26.61 12.56
C ASN C 38 2.40 27.91 12.79
N PHE C 39 3.73 27.83 12.76
CA PHE C 39 4.54 29.01 12.98
C PHE C 39 4.22 30.12 11.98
N ALA C 40 3.92 29.73 10.75
CA ALA C 40 3.74 30.71 9.69
C ALA C 40 2.50 31.53 9.96
N SER C 41 1.39 30.87 10.22
CA SER C 41 0.13 31.55 10.37
C SER C 41 0.01 32.14 11.76
N ASP C 42 0.37 31.36 12.78
CA ASP C 42 0.15 31.76 14.18
C ASP C 42 1.19 32.74 14.68
N VAL C 43 2.34 32.87 14.01
CA VAL C 43 3.36 33.82 14.46
C VAL C 43 3.73 34.83 13.39
N LEU C 44 4.23 34.35 12.26
CA LEU C 44 4.82 35.25 11.27
C LEU C 44 3.75 36.18 10.71
N ASP C 45 2.61 35.60 10.38
CA ASP C 45 1.51 36.37 9.80
C ASP C 45 0.91 37.40 10.79
N HIS C 46 1.11 37.20 12.08
CA HIS C 46 0.69 38.19 13.05
C HIS C 46 1.44 39.50 12.79
N TRP C 47 2.77 39.40 12.72
CA TRP C 47 3.64 40.57 12.49
C TRP C 47 3.38 41.22 11.14
N ALA C 48 3.05 40.42 10.13
CA ALA C 48 2.65 40.95 8.82
C ALA C 48 1.32 41.74 8.95
N ASP C 49 0.31 41.14 9.59
CA ASP C 49 -1.01 41.78 9.79
C ASP C 49 -0.97 43.09 10.60
N MET C 50 0.03 43.22 11.47
CA MET C 50 0.28 44.45 12.24
C MET C 50 0.69 45.60 11.32
N GLU C 51 1.54 45.29 10.34
CA GLU C 51 1.95 46.27 9.33
C GLU C 51 0.80 46.65 8.40
N LYS C 52 0.09 45.65 7.88
CA LYS C 52 -1.07 45.90 7.00
C LYS C 52 -2.09 46.82 7.70
N ALA C 53 -2.42 46.47 8.95
CA ALA C 53 -3.41 47.20 9.75
C ALA C 53 -2.90 48.51 10.37
N GLY C 54 -1.63 48.84 10.13
CA GLY C 54 -1.05 50.10 10.60
C GLY C 54 -0.65 50.17 12.07
N LYS C 55 -0.96 49.11 12.83
CA LYS C 55 -0.61 49.05 14.24
C LYS C 55 0.91 49.03 14.52
N ARG C 56 1.72 48.80 13.49
CA ARG C 56 3.17 48.85 13.61
C ARG C 56 3.78 49.37 12.31
N PRO C 57 4.97 49.99 12.38
CA PRO C 57 5.61 50.40 11.13
C PRO C 57 6.20 49.22 10.38
N PRO C 58 6.44 49.40 9.07
CA PRO C 58 7.10 48.33 8.32
C PRO C 58 8.46 48.03 8.92
N SER C 59 8.59 46.86 9.55
CA SER C 59 9.78 46.53 10.35
C SER C 59 10.61 45.50 9.63
N PRO C 60 11.95 45.62 9.68
CA PRO C 60 12.75 44.62 8.93
C PRO C 60 12.70 43.21 9.54
N ALA C 61 12.44 42.22 8.70
CA ALA C 61 12.34 40.85 9.14
C ALA C 61 13.59 40.04 8.71
N LEU C 62 14.05 40.24 7.48
CA LEU C 62 15.21 39.50 6.95
C LEU C 62 16.13 40.45 6.18
N TRP C 63 17.38 40.55 6.64
CA TRP C 63 18.38 41.41 6.01
C TRP C 63 19.54 40.53 5.53
N TRP C 64 19.62 40.34 4.21
CA TRP C 64 20.65 39.46 3.64
C TRP C 64 21.75 40.24 2.93
N VAL C 65 23.01 39.77 3.07
CA VAL C 65 24.16 40.37 2.37
C VAL C 65 25.19 39.29 1.98
N ASN C 66 25.86 39.51 0.85
CA ASN C 66 26.80 38.50 0.32
C ASN C 66 28.28 38.86 0.50
N GLY C 67 28.54 40.10 0.95
CA GLY C 67 29.90 40.60 1.22
C GLY C 67 30.55 41.28 0.03
N LYS C 68 29.89 41.19 -1.12
CA LYS C 68 30.40 41.73 -2.37
C LYS C 68 29.58 42.92 -2.83
N GLY C 69 28.94 43.64 -1.90
CA GLY C 69 28.17 44.85 -2.23
C GLY C 69 26.69 44.60 -2.52
N LYS C 70 26.27 43.34 -2.45
CA LYS C 70 24.87 43.01 -2.70
C LYS C 70 24.17 42.83 -1.37
N GLU C 71 22.99 43.46 -1.26
CA GLU C 71 22.17 43.35 -0.05
C GLU C 71 20.69 43.35 -0.43
N LEU C 72 19.88 42.69 0.39
CA LEU C 72 18.44 42.58 0.15
CA LEU C 72 18.45 42.53 0.16
C LEU C 72 17.73 42.61 1.50
N MET C 73 16.48 43.06 1.51
CA MET C 73 15.75 43.22 2.78
C MET C 73 14.23 43.12 2.65
N TRP C 74 13.63 42.43 3.61
CA TRP C 74 12.21 42.16 3.61
C TRP C 74 11.65 42.64 4.92
N ASN C 75 10.59 43.44 4.87
CA ASN C 75 9.82 43.72 6.07
C ASN C 75 8.91 42.53 6.30
N PHE C 76 8.14 42.51 7.38
CA PHE C 76 7.32 41.32 7.69
C PHE C 76 6.24 41.05 6.65
N ARG C 77 5.60 42.11 6.18
CA ARG C 77 4.60 41.93 5.16
C ARG C 77 5.20 41.26 3.89
N GLU C 78 6.31 41.82 3.41
CA GLU C 78 6.97 41.30 2.20
C GLU C 78 7.37 39.85 2.44
N LEU C 79 7.88 39.56 3.63
CA LEU C 79 8.27 38.20 3.98
C LEU C 79 7.08 37.24 3.92
N SER C 80 5.92 37.66 4.44
CA SER C 80 4.73 36.86 4.34
C SER C 80 4.33 36.65 2.86
N GLU C 81 4.17 37.75 2.14
CA GLU C 81 3.77 37.66 0.74
C GLU C 81 4.68 36.72 -0.10
N ASN C 82 5.99 36.95 0.00
N ASN C 82 6.00 36.93 -0.02
CA ASN C 82 6.97 36.21 -0.78
CA ASN C 82 6.93 36.16 -0.85
C ASN C 82 6.99 34.74 -0.41
C ASN C 82 7.00 34.71 -0.41
N SER C 83 6.79 34.45 0.88
CA SER C 83 6.80 33.08 1.39
C SER C 83 5.53 32.32 0.99
N GLN C 84 4.45 33.07 0.77
CA GLN C 84 3.22 32.45 0.24
C GLN C 84 3.48 32.04 -1.19
N GLN C 85 4.00 32.96 -1.99
CA GLN C 85 4.46 32.62 -3.34
C GLN C 85 5.27 31.32 -3.31
N ALA C 86 6.17 31.22 -2.35
CA ALA C 86 6.96 30.01 -2.14
C ALA C 86 6.10 28.77 -1.91
N ALA C 87 5.10 28.87 -1.05
CA ALA C 87 4.22 27.74 -0.78
C ALA C 87 3.39 27.37 -2.02
N ASN C 88 2.97 28.40 -2.77
CA ASN C 88 2.26 28.20 -4.03
C ASN C 88 3.13 27.47 -5.04
N VAL C 89 4.40 27.86 -5.13
CA VAL C 89 5.33 27.18 -6.03
C VAL C 89 5.43 25.70 -5.67
N LEU C 90 5.47 25.40 -4.37
CA LEU C 90 5.68 24.04 -3.89
C LEU C 90 4.46 23.15 -3.98
N SER C 91 3.30 23.70 -3.63
CA SER C 91 2.06 22.94 -3.64
C SER C 91 1.23 23.17 -4.91
N GLY C 92 1.45 24.32 -5.56
CA GLY C 92 0.81 24.61 -6.84
C GLY C 92 1.66 24.06 -7.99
N ALA C 93 2.60 24.87 -8.47
CA ALA C 93 3.40 24.53 -9.65
C ALA C 93 4.03 23.12 -9.55
N CYS C 94 4.52 22.73 -8.36
CA CYS C 94 5.11 21.39 -8.18
C CYS C 94 4.11 20.33 -7.68
N GLY C 95 2.93 20.76 -7.24
CA GLY C 95 1.91 19.84 -6.78
C GLY C 95 2.34 18.93 -5.64
N LEU C 96 3.22 19.42 -4.75
CA LEU C 96 3.59 18.64 -3.57
C LEU C 96 2.43 18.65 -2.60
N GLN C 97 2.24 17.52 -1.92
CA GLN C 97 1.07 17.31 -1.07
C GLN C 97 1.44 17.27 0.41
N ARG C 98 0.49 17.65 1.24
CA ARG C 98 0.67 17.61 2.67
C ARG C 98 1.28 16.30 3.06
N GLY C 99 2.35 16.36 3.84
CA GLY C 99 3.06 15.16 4.30
C GLY C 99 4.26 14.79 3.44
N ASP C 100 4.32 15.30 2.22
CA ASP C 100 5.43 15.01 1.34
C ASP C 100 6.69 15.60 1.93
N ARG C 101 7.78 14.85 1.76
CA ARG C 101 9.08 15.19 2.31
C ARG C 101 9.93 15.94 1.30
N VAL C 102 10.43 17.11 1.69
CA VAL C 102 11.19 18.01 0.82
C VAL C 102 12.63 18.27 1.34
N ALA C 103 13.59 17.68 0.65
CA ALA C 103 15.00 17.91 0.96
C ALA C 103 15.35 19.33 0.60
N VAL C 104 16.10 20.00 1.47
CA VAL C 104 16.55 21.36 1.21
C VAL C 104 18.05 21.47 1.42
N VAL C 105 18.76 21.76 0.34
CA VAL C 105 20.21 21.84 0.34
C VAL C 105 20.62 23.14 -0.35
N LEU C 106 20.69 24.21 0.44
CA LEU C 106 21.01 25.53 -0.06
C LEU C 106 22.09 26.26 0.78
N PRO C 107 22.83 27.16 0.14
CA PRO C 107 23.72 28.04 0.87
C PRO C 107 22.95 29.18 1.55
N ARG C 108 23.69 30.03 2.26
CA ARG C 108 23.09 31.10 3.05
C ARG C 108 22.58 32.17 2.12
N VAL C 109 21.42 31.88 1.53
CA VAL C 109 20.73 32.80 0.62
C VAL C 109 19.28 32.89 1.06
N PRO C 110 18.60 33.98 0.72
CA PRO C 110 17.28 34.21 1.29
C PRO C 110 16.26 33.12 0.95
N GLU C 111 16.46 32.49 -0.20
CA GLU C 111 15.50 31.48 -0.66
C GLU C 111 15.31 30.33 0.33
N TRP C 112 16.36 30.02 1.10
CA TRP C 112 16.28 28.98 2.12
C TRP C 112 15.17 29.30 3.11
N TRP C 113 15.20 30.53 3.62
CA TRP C 113 14.23 30.98 4.59
C TRP C 113 12.86 30.94 3.93
N LEU C 114 12.82 31.35 2.67
CA LEU C 114 11.56 31.35 1.94
C LEU C 114 11.01 29.92 1.76
N VAL C 115 11.87 28.99 1.31
CA VAL C 115 11.44 27.60 1.06
C VAL C 115 10.92 26.96 2.35
N ILE C 116 11.64 27.21 3.45
CA ILE C 116 11.27 26.60 4.73
C ILE C 116 9.91 27.13 5.16
N LEU C 117 9.73 28.46 5.14
CA LEU C 117 8.42 29.05 5.41
C LEU C 117 7.36 28.44 4.48
N GLY C 118 7.69 28.30 3.19
CA GLY C 118 6.78 27.72 2.20
C GLY C 118 6.31 26.33 2.60
N CYS C 119 7.25 25.50 3.05
CA CYS C 119 6.92 24.14 3.48
C CYS C 119 5.97 24.15 4.66
N ILE C 120 6.27 25.00 5.64
CA ILE C 120 5.47 25.08 6.85
C ILE C 120 4.06 25.47 6.49
N ARG C 121 3.93 26.40 5.54
CA ARG C 121 2.62 26.84 5.06
C ARG C 121 1.86 25.74 4.34
N ALA C 122 2.57 25.00 3.48
CA ALA C 122 1.96 23.98 2.63
C ALA C 122 1.79 22.63 3.32
N GLY C 123 2.19 22.53 4.58
CA GLY C 123 2.14 21.27 5.32
C GLY C 123 3.13 20.25 4.80
N LEU C 124 4.27 20.71 4.28
CA LEU C 124 5.31 19.86 3.70
C LEU C 124 6.45 19.62 4.68
N ILE C 125 6.95 18.39 4.74
CA ILE C 125 8.00 18.07 5.72
C ILE C 125 9.35 18.51 5.16
N PHE C 126 9.98 19.50 5.80
CA PHE C 126 11.29 19.97 5.32
C PHE C 126 12.48 19.22 5.96
N MET C 127 13.50 18.98 5.17
CA MET C 127 14.62 18.14 5.59
C MET C 127 15.88 18.85 5.13
N PRO C 128 16.44 19.72 5.98
CA PRO C 128 17.62 20.44 5.56
C PRO C 128 18.86 19.58 5.64
N GLY C 129 19.85 19.92 4.81
CA GLY C 129 21.15 19.27 4.78
C GLY C 129 22.17 20.26 4.26
N THR C 130 23.45 20.02 4.57
CA THR C 130 24.52 20.97 4.22
C THR C 130 24.86 20.91 2.73
N ILE C 131 25.19 22.08 2.15
CA ILE C 131 25.59 22.14 0.75
CA ILE C 131 25.61 22.19 0.75
C ILE C 131 26.96 21.49 0.51
N GLN C 132 27.68 21.20 1.59
CA GLN C 132 28.96 20.49 1.53
C GLN C 132 28.80 19.03 1.10
N MET C 133 27.55 18.57 1.06
CA MET C 133 27.24 17.15 0.84
C MET C 133 27.70 16.65 -0.52
N LYS C 134 28.20 15.42 -0.53
CA LYS C 134 28.62 14.74 -1.74
C LYS C 134 27.51 13.82 -2.15
N SER C 135 27.69 13.15 -3.28
CA SER C 135 26.61 12.41 -3.94
C SER C 135 26.14 11.22 -3.15
N THR C 136 27.08 10.46 -2.58
CA THR C 136 26.68 9.33 -1.71
C THR C 136 25.89 9.83 -0.48
N ASP C 137 26.23 10.99 0.06
CA ASP C 137 25.47 11.52 1.19
C ASP C 137 24.05 11.73 0.75
N ILE C 138 23.89 12.33 -0.42
CA ILE C 138 22.59 12.67 -0.94
C ILE C 138 21.78 11.43 -1.32
N LEU C 139 22.42 10.41 -1.87
CA LEU C 139 21.72 9.14 -2.15
C LEU C 139 21.11 8.55 -0.86
N TYR C 140 21.94 8.39 0.16
CA TYR C 140 21.50 7.86 1.44
C TYR C 140 20.28 8.61 1.90
N ARG C 141 20.36 9.94 1.94
CA ARG C 141 19.28 10.74 2.51
CA ARG C 141 19.28 10.78 2.48
C ARG C 141 17.97 10.60 1.70
N LEU C 142 18.03 10.81 0.41
CA LEU C 142 16.85 10.72 -0.43
C LEU C 142 16.17 9.34 -0.40
N GLN C 143 16.97 8.28 -0.37
CA GLN C 143 16.46 6.92 -0.42
C GLN C 143 15.80 6.54 0.88
N MET C 144 16.47 6.85 1.98
CA MET C 144 15.97 6.56 3.32
C MET C 144 14.70 7.31 3.59
N SER C 145 14.66 8.57 3.20
CA SER C 145 13.52 9.44 3.49
C SER C 145 12.36 9.18 2.53
N LYS C 146 12.67 8.68 1.34
CA LYS C 146 11.73 8.60 0.22
C LYS C 146 11.18 9.98 -0.13
N ALA C 147 12.10 10.95 -0.19
CA ALA C 147 11.76 12.32 -0.47
C ALA C 147 11.05 12.39 -1.82
N LYS C 148 9.98 13.16 -1.87
CA LYS C 148 9.28 13.48 -3.12
C LYS C 148 9.87 14.66 -3.88
N ALA C 149 10.70 15.47 -3.23
CA ALA C 149 11.26 16.66 -3.85
C ALA C 149 12.61 17.05 -3.26
N ILE C 150 13.37 17.82 -4.04
CA ILE C 150 14.60 18.46 -3.55
C ILE C 150 14.71 19.91 -4.03
N VAL C 151 15.09 20.81 -3.14
CA VAL C 151 15.42 22.17 -3.51
C VAL C 151 16.91 22.38 -3.29
N ALA C 152 17.63 22.70 -4.36
CA ALA C 152 19.08 22.72 -4.29
C ALA C 152 19.66 23.92 -5.00
N GLY C 153 20.94 24.16 -4.74
CA GLY C 153 21.68 25.23 -5.41
C GLY C 153 22.84 24.73 -6.24
N ASP C 154 23.46 25.66 -6.96
CA ASP C 154 24.55 25.35 -7.90
C ASP C 154 25.60 24.44 -7.31
N GLU C 155 25.91 24.64 -6.03
CA GLU C 155 26.96 23.91 -5.37
CA GLU C 155 27.01 23.90 -5.42
C GLU C 155 26.80 22.38 -5.52
N VAL C 156 25.55 21.90 -5.40
CA VAL C 156 25.27 20.45 -5.37
C VAL C 156 24.51 19.84 -6.55
N ILE C 157 24.11 20.63 -7.55
CA ILE C 157 23.34 20.09 -8.72
C ILE C 157 23.95 18.86 -9.36
N GLN C 158 25.26 18.87 -9.57
CA GLN C 158 25.92 17.78 -10.25
C GLN C 158 25.91 16.53 -9.38
N GLU C 159 26.16 16.73 -8.09
CA GLU C 159 26.10 15.63 -7.10
C GLU C 159 24.72 14.94 -7.05
N VAL C 160 23.65 15.75 -7.08
CA VAL C 160 22.29 15.23 -7.05
C VAL C 160 22.06 14.44 -8.31
N ASP C 161 22.38 15.06 -9.44
CA ASP C 161 22.20 14.45 -10.74
C ASP C 161 22.96 13.13 -10.92
N THR C 162 24.09 12.97 -10.26
CA THR C 162 24.82 11.70 -10.31
C THR C 162 24.02 10.53 -9.76
N VAL C 163 23.16 10.77 -8.78
CA VAL C 163 22.45 9.68 -8.09
C VAL C 163 20.91 9.71 -8.20
N ALA C 164 20.36 10.76 -8.82
CA ALA C 164 18.91 11.07 -8.81
C ALA C 164 18.04 10.00 -9.42
N SER C 165 18.58 9.31 -10.43
CA SER C 165 17.83 8.23 -11.12
C SER C 165 17.61 7.01 -10.22
N GLU C 166 18.50 6.78 -9.28
CA GLU C 166 18.32 5.70 -8.32
C GLU C 166 17.37 6.02 -7.17
N CYS C 167 16.61 7.12 -7.27
CA CYS C 167 15.67 7.54 -6.21
C CYS C 167 14.22 7.60 -6.71
N PRO C 168 13.54 6.45 -6.70
CA PRO C 168 12.24 6.31 -7.34
C PRO C 168 11.22 7.32 -6.86
N SER C 169 11.23 7.64 -5.57
CA SER C 169 10.24 8.56 -5.01
C SER C 169 10.46 10.00 -5.43
N LEU C 170 11.68 10.33 -5.83
CA LEU C 170 12.00 11.71 -6.17
C LEU C 170 11.28 12.13 -7.45
N ARG C 171 10.33 13.05 -7.30
CA ARG C 171 9.47 13.48 -8.42
C ARG C 171 9.71 14.94 -8.82
N ILE C 172 10.26 15.75 -7.92
CA ILE C 172 10.43 17.19 -8.17
C ILE C 172 11.85 17.66 -7.83
N LYS C 173 12.46 18.39 -8.77
CA LYS C 173 13.78 18.98 -8.57
C LYS C 173 13.72 20.48 -8.83
N LEU C 174 13.78 21.28 -7.78
CA LEU C 174 13.81 22.74 -7.90
C LEU C 174 15.24 23.26 -7.79
N LEU C 175 15.66 24.12 -8.70
CA LEU C 175 16.99 24.72 -8.61
C LEU C 175 16.90 26.20 -8.34
N VAL C 176 17.64 26.68 -7.34
CA VAL C 176 17.73 28.10 -6.98
C VAL C 176 19.06 28.64 -7.49
N SER C 177 19.01 29.44 -8.55
CA SER C 177 20.24 29.76 -9.31
C SER C 177 19.99 30.80 -10.37
N GLU C 178 20.99 31.64 -10.64
CA GLU C 178 20.91 32.60 -11.72
C GLU C 178 20.91 31.95 -13.10
N LYS C 179 21.43 30.72 -13.17
CA LYS C 179 21.38 29.90 -14.40
C LYS C 179 20.22 28.92 -14.39
N SER C 180 19.67 28.64 -15.56
CA SER C 180 18.69 27.57 -15.73
C SER C 180 19.41 26.25 -16.07
N CYS C 181 18.70 25.13 -15.89
CA CYS C 181 19.30 23.81 -16.07
C CYS C 181 18.31 22.74 -16.48
N ASP C 182 18.77 21.82 -17.34
CA ASP C 182 17.87 20.95 -18.11
C ASP C 182 17.44 19.72 -17.29
N GLY C 183 16.32 19.84 -16.59
CA GLY C 183 15.82 18.75 -15.74
C GLY C 183 15.35 19.28 -14.41
N TRP C 184 15.71 20.54 -14.15
CA TRP C 184 15.45 21.20 -12.93
C TRP C 184 14.49 22.31 -13.23
N LEU C 185 13.50 22.49 -12.35
CA LEU C 185 12.56 23.59 -12.44
C LEU C 185 13.18 24.86 -11.86
N ASN C 186 12.99 25.99 -12.53
CA ASN C 186 13.64 27.23 -12.08
C ASN C 186 12.83 27.93 -10.96
N PHE C 187 13.36 27.86 -9.76
CA PHE C 187 12.63 28.26 -8.57
C PHE C 187 12.34 29.76 -8.52
N LYS C 188 13.38 30.55 -8.82
CA LYS C 188 13.23 32.00 -8.84
C LYS C 188 12.13 32.41 -9.85
N LYS C 189 12.20 31.86 -11.05
CA LYS C 189 11.25 32.21 -12.14
C LYS C 189 9.82 31.92 -11.69
N LEU C 190 9.60 30.71 -11.17
CA LEU C 190 8.27 30.26 -10.68
C LEU C 190 7.76 31.06 -9.49
N LEU C 191 8.66 31.49 -8.61
CA LEU C 191 8.29 32.29 -7.45
C LEU C 191 7.70 33.62 -7.91
N ASN C 192 8.35 34.26 -8.89
CA ASN C 192 7.86 35.54 -9.40
C ASN C 192 6.50 35.44 -10.02
N GLU C 193 6.20 34.26 -10.57
CA GLU C 193 4.92 34.01 -11.21
C GLU C 193 3.82 33.57 -10.21
N ALA C 194 4.25 33.01 -9.08
CA ALA C 194 3.28 32.49 -8.09
C ALA C 194 2.46 33.63 -7.46
N SER C 195 1.29 33.29 -6.91
CA SER C 195 0.40 34.27 -6.29
C SER C 195 0.87 34.60 -4.87
N THR C 196 0.70 35.86 -4.44
CA THR C 196 1.09 36.24 -3.07
C THR C 196 0.06 35.86 -2.01
N THR C 197 -1.03 35.22 -2.42
CA THR C 197 -1.96 34.64 -1.48
C THR C 197 -1.81 33.14 -1.47
N HIS C 198 -1.69 32.59 -0.26
CA HIS C 198 -1.71 31.15 -0.05
C HIS C 198 -2.36 30.86 1.26
N HIS C 199 -3.35 29.97 1.23
CA HIS C 199 -4.11 29.61 2.41
C HIS C 199 -3.38 28.55 3.22
N CYS C 200 -2.89 28.98 4.38
CA CYS C 200 -2.07 28.16 5.25
C CYS C 200 -2.82 26.91 5.72
N VAL C 201 -2.17 25.76 5.56
CA VAL C 201 -2.75 24.49 5.97
C VAL C 201 -2.94 24.50 7.50
N GLU C 202 -4.12 24.04 7.93
CA GLU C 202 -4.40 23.94 9.36
C GLU C 202 -3.66 22.74 9.94
N THR C 203 -2.35 22.91 10.10
CA THR C 203 -1.47 21.84 10.56
C THR C 203 -1.65 21.54 12.06
N GLY C 204 -1.59 20.26 12.40
CA GLY C 204 -1.74 19.79 13.79
C GLY C 204 -0.47 20.01 14.57
N SER C 205 -0.60 20.13 15.90
CA SER C 205 0.54 20.36 16.81
C SER C 205 1.59 19.24 16.78
N GLN C 206 1.10 18.02 16.61
CA GLN C 206 1.93 16.83 16.69
C GLN C 206 2.32 16.34 15.28
N GLU C 207 1.79 17.02 14.28
CA GLU C 207 2.00 16.61 12.90
C GLU C 207 3.44 16.88 12.48
N ALA C 208 4.06 15.93 11.78
CA ALA C 208 5.45 16.11 11.36
C ALA C 208 5.61 17.43 10.59
N SER C 209 6.66 18.17 10.91
CA SER C 209 7.00 19.40 10.19
C SER C 209 8.35 19.34 9.52
N ALA C 210 9.30 18.64 10.14
CA ALA C 210 10.67 18.55 9.61
C ALA C 210 11.35 17.28 10.04
N ILE C 211 12.29 16.81 9.22
CA ILE C 211 13.17 15.69 9.54
C ILE C 211 14.62 16.13 9.42
N TYR C 212 15.37 15.98 10.49
CA TYR C 212 16.78 16.30 10.46
C TYR C 212 17.56 15.00 10.58
N PHE C 213 18.47 14.77 9.63
CA PHE C 213 19.36 13.63 9.71
C PHE C 213 20.45 13.88 10.74
N THR C 214 20.61 12.94 11.68
CA THR C 214 21.57 13.16 12.76
C THR C 214 22.44 11.91 13.04
N SER C 215 23.74 12.15 13.22
CA SER C 215 24.75 11.10 13.34
C SER C 215 24.65 10.31 14.65
N GLY C 216 25.01 9.03 14.55
CA GLY C 216 24.88 8.10 15.66
C GLY C 216 26.22 7.52 16.05
N THR C 217 26.25 6.91 17.24
CA THR C 217 27.49 6.40 17.87
C THR C 217 28.14 5.27 17.05
N SER C 218 27.33 4.60 16.26
CA SER C 218 27.81 3.80 15.17
C SER C 218 26.73 3.83 14.06
N GLY C 219 27.07 3.24 12.92
CA GLY C 219 26.18 3.24 11.75
C GLY C 219 26.00 4.63 11.13
N LEU C 220 24.99 4.75 10.28
CA LEU C 220 24.75 5.96 9.48
C LEU C 220 23.55 6.77 10.04
N PRO C 221 23.46 8.06 9.69
CA PRO C 221 22.54 9.00 10.32
C PRO C 221 21.09 8.54 10.39
N LYS C 222 20.46 8.80 11.53
CA LYS C 222 19.05 8.53 11.70
C LYS C 222 18.21 9.79 11.39
N MET C 223 16.91 9.60 11.18
CA MET C 223 16.01 10.70 10.84
C MET C 223 15.25 11.19 12.09
N ALA C 224 15.67 12.32 12.64
CA ALA C 224 14.99 12.88 13.82
C ALA C 224 13.80 13.70 13.32
N GLU C 225 12.59 13.29 13.70
CA GLU C 225 11.34 13.97 13.30
C GLU C 225 10.88 14.98 14.34
N HIS C 226 10.55 16.18 13.89
CA HIS C 226 10.00 17.23 14.76
C HIS C 226 8.60 17.61 14.28
N SER C 227 7.78 18.05 15.22
CA SER C 227 6.42 18.48 14.91
C SER C 227 6.34 19.98 14.74
N TYR C 228 5.18 20.46 14.34
CA TYR C 228 4.92 21.91 14.23
C TYR C 228 5.05 22.65 15.58
N SER C 229 4.80 21.93 16.67
CA SER C 229 4.85 22.52 18.01
C SER C 229 6.22 22.33 18.68
N SER C 230 6.88 21.22 18.35
CA SER C 230 8.21 20.96 18.90
C SER C 230 9.25 22.00 18.46
N LEU C 231 9.05 22.60 17.29
CA LEU C 231 9.89 23.69 16.83
C LEU C 231 9.19 25.06 17.08
N GLY C 232 8.06 25.28 16.44
CA GLY C 232 7.42 26.60 16.45
C GLY C 232 6.84 27.08 17.78
N LEU C 233 6.09 26.22 18.45
CA LEU C 233 5.47 26.59 19.70
C LEU C 233 6.57 26.73 20.76
N LYS C 234 7.52 25.79 20.75
CA LYS C 234 8.67 25.83 21.64
C LYS C 234 9.40 27.15 21.49
N ALA C 235 9.71 27.52 20.25
CA ALA C 235 10.42 28.78 19.95
C ALA C 235 9.61 29.99 20.42
N LYS C 236 8.30 29.93 20.25
CA LYS C 236 7.43 31.02 20.72
C LYS C 236 7.52 31.16 22.24
N MET C 237 7.53 30.04 22.94
CA MET C 237 7.62 30.04 24.42
C MET C 237 8.97 30.50 24.94
N ASP C 238 10.03 30.17 24.18
CA ASP C 238 11.40 30.59 24.51
C ASP C 238 11.71 31.98 23.98
N ALA C 239 10.77 32.60 23.26
CA ALA C 239 11.07 33.83 22.53
C ALA C 239 11.72 34.84 23.45
N GLY C 240 12.95 35.22 23.10
CA GLY C 240 13.68 36.23 23.87
C GLY C 240 14.80 35.69 24.72
N TRP C 241 14.95 34.37 24.74
CA TRP C 241 15.98 33.73 25.57
C TRP C 241 17.39 34.19 25.25
N THR C 242 17.60 34.63 24.02
CA THR C 242 18.90 35.11 23.58
C THR C 242 19.20 36.55 23.99
N GLY C 243 18.25 37.19 24.67
CA GLY C 243 18.40 38.61 25.05
C GLY C 243 17.76 39.52 24.00
N LEU C 244 17.58 38.98 22.78
CA LEU C 244 17.00 39.74 21.68
C LEU C 244 15.67 40.43 22.04
N GLN C 245 15.31 41.47 21.27
CA GLN C 245 14.06 42.26 21.45
C GLN C 245 13.43 42.71 20.14
N ALA C 246 12.18 43.16 20.24
CA ALA C 246 11.33 43.40 19.07
C ALA C 246 11.97 44.26 17.98
N SER C 247 12.69 45.30 18.35
CA SER C 247 13.31 46.19 17.33
C SER C 247 14.84 45.97 17.15
N ASP C 248 15.32 44.76 17.42
CA ASP C 248 16.73 44.44 17.29
C ASP C 248 17.00 43.59 16.07
N ILE C 249 18.29 43.42 15.78
CA ILE C 249 18.78 42.59 14.70
C ILE C 249 19.64 41.46 15.27
N MET C 250 19.32 40.21 14.93
CA MET C 250 20.16 39.09 15.33
C MET C 250 20.88 38.43 14.18
N TRP C 251 22.14 38.10 14.40
CA TRP C 251 22.94 37.40 13.41
C TRP C 251 23.37 36.02 13.91
N THR C 252 22.55 35.02 13.62
CA THR C 252 22.97 33.65 13.86
C THR C 252 23.93 33.26 12.75
N ILE C 253 25.09 32.73 13.12
CA ILE C 253 26.06 32.21 12.16
C ILE C 253 25.96 30.70 12.17
N SER C 254 25.36 30.14 11.11
CA SER C 254 25.03 28.70 11.07
C SER C 254 25.01 28.16 9.65
N ASP C 255 25.51 26.93 9.48
CA ASP C 255 25.22 26.09 8.34
C ASP C 255 23.71 25.94 8.28
N THR C 256 23.14 26.13 7.11
CA THR C 256 21.69 26.03 6.94
C THR C 256 21.11 24.64 7.27
N GLY C 257 21.95 23.60 7.21
CA GLY C 257 21.53 22.24 7.54
C GLY C 257 21.53 21.91 9.03
N TRP C 258 21.97 22.86 9.86
CA TRP C 258 21.91 22.69 11.31
CA TRP C 258 21.91 22.69 11.29
C TRP C 258 20.51 23.06 11.79
N ILE C 259 20.04 22.38 12.83
CA ILE C 259 18.78 22.79 13.49
C ILE C 259 18.90 24.16 14.15
N LEU C 260 20.13 24.59 14.42
CA LEU C 260 20.38 25.93 14.96
C LEU C 260 19.70 26.93 14.05
N ASN C 261 19.80 26.72 12.73
CA ASN C 261 19.36 27.70 11.76
C ASN C 261 17.86 27.93 11.81
N ILE C 262 17.11 26.88 12.11
CA ILE C 262 15.66 27.01 12.21
C ILE C 262 15.24 27.65 13.55
N LEU C 263 15.89 27.27 14.64
CA LEU C 263 15.47 27.71 15.97
C LEU C 263 15.95 29.13 16.29
N CYS C 264 17.16 29.47 15.86
CA CYS C 264 17.75 30.76 16.17
CA CYS C 264 17.75 30.75 16.18
C CYS C 264 17.70 31.74 15.01
N SER C 265 18.13 31.32 13.83
CA SER C 265 18.18 32.23 12.70
C SER C 265 16.79 32.62 12.17
N LEU C 266 15.81 31.75 12.37
CA LEU C 266 14.47 31.98 11.82
C LEU C 266 13.41 32.23 12.91
N MET C 267 13.25 31.29 13.83
CA MET C 267 12.09 31.32 14.71
C MET C 267 12.21 32.31 15.88
N GLU C 268 13.35 32.29 16.56
CA GLU C 268 13.60 33.22 17.67
C GLU C 268 13.28 34.68 17.33
N PRO C 269 14.01 35.28 16.35
CA PRO C 269 13.73 36.69 16.04
C PRO C 269 12.27 36.92 15.63
N TRP C 270 11.75 36.03 14.79
CA TRP C 270 10.42 36.24 14.21
C TRP C 270 9.26 35.99 15.19
N ALA C 271 9.53 35.27 16.28
CA ALA C 271 8.60 35.17 17.40
C ALA C 271 8.47 36.56 18.05
N LEU C 272 9.57 37.30 18.08
CA LEU C 272 9.63 38.61 18.75
C LEU C 272 9.26 39.77 17.80
N GLY C 273 9.20 39.50 16.50
CA GLY C 273 9.08 40.56 15.50
C GLY C 273 10.42 41.25 15.25
N ALA C 274 11.51 40.57 15.64
CA ALA C 274 12.87 41.11 15.45
C ALA C 274 13.35 40.83 14.05
N CYS C 275 14.46 41.43 13.68
CA CYS C 275 15.06 41.18 12.37
C CYS C 275 16.16 40.13 12.47
N THR C 276 16.22 39.25 11.48
CA THR C 276 17.29 38.28 11.41
C THR C 276 18.28 38.73 10.33
N PHE C 277 19.57 38.68 10.64
CA PHE C 277 20.62 39.05 9.70
C PHE C 277 21.27 37.79 9.12
N VAL C 278 21.53 37.78 7.80
CA VAL C 278 22.19 36.64 7.14
C VAL C 278 23.31 37.09 6.22
N HIS C 279 24.50 36.53 6.43
CA HIS C 279 25.66 36.79 5.54
C HIS C 279 26.02 35.51 4.77
N LEU C 280 26.14 35.61 3.45
CA LEU C 280 26.48 34.46 2.64
C LEU C 280 27.71 33.75 3.16
N LEU C 281 28.69 34.53 3.57
CA LEU C 281 29.91 33.99 4.18
C LEU C 281 30.47 32.84 3.36
N PRO C 282 30.68 33.05 2.05
CA PRO C 282 31.06 31.89 1.27
C PRO C 282 32.30 31.15 1.79
N LYS C 283 33.26 31.85 2.38
CA LYS C 283 34.55 31.23 2.74
C LYS C 283 34.87 31.20 4.24
N PHE C 284 33.88 31.38 5.09
CA PHE C 284 34.07 31.38 6.55
C PHE C 284 35.27 32.14 7.12
N ASP C 285 35.43 33.37 6.67
CA ASP C 285 36.61 34.17 6.97
C ASP C 285 36.38 35.04 8.23
N PRO C 286 37.20 34.84 9.28
CA PRO C 286 37.04 35.60 10.52
C PRO C 286 37.07 37.11 10.31
N LEU C 287 37.94 37.57 9.43
CA LEU C 287 38.07 39.00 9.20
C LEU C 287 36.76 39.54 8.62
N VAL C 288 36.09 38.71 7.83
CA VAL C 288 34.84 39.10 7.22
C VAL C 288 33.78 39.22 8.30
N ILE C 289 33.71 38.19 9.15
CA ILE C 289 32.78 38.21 10.29
C ILE C 289 32.98 39.47 11.11
N LEU C 290 34.25 39.81 11.36
CA LEU C 290 34.58 40.93 12.23
C LEU C 290 34.17 42.28 11.62
N LYS C 291 34.51 42.48 10.34
CA LYS C 291 34.08 43.68 9.59
C LYS C 291 32.56 43.86 9.59
N THR C 292 31.85 42.74 9.46
CA THR C 292 30.39 42.75 9.42
C THR C 292 29.76 43.14 10.74
N LEU C 293 30.33 42.62 11.84
CA LEU C 293 29.89 42.99 13.19
C LEU C 293 30.07 44.48 13.43
N SER C 294 31.22 44.98 12.95
CA SER C 294 31.66 46.37 13.10
C SER C 294 30.82 47.33 12.25
N SER C 295 30.53 46.93 11.02
CA SER C 295 29.94 47.81 10.02
C SER C 295 28.41 47.87 10.07
N TYR C 296 27.78 46.80 10.57
CA TYR C 296 26.32 46.72 10.63
C TYR C 296 25.83 46.82 12.09
N PRO C 297 24.64 47.41 12.31
CA PRO C 297 24.05 47.48 13.65
C PRO C 297 23.48 46.16 14.21
N ILE C 298 24.29 45.11 14.25
CA ILE C 298 23.88 43.87 14.86
C ILE C 298 23.87 44.04 16.38
N LYS C 299 22.75 43.70 16.99
CA LYS C 299 22.60 43.79 18.43
C LYS C 299 22.86 42.46 19.14
N SER C 300 22.34 41.38 18.59
CA SER C 300 22.67 40.03 19.10
C SER C 300 23.37 39.21 18.04
N MET C 301 24.36 38.44 18.47
CA MET C 301 24.97 37.42 17.63
C MET C 301 24.97 36.05 18.33
N MET C 302 24.77 34.99 17.53
CA MET C 302 24.87 33.63 18.03
C MET C 302 25.82 32.94 17.12
N GLY C 303 26.62 32.03 17.66
CA GLY C 303 27.54 31.24 16.84
C GLY C 303 28.26 30.21 17.69
N ALA C 304 28.77 29.14 17.04
CA ALA C 304 29.51 28.10 17.76
C ALA C 304 30.77 28.71 18.37
N PRO C 305 31.23 28.17 19.52
CA PRO C 305 32.37 28.71 20.20
C PRO C 305 33.57 28.99 19.28
N ILE C 306 33.77 28.11 18.30
CA ILE C 306 34.89 28.23 17.38
C ILE C 306 34.92 29.62 16.74
N VAL C 307 33.75 30.15 16.43
CA VAL C 307 33.65 31.50 15.87
C VAL C 307 34.29 32.54 16.80
N TYR C 308 33.92 32.52 18.08
CA TYR C 308 34.47 33.48 19.03
C TYR C 308 35.98 33.28 19.20
N ARG C 309 36.42 32.02 19.10
CA ARG C 309 37.84 31.70 19.23
C ARG C 309 38.64 32.27 18.06
N MET C 310 38.08 32.14 16.85
CA MET C 310 38.73 32.69 15.67
C MET C 310 38.81 34.21 15.74
N LEU C 311 37.72 34.83 16.15
CA LEU C 311 37.66 36.29 16.25
C LEU C 311 38.67 36.82 17.25
N LEU C 312 38.95 36.06 18.30
CA LEU C 312 39.92 36.52 19.34
C LEU C 312 41.33 36.56 18.77
N GLN C 313 41.58 35.70 17.78
CA GLN C 313 42.85 35.70 17.03
C GLN C 313 43.04 36.91 16.10
N GLN C 314 41.97 37.66 15.82
CA GLN C 314 42.07 38.87 15.01
C GLN C 314 42.40 40.09 15.91
N ASP C 315 42.77 41.22 15.31
CA ASP C 315 43.04 42.44 16.06
C ASP C 315 41.72 43.11 16.43
N LEU C 316 41.06 42.59 17.47
CA LEU C 316 39.79 43.13 17.96
C LEU C 316 39.91 44.64 18.26
N SER C 317 41.05 45.04 18.81
CA SER C 317 41.41 46.46 18.99
C SER C 317 40.91 47.37 17.85
N SER C 318 41.37 47.05 16.63
CA SER C 318 41.13 47.85 15.42
C SER C 318 39.64 48.06 15.07
N TYR C 319 38.87 46.97 15.12
CA TYR C 319 37.45 46.96 14.71
C TYR C 319 36.48 46.93 15.93
N LYS C 320 35.82 48.06 16.21
CA LYS C 320 34.92 48.17 17.38
C LYS C 320 33.43 48.13 17.02
N PHE C 321 32.62 47.55 17.91
CA PHE C 321 31.19 47.33 17.65
C PHE C 321 30.36 47.59 18.91
N PRO C 322 30.01 48.87 19.15
CA PRO C 322 29.37 49.30 20.40
C PRO C 322 27.93 48.84 20.51
N HIS C 323 27.29 48.73 19.36
CA HIS C 323 25.90 48.28 19.23
C HIS C 323 25.64 46.84 19.75
N LEU C 324 26.66 45.98 19.68
CA LEU C 324 26.52 44.59 20.12
C LEU C 324 26.29 44.50 21.63
N GLN C 325 25.24 43.78 22.01
CA GLN C 325 24.92 43.55 23.40
C GLN C 325 24.99 42.07 23.78
N ASN C 326 24.27 41.21 23.04
CA ASN C 326 24.14 39.80 23.39
C ASN C 326 24.98 38.89 22.51
N CYS C 327 25.89 38.16 23.13
CA CYS C 327 26.64 37.10 22.44
C CYS C 327 26.29 35.73 23.03
N VAL C 328 25.62 34.89 22.23
CA VAL C 328 25.29 33.54 22.69
C VAL C 328 26.07 32.51 21.91
N THR C 329 26.08 31.29 22.43
CA THR C 329 26.89 30.23 21.84
C THR C 329 26.34 28.85 22.20
N VAL C 330 26.55 27.89 21.30
CA VAL C 330 26.03 26.54 21.46
C VAL C 330 26.83 25.53 20.63
N GLY C 331 26.47 24.26 20.75
CA GLY C 331 27.01 23.19 19.87
C GLY C 331 28.42 22.71 20.23
N GLU C 332 28.89 23.12 21.41
CA GLU C 332 30.23 22.77 21.89
C GLU C 332 30.41 23.32 23.28
N SER C 333 31.41 22.80 24.00
CA SER C 333 31.65 23.23 25.37
C SER C 333 32.42 24.54 25.36
N LEU C 334 31.86 25.61 25.94
CA LEU C 334 32.56 26.89 26.01
C LEU C 334 33.66 26.82 27.08
N LEU C 335 34.91 27.02 26.66
CA LEU C 335 36.05 26.98 27.57
C LEU C 335 36.09 28.26 28.41
N PRO C 336 36.45 28.14 29.69
CA PRO C 336 36.57 29.34 30.55
C PRO C 336 37.53 30.37 29.99
N GLU C 337 38.55 29.89 29.29
CA GLU C 337 39.56 30.73 28.66
C GLU C 337 38.99 31.62 27.57
N THR C 338 38.09 31.04 26.79
CA THR C 338 37.45 31.77 25.71
C THR C 338 36.62 32.85 26.36
N LEU C 339 35.74 32.45 27.27
CA LEU C 339 34.83 33.37 27.92
C LEU C 339 35.60 34.56 28.44
N GLU C 340 36.63 34.27 29.23
CA GLU C 340 37.42 35.30 29.92
C GLU C 340 38.01 36.34 28.98
N ASN C 341 38.59 35.87 27.86
CA ASN C 341 39.20 36.76 26.84
C ASN C 341 38.18 37.65 26.13
N TRP C 342 37.11 37.02 25.66
CA TRP C 342 36.02 37.77 25.05
C TRP C 342 35.59 38.95 25.96
N ARG C 343 35.40 38.67 27.24
CA ARG C 343 35.12 39.70 28.25
C ARG C 343 36.22 40.78 28.23
N ALA C 344 37.47 40.33 28.37
CA ALA C 344 38.65 41.22 28.35
C ALA C 344 38.62 42.19 27.16
N GLN C 345 38.58 41.60 25.96
CA GLN C 345 38.74 42.34 24.69
C GLN C 345 37.50 43.14 24.28
N THR C 346 36.30 42.64 24.58
CA THR C 346 35.05 43.26 24.07
C THR C 346 34.13 43.86 25.17
N GLY C 347 34.38 43.53 26.43
CA GLY C 347 33.52 43.99 27.53
C GLY C 347 32.14 43.33 27.58
N LEU C 348 31.96 42.22 26.87
CA LEU C 348 30.67 41.52 26.78
C LEU C 348 30.82 40.10 27.31
N ASP C 349 29.73 39.57 27.82
CA ASP C 349 29.66 38.17 28.22
C ASP C 349 29.31 37.30 27.03
N ILE C 350 29.80 36.06 27.03
CA ILE C 350 29.28 35.03 26.13
C ILE C 350 28.38 34.11 26.93
N ARG C 351 27.11 33.98 26.52
CA ARG C 351 26.19 33.10 27.26
C ARG C 351 26.05 31.76 26.54
N GLU C 352 26.36 30.70 27.27
CA GLU C 352 26.37 29.35 26.72
C GLU C 352 24.94 28.78 26.75
N SER C 353 24.68 27.90 25.79
CA SER C 353 23.43 27.15 25.73
C SER C 353 23.74 25.75 25.24
N TYR C 354 22.80 24.83 25.46
CA TYR C 354 23.05 23.42 25.26
C TYR C 354 21.83 22.68 24.76
N GLY C 355 22.06 21.64 23.97
CA GLY C 355 20.98 20.78 23.48
C GLY C 355 21.43 19.81 22.40
N GLN C 356 20.47 19.22 21.71
CA GLN C 356 20.77 18.37 20.56
C GLN C 356 19.57 18.36 19.60
N THR C 357 19.80 17.93 18.37
CA THR C 357 18.75 17.83 17.37
C THR C 357 17.45 17.29 17.95
N GLU C 358 17.55 16.31 18.84
CA GLU C 358 16.38 15.61 19.34
C GLU C 358 15.60 16.40 20.38
N THR C 359 16.27 17.30 21.08
CA THR C 359 15.64 18.03 22.21
C THR C 359 15.54 19.54 22.05
N GLY C 360 16.29 20.11 21.11
CA GLY C 360 16.38 21.54 20.97
C GLY C 360 17.06 22.20 22.17
N LEU C 361 16.78 23.49 22.37
CA LEU C 361 17.33 24.27 23.48
C LEU C 361 16.94 23.67 24.81
N THR C 362 17.91 23.02 25.43
CA THR C 362 17.70 22.20 26.62
C THR C 362 18.07 22.95 27.88
N CYS C 363 19.29 23.46 27.93
CA CYS C 363 19.76 24.31 29.02
C CYS C 363 20.33 25.61 28.46
N MET C 364 20.32 26.65 29.29
CA MET C 364 21.05 27.86 28.94
C MET C 364 21.29 28.79 30.11
N VAL C 365 22.25 29.70 29.91
CA VAL C 365 22.43 30.90 30.73
C VAL C 365 21.57 32.01 30.10
N SER C 366 20.40 32.29 30.67
CA SER C 366 19.52 33.37 30.20
C SER C 366 20.13 34.72 30.53
N LYS C 367 19.57 35.79 29.96
CA LYS C 367 20.19 37.12 30.06
C LYS C 367 20.42 37.55 31.51
N THR C 368 19.40 37.35 32.33
CA THR C 368 19.45 37.79 33.73
C THR C 368 20.08 36.78 34.71
N MET C 369 20.87 35.82 34.22
CA MET C 369 21.52 34.83 35.10
C MET C 369 23.02 35.11 35.34
N LYS C 370 23.49 34.82 36.54
CA LYS C 370 24.94 34.91 36.85
C LYS C 370 25.68 33.84 36.04
N ILE C 371 26.76 34.26 35.40
CA ILE C 371 27.54 33.34 34.58
C ILE C 371 28.50 32.60 35.49
N LYS C 372 28.59 31.30 35.27
CA LYS C 372 29.56 30.45 35.94
C LYS C 372 30.43 29.75 34.90
N PRO C 373 31.68 30.18 34.76
CA PRO C 373 32.60 29.56 33.81
C PRO C 373 32.65 28.03 33.87
N GLY C 374 32.59 27.38 32.72
CA GLY C 374 32.63 25.92 32.65
C GLY C 374 31.27 25.27 32.73
N TYR C 375 30.25 26.08 33.08
CA TYR C 375 28.86 25.64 33.21
C TYR C 375 28.02 26.20 32.06
N MET C 376 27.06 25.41 31.59
CA MET C 376 26.23 25.78 30.43
C MET C 376 24.81 26.25 30.84
N GLY C 377 24.63 26.57 32.13
CA GLY C 377 23.38 27.12 32.64
C GLY C 377 22.42 26.08 33.18
N THR C 378 21.15 26.48 33.23
CA THR C 378 20.11 25.71 33.88
C THR C 378 19.09 25.30 32.82
N ALA C 379 18.15 24.43 33.22
CA ALA C 379 17.11 23.89 32.32
C ALA C 379 16.28 25.00 31.65
N ALA C 380 15.87 24.72 30.41
CA ALA C 380 15.14 25.66 29.57
C ALA C 380 13.62 25.47 29.60
N SER C 381 12.95 26.44 28.96
CA SER C 381 11.50 26.39 28.68
C SER C 381 10.70 25.67 29.77
N CYS C 382 10.28 24.44 29.52
CA CYS C 382 9.58 23.67 30.55
C CYS C 382 10.29 22.35 30.89
N TYR C 383 11.61 22.29 30.65
CA TYR C 383 12.33 21.02 30.80
C TYR C 383 12.77 20.73 32.24
N ASP C 384 12.45 19.53 32.73
CA ASP C 384 13.03 18.99 33.96
C ASP C 384 14.26 18.18 33.53
N VAL C 385 15.43 18.82 33.57
CA VAL C 385 16.70 18.19 33.19
C VAL C 385 17.46 17.79 34.45
N GLN C 386 18.06 16.61 34.42
CA GLN C 386 18.64 15.99 35.62
C GLN C 386 19.80 15.06 35.25
N ILE C 387 20.69 14.82 36.22
CA ILE C 387 21.71 13.77 36.12
C ILE C 387 21.09 12.51 36.67
N ILE C 388 21.06 11.44 35.87
CA ILE C 388 20.48 10.17 36.31
C ILE C 388 21.48 9.02 36.32
N ASP C 389 21.19 8.00 37.14
CA ASP C 389 22.06 6.84 37.27
C ASP C 389 21.67 5.72 36.29
N ASP C 390 22.40 4.61 36.33
CA ASP C 390 22.18 3.48 35.41
C ASP C 390 20.77 2.84 35.44
N LYS C 391 20.02 3.06 36.51
CA LYS C 391 18.69 2.45 36.69
C LYS C 391 17.55 3.40 36.33
N GLY C 392 17.90 4.65 36.02
CA GLY C 392 16.93 5.71 35.67
C GLY C 392 16.58 6.74 36.75
N ASN C 393 17.29 6.71 37.87
CA ASN C 393 16.91 7.53 39.03
C ASN C 393 17.66 8.83 39.13
N VAL C 394 16.99 9.87 39.63
CA VAL C 394 17.64 11.19 39.85
C VAL C 394 18.76 11.08 40.89
N LEU C 395 19.93 11.64 40.54
CA LEU C 395 21.09 11.66 41.44
C LEU C 395 21.18 13.01 42.15
N PRO C 396 21.80 13.05 43.33
CA PRO C 396 22.00 14.31 44.03
C PRO C 396 23.17 15.05 43.38
N PRO C 397 23.25 16.37 43.61
CA PRO C 397 24.35 17.18 43.01
C PRO C 397 25.76 16.67 43.30
N GLY C 398 26.69 17.03 42.44
CA GLY C 398 28.09 16.61 42.59
C GLY C 398 28.31 15.13 42.37
N THR C 399 27.45 14.53 41.55
CA THR C 399 27.60 13.12 41.20
C THR C 399 27.46 12.99 39.71
N GLU C 400 28.54 12.56 39.07
CA GLU C 400 28.51 12.38 37.66
C GLU C 400 27.68 11.15 37.25
N GLY C 401 26.78 11.40 36.31
CA GLY C 401 25.89 10.43 35.75
C GLY C 401 25.52 10.94 34.37
N ASP C 402 24.40 10.47 33.84
CA ASP C 402 24.00 10.82 32.52
C ASP C 402 23.03 11.95 32.57
N ILE C 403 23.17 12.88 31.61
CA ILE C 403 22.23 13.97 31.45
C ILE C 403 21.03 13.47 30.69
N GLY C 404 19.85 13.73 31.26
CA GLY C 404 18.58 13.32 30.68
C GLY C 404 17.50 14.37 30.95
N ILE C 405 16.39 14.25 30.22
CA ILE C 405 15.21 15.09 30.45
C ILE C 405 13.98 14.24 30.78
N ARG C 406 13.21 14.65 31.78
CA ARG C 406 11.97 13.95 32.07
C ARG C 406 11.09 14.04 30.81
N VAL C 407 10.45 12.92 30.47
CA VAL C 407 9.53 12.83 29.33
C VAL C 407 8.29 11.99 29.66
N LYS C 408 8.35 11.25 30.76
CA LYS C 408 7.18 10.57 31.31
C LYS C 408 6.82 11.23 32.63
N PRO C 409 5.51 11.33 32.94
CA PRO C 409 4.36 10.88 32.15
C PRO C 409 3.94 11.94 31.12
N ILE C 410 4.40 13.17 31.34
CA ILE C 410 4.24 14.25 30.38
C ILE C 410 5.53 14.42 29.55
N ARG C 411 5.37 14.37 28.22
CA ARG C 411 6.43 14.76 27.29
C ARG C 411 6.36 16.27 27.18
N PRO C 412 7.50 16.96 27.39
CA PRO C 412 7.48 18.43 27.30
C PRO C 412 7.50 18.96 25.84
N ILE C 413 6.99 20.17 25.64
CA ILE C 413 6.96 20.81 24.32
C ILE C 413 8.39 21.14 23.91
N GLY C 414 8.77 20.69 22.73
CA GLY C 414 10.12 20.93 22.24
C GLY C 414 10.87 19.64 21.97
N ILE C 415 10.48 18.56 22.64
CA ILE C 415 11.13 17.29 22.39
C ILE C 415 10.63 16.80 21.05
N PHE C 416 11.50 16.11 20.33
CA PHE C 416 11.11 15.57 19.03
C PHE C 416 10.15 14.37 19.13
N SER C 417 9.66 13.93 17.98
CA SER C 417 8.61 12.93 17.90
C SER C 417 9.15 11.51 17.84
N GLY C 418 10.46 11.33 17.73
CA GLY C 418 11.07 9.99 17.62
C GLY C 418 11.80 9.82 16.30
N TYR C 419 12.58 8.77 16.17
CA TYR C 419 13.33 8.49 14.92
C TYR C 419 12.42 7.86 13.87
N VAL C 420 12.56 8.30 12.61
CA VAL C 420 11.62 7.92 11.56
C VAL C 420 11.86 6.47 11.20
N ASP C 421 10.76 5.70 11.12
CA ASP C 421 10.78 4.24 10.92
C ASP C 421 11.65 3.48 11.93
N ASN C 422 11.94 4.06 13.10
CA ASN C 422 12.78 3.36 14.09
C ASN C 422 12.35 3.49 15.52
N PRO C 423 11.22 2.88 15.86
CA PRO C 423 10.73 2.99 17.21
C PRO C 423 11.74 2.40 18.17
N ASP C 424 12.41 1.34 17.73
CA ASP C 424 13.38 0.67 18.58
C ASP C 424 14.43 1.63 19.08
N LYS C 425 15.06 2.35 18.16
CA LYS C 425 16.19 3.23 18.51
C LYS C 425 15.77 4.49 19.26
N THR C 426 14.50 4.88 19.14
CA THR C 426 13.93 5.93 19.99
C THR C 426 13.83 5.39 21.41
N ALA C 427 13.30 4.19 21.55
CA ALA C 427 13.23 3.53 22.85
C ALA C 427 14.60 3.43 23.51
N ALA C 428 15.58 2.96 22.76
CA ALA C 428 16.93 2.74 23.27
C ALA C 428 17.47 3.91 24.10
N ASN C 429 17.02 5.13 23.81
CA ASN C 429 17.45 6.34 24.52
C ASN C 429 16.52 6.75 25.66
N ILE C 430 15.58 5.88 26.01
CA ILE C 430 14.70 6.16 27.12
C ILE C 430 15.09 5.25 28.26
N ARG C 431 15.51 5.85 29.36
CA ARG C 431 15.78 5.11 30.59
C ARG C 431 14.89 5.59 31.73
N GLY C 432 14.02 4.69 32.17
CA GLY C 432 12.93 5.03 33.08
C GLY C 432 12.10 6.15 32.45
N ASP C 433 12.03 7.27 33.17
CA ASP C 433 11.13 8.35 32.79
C ASP C 433 11.86 9.44 32.00
N PHE C 434 13.10 9.17 31.61
CA PHE C 434 13.96 10.19 31.01
C PHE C 434 14.40 9.85 29.58
N TRP C 435 14.60 10.88 28.78
CA TRP C 435 15.26 10.77 27.49
C TRP C 435 16.74 11.08 27.64
N LEU C 436 17.58 10.10 27.40
CA LEU C 436 19.01 10.27 27.54
C LEU C 436 19.62 11.02 26.36
N LEU C 437 20.26 12.16 26.62
CA LEU C 437 20.93 12.92 25.57
C LEU C 437 22.24 12.26 25.11
N GLY C 438 22.81 11.37 25.91
CA GLY C 438 24.10 10.72 25.59
C GLY C 438 25.32 11.46 26.14
N ASP C 439 25.08 12.60 26.76
CA ASP C 439 26.14 13.40 27.36
C ASP C 439 26.26 13.09 28.89
N ARG C 440 27.48 13.02 29.39
CA ARG C 440 27.70 12.89 30.82
C ARG C 440 27.68 14.27 31.47
N GLY C 441 27.45 14.32 32.79
CA GLY C 441 27.50 15.58 33.51
C GLY C 441 27.36 15.51 35.02
N ILE C 442 27.68 16.64 35.66
CA ILE C 442 27.39 16.89 37.07
C ILE C 442 26.44 18.09 37.10
N LYS C 443 25.59 18.12 38.14
CA LYS C 443 24.82 19.31 38.47
C LYS C 443 25.28 19.84 39.85
N ASP C 444 25.35 21.15 40.00
CA ASP C 444 25.87 21.72 41.26
C ASP C 444 24.73 22.13 42.20
N GLU C 445 25.10 22.61 43.36
CA GLU C 445 24.12 22.99 44.37
C GLU C 445 23.09 24.06 43.95
N ASP C 446 23.38 24.84 42.91
CA ASP C 446 22.38 25.74 42.34
C ASP C 446 21.68 25.19 41.09
N GLY C 447 22.09 24.02 40.64
CA GLY C 447 21.45 23.40 39.49
C GLY C 447 22.01 23.82 38.14
N TYR C 448 23.24 24.32 38.14
CA TYR C 448 23.98 24.57 36.91
C TYR C 448 24.65 23.26 36.48
N PHE C 449 24.61 22.95 35.19
CA PHE C 449 25.23 21.74 34.66
C PHE C 449 26.63 21.99 34.13
N GLN C 450 27.52 21.02 34.38
CA GLN C 450 28.86 21.01 33.85
C GLN C 450 28.97 19.78 32.97
N PHE C 451 29.19 20.01 31.67
CA PHE C 451 29.29 18.93 30.69
C PHE C 451 30.58 18.19 30.95
N MET C 452 30.50 16.85 30.97
CA MET C 452 31.62 15.97 31.33
C MET C 452 32.01 14.92 30.26
N GLY C 453 31.52 15.10 29.02
CA GLY C 453 31.94 14.30 27.86
C GLY C 453 30.89 13.36 27.30
N ARG C 454 31.02 13.00 26.01
CA ARG C 454 30.14 12.00 25.37
C ARG C 454 30.34 10.63 25.99
N ALA C 455 29.23 9.91 26.13
CA ALA C 455 29.22 8.56 26.67
C ALA C 455 29.62 7.59 25.57
N ASP C 456 29.26 7.95 24.36
CA ASP C 456 29.43 7.05 23.24
C ASP C 456 30.49 7.60 22.25
N ASP C 457 30.52 7.03 21.05
CA ASP C 457 31.56 7.36 20.08
C ASP C 457 31.27 8.57 19.17
N ILE C 458 30.11 9.22 19.33
CA ILE C 458 29.78 10.41 18.52
C ILE C 458 30.87 11.47 18.72
N ILE C 459 31.27 12.13 17.64
CA ILE C 459 32.31 13.14 17.68
C ILE C 459 31.70 14.53 17.41
N ASN C 460 32.26 15.56 18.05
CA ASN C 460 31.79 16.93 17.91
C ASN C 460 32.91 17.89 17.58
N SER C 461 33.10 18.13 16.27
CA SER C 461 34.13 19.02 15.77
C SER C 461 33.46 20.32 15.34
N SER C 462 33.77 21.41 16.07
CA SER C 462 33.04 22.68 15.96
C SER C 462 31.56 22.45 16.32
N GLY C 463 30.64 22.96 15.49
CA GLY C 463 29.21 22.72 15.70
C GLY C 463 28.67 21.44 15.04
N TYR C 464 29.57 20.68 14.40
CA TYR C 464 29.22 19.51 13.61
C TYR C 464 29.24 18.23 14.42
N ARG C 465 28.14 17.49 14.34
CA ARG C 465 27.98 16.21 15.02
C ARG C 465 28.30 15.07 14.05
N ILE C 466 29.41 14.37 14.31
CA ILE C 466 29.91 13.35 13.36
C ILE C 466 29.82 11.91 13.87
N GLY C 467 29.32 11.01 13.02
CA GLY C 467 29.35 9.59 13.32
C GLY C 467 30.63 8.98 12.78
N PRO C 468 31.30 8.08 13.55
CA PRO C 468 32.54 7.49 13.11
C PRO C 468 32.40 6.64 11.82
N SER C 469 31.33 5.87 11.75
CA SER C 469 31.10 4.97 10.64
C SER C 469 30.95 5.75 9.35
N GLU C 470 30.61 7.03 9.45
CA GLU C 470 30.56 7.87 8.26
C GLU C 470 31.95 8.10 7.70
N VAL C 471 32.88 8.44 8.59
CA VAL C 471 34.27 8.75 8.20
C VAL C 471 34.97 7.47 7.79
N GLU C 472 34.87 6.46 8.64
CA GLU C 472 35.44 5.14 8.35
C GLU C 472 35.01 4.61 6.96
N ASN C 473 33.71 4.65 6.66
CA ASN C 473 33.20 4.18 5.36
C ASN C 473 33.90 4.92 4.23
N ALA C 474 33.98 6.23 4.38
CA ALA C 474 34.67 7.09 3.44
C ALA C 474 36.11 6.61 3.21
N LEU C 475 36.79 6.28 4.29
CA LEU C 475 38.19 5.83 4.21
C LEU C 475 38.32 4.47 3.58
N MET C 476 37.35 3.59 3.83
CA MET C 476 37.44 2.21 3.36
C MET C 476 37.27 2.08 1.85
N GLU C 477 36.70 3.13 1.24
CA GLU C 477 36.61 3.20 -0.22
C GLU C 477 37.97 3.46 -0.90
N HIS C 478 38.98 3.91 -0.14
CA HIS C 478 40.31 4.17 -0.70
C HIS C 478 41.15 2.93 -0.48
N PRO C 479 41.71 2.39 -1.56
CA PRO C 479 42.49 1.14 -1.54
C PRO C 479 43.82 1.16 -0.75
N ALA C 480 44.22 2.31 -0.22
CA ALA C 480 45.35 2.36 0.70
C ALA C 480 44.91 1.87 2.09
N VAL C 481 43.61 1.97 2.34
CA VAL C 481 43.02 1.62 3.63
C VAL C 481 42.60 0.17 3.61
N VAL C 482 43.16 -0.63 4.52
CA VAL C 482 42.64 -1.99 4.70
C VAL C 482 41.62 -2.00 5.87
N GLU C 483 41.87 -1.15 6.86
CA GLU C 483 41.16 -1.18 8.12
C GLU C 483 41.26 0.23 8.72
N THR C 484 40.28 0.65 9.51
CA THR C 484 40.35 1.96 10.16
C THR C 484 39.35 2.15 11.30
N ALA C 485 39.82 2.86 12.31
CA ALA C 485 39.04 3.32 13.46
C ALA C 485 39.08 4.86 13.51
N VAL C 486 37.91 5.48 13.58
CA VAL C 486 37.85 6.94 13.67
C VAL C 486 37.36 7.31 15.06
N ILE C 487 38.15 8.11 15.78
CA ILE C 487 37.74 8.69 17.08
C ILE C 487 37.90 10.22 17.16
N SER C 488 37.46 10.77 18.30
CA SER C 488 37.68 12.15 18.65
C SER C 488 39.10 12.31 19.16
N SER C 489 39.68 13.48 18.92
CA SER C 489 41.03 13.78 19.37
C SER C 489 41.11 15.22 19.85
N PRO C 490 41.87 15.48 20.94
CA PRO C 490 41.95 16.86 21.42
C PRO C 490 42.90 17.71 20.59
N ASP C 491 42.69 19.01 20.59
CA ASP C 491 43.48 19.92 19.78
C ASP C 491 43.44 21.32 20.38
N PRO C 492 44.61 21.90 20.68
CA PRO C 492 44.62 23.16 21.43
C PRO C 492 44.07 24.31 20.60
N VAL C 493 44.40 24.29 19.32
CA VAL C 493 43.96 25.31 18.39
C VAL C 493 42.44 25.21 18.26
N ARG C 494 41.99 24.10 17.71
CA ARG C 494 40.59 23.92 17.30
C ARG C 494 39.65 23.25 18.32
N GLY C 495 40.21 22.57 19.32
CA GLY C 495 39.39 21.97 20.39
C GLY C 495 39.27 20.45 20.34
N GLU C 496 38.30 19.96 19.55
CA GLU C 496 38.10 18.52 19.32
C GLU C 496 38.01 18.27 17.80
N VAL C 497 38.69 17.23 17.31
CA VAL C 497 38.72 16.96 15.85
C VAL C 497 38.58 15.49 15.52
N VAL C 498 38.38 15.20 14.25
CA VAL C 498 38.33 13.83 13.76
C VAL C 498 39.72 13.23 13.51
N LYS C 499 40.01 12.10 14.15
CA LYS C 499 41.27 11.39 13.94
C LYS C 499 41.03 9.97 13.41
N ALA C 500 41.87 9.53 12.46
CA ALA C 500 41.76 8.20 11.84
C ALA C 500 42.97 7.33 12.09
N PHE C 501 42.79 6.25 12.84
CA PHE C 501 43.80 5.19 12.90
C PHE C 501 43.62 4.33 11.65
N VAL C 502 44.64 4.21 10.80
CA VAL C 502 44.48 3.47 9.53
C VAL C 502 45.54 2.41 9.37
N VAL C 503 45.12 1.20 8.99
CA VAL C 503 46.06 0.18 8.57
C VAL C 503 46.19 0.24 7.06
N LEU C 504 47.42 0.33 6.58
CA LEU C 504 47.66 0.46 5.14
C LEU C 504 47.77 -0.89 4.43
N ALA C 505 47.38 -0.89 3.16
CA ALA C 505 47.67 -1.95 2.24
C ALA C 505 49.18 -1.91 2.01
N SER C 506 49.77 -3.07 1.64
CA SER C 506 51.24 -3.26 1.50
C SER C 506 51.85 -2.53 0.31
N GLN C 507 51.04 -2.43 -0.74
CA GLN C 507 51.45 -1.75 -1.95
C GLN C 507 51.28 -0.24 -1.79
N PHE C 508 50.92 0.20 -0.60
CA PHE C 508 50.96 1.61 -0.30
C PHE C 508 52.07 1.92 0.70
N LEU C 509 52.81 0.90 1.13
CA LEU C 509 53.82 1.10 2.17
C LEU C 509 55.04 1.81 1.62
N SER C 510 55.17 1.93 0.30
CA SER C 510 56.31 2.68 -0.24
C SER C 510 56.09 4.18 -0.10
N HIS C 511 54.84 4.62 -0.30
CA HIS C 511 54.46 6.04 -0.23
C HIS C 511 55.03 6.73 0.99
N ASP C 512 55.19 8.04 0.90
CA ASP C 512 55.58 8.83 2.07
C ASP C 512 54.31 9.01 2.88
N PRO C 513 54.35 8.74 4.20
CA PRO C 513 53.16 8.89 5.03
C PRO C 513 52.66 10.30 5.18
N GLU C 514 53.54 11.28 5.01
CA GLU C 514 53.14 12.67 5.11
C GLU C 514 52.30 13.08 3.91
N GLN C 515 52.64 12.54 2.74
CA GLN C 515 51.90 12.84 1.51
C GLN C 515 50.74 11.87 1.22
N LEU C 516 50.86 10.61 1.67
CA LEU C 516 49.73 9.67 1.58
C LEU C 516 48.60 10.13 2.49
N THR C 517 48.95 10.82 3.57
CA THR C 517 47.97 11.39 4.48
C THR C 517 47.14 12.46 3.76
N LYS C 518 47.81 13.43 3.14
CA LYS C 518 47.12 14.46 2.34
C LYS C 518 46.17 13.78 1.35
N GLU C 519 46.68 12.75 0.67
CA GLU C 519 45.92 12.05 -0.35
C GLU C 519 44.66 11.43 0.23
N LEU C 520 44.77 10.86 1.43
CA LEU C 520 43.62 10.23 2.12
C LEU C 520 42.61 11.23 2.63
N GLN C 521 43.13 12.34 3.18
CA GLN C 521 42.27 13.42 3.59
C GLN C 521 41.50 14.00 2.41
N GLN C 522 42.19 14.31 1.32
CA GLN C 522 41.49 14.88 0.15
C GLN C 522 40.44 13.88 -0.39
N HIS C 523 40.77 12.59 -0.26
CA HIS C 523 39.88 11.51 -0.66
C HIS C 523 38.56 11.54 0.11
N VAL C 524 38.63 11.71 1.43
CA VAL C 524 37.42 11.86 2.27
C VAL C 524 36.68 13.19 2.01
N LYS C 525 37.41 14.27 1.77
CA LYS C 525 36.76 15.54 1.47
C LYS C 525 35.92 15.43 0.19
N SER C 526 36.38 14.62 -0.75
CA SER C 526 35.73 14.55 -2.07
C SER C 526 34.54 13.58 -2.12
N VAL C 527 34.55 12.52 -1.31
CA VAL C 527 33.42 11.58 -1.28
C VAL C 527 32.38 11.83 -0.20
N THR C 528 32.68 12.62 0.82
CA THR C 528 31.62 13.04 1.75
C THR C 528 31.85 14.49 2.17
N ALA C 529 30.90 15.10 2.86
CA ALA C 529 31.00 16.53 3.19
C ALA C 529 32.27 16.82 4.00
N PRO C 530 33.15 17.71 3.50
CA PRO C 530 34.45 17.93 4.17
C PRO C 530 34.50 18.24 5.70
N TYR C 531 33.38 18.60 6.34
CA TYR C 531 33.44 18.81 7.78
C TYR C 531 33.85 17.56 8.57
N LYS C 532 33.62 16.38 8.00
CA LYS C 532 33.89 15.14 8.75
C LYS C 532 35.23 14.50 8.40
N TYR C 533 36.17 15.32 7.93
CA TYR C 533 37.42 14.79 7.40
C TYR C 533 38.47 14.66 8.51
N PRO C 534 39.25 13.56 8.48
CA PRO C 534 40.17 13.26 9.55
C PRO C 534 41.37 14.18 9.50
N ARG C 535 41.42 15.10 10.45
CA ARG C 535 42.47 16.10 10.52
C ARG C 535 43.81 15.49 10.95
N LYS C 536 43.73 14.41 11.71
CA LYS C 536 44.90 13.63 12.08
C LYS C 536 44.71 12.19 11.58
N ILE C 537 45.63 11.71 10.75
CA ILE C 537 45.71 10.27 10.44
C ILE C 537 46.97 9.71 11.08
N GLU C 538 46.87 8.53 11.67
CA GLU C 538 48.02 7.81 12.21
C GLU C 538 48.01 6.37 11.68
N PHE C 539 49.15 5.92 11.15
CA PHE C 539 49.22 4.58 10.54
C PHE C 539 49.66 3.52 11.55
N VAL C 540 48.90 2.42 11.64
CA VAL C 540 49.12 1.34 12.64
C VAL C 540 49.06 -0.01 11.94
N LEU C 541 49.86 -0.96 12.42
CA LEU C 541 49.95 -2.29 11.78
C LEU C 541 48.68 -3.12 12.02
N ASN C 542 47.92 -2.79 13.08
CA ASN C 542 46.65 -3.45 13.39
C ASN C 542 45.89 -2.69 14.48
N LEU C 543 44.57 -2.89 14.52
CA LEU C 543 43.71 -2.17 15.44
C LEU C 543 43.24 -3.08 16.58
N PRO C 544 42.85 -2.49 17.73
CA PRO C 544 42.37 -3.31 18.85
C PRO C 544 40.94 -3.80 18.64
N LYS C 545 40.76 -5.11 18.71
CA LYS C 545 39.47 -5.72 18.50
C LYS C 545 38.99 -6.46 19.75
N THR C 546 37.70 -6.77 19.78
CA THR C 546 37.20 -7.83 20.64
C THR C 546 37.34 -9.14 19.84
N VAL C 547 37.00 -10.26 20.46
CA VAL C 547 37.16 -11.58 19.84
C VAL C 547 36.06 -11.91 18.82
N THR C 548 34.93 -11.19 18.86
CA THR C 548 33.98 -11.20 17.72
C THR C 548 34.42 -10.25 16.58
N GLY C 549 35.54 -9.54 16.77
CA GLY C 549 36.12 -8.67 15.74
C GLY C 549 35.62 -7.24 15.75
N LYS C 550 34.90 -6.83 16.79
CA LYS C 550 34.39 -5.46 16.86
C LYS C 550 35.51 -4.55 17.40
N ILE C 551 35.95 -3.64 16.55
CA ILE C 551 37.01 -2.68 16.89
C ILE C 551 36.69 -2.00 18.20
N GLN C 552 37.71 -1.83 19.04
CA GLN C 552 37.56 -1.21 20.36
C GLN C 552 37.83 0.29 20.30
N ARG C 553 36.83 1.04 19.84
CA ARG C 553 36.95 2.49 19.67
C ARG C 553 37.19 3.19 21.01
N ALA C 554 36.48 2.75 22.04
CA ALA C 554 36.60 3.34 23.36
C ALA C 554 38.04 3.26 23.87
N LYS C 555 38.68 2.11 23.62
CA LYS C 555 40.05 1.81 24.12
C LYS C 555 41.15 2.68 23.51
N LEU C 556 40.99 3.01 22.22
CA LEU C 556 41.87 3.92 21.51
C LEU C 556 41.69 5.32 22.08
N ARG C 557 40.44 5.73 22.26
CA ARG C 557 40.13 7.08 22.73
C ARG C 557 40.71 7.35 24.11
N ASP C 558 40.84 6.32 24.93
CA ASP C 558 41.55 6.45 26.19
C ASP C 558 43.00 6.82 25.90
N LYS C 559 43.73 5.87 25.32
CA LYS C 559 45.15 6.04 24.99
C LYS C 559 45.40 7.37 24.25
N GLU C 560 44.43 7.83 23.45
CA GLU C 560 44.54 9.11 22.74
C GLU C 560 44.46 10.30 23.70
N TRP C 561 43.58 10.23 24.68
CA TRP C 561 43.39 11.35 25.61
C TRP C 561 44.22 11.17 26.89
N LYS C 562 45.54 11.01 26.72
CA LYS C 562 46.53 10.98 27.83
C LYS C 562 46.41 9.77 28.76
C1 IBP D . -16.21 -9.55 24.67
C2 IBP D . -13.09 -14.99 22.61
C3 IBP D . -13.75 -15.65 21.39
C4 IBP D . -15.22 -16.00 21.59
C5 IBP D . -12.95 -16.92 21.05
C6 IBP D . -16.37 -10.97 25.18
C7 IBP D . -17.82 -11.39 25.02
C8 IBP D . -15.52 -11.97 24.47
C9 IBP D . -15.27 -13.15 25.10
C10 IBP D . -14.48 -14.14 24.53
C11 IBP D . -13.96 -13.93 23.26
C12 IBP D . -14.19 -12.73 22.62
C13 IBP D . -14.96 -11.75 23.22
O1 IBP D . -17.12 -9.08 23.94
O2 IBP D . -15.16 -8.92 24.98
MG MG E . -13.11 14.62 -19.70
C1 IBP F . -1.11 -6.40 -35.44
C2 IBP F . 2.46 -11.27 -37.95
C3 IBP F . 1.99 -12.69 -37.71
C4 IBP F . 1.64 -12.96 -36.26
C5 IBP F . 3.08 -13.63 -38.23
C6 IBP F . 0.14 -7.04 -34.84
C7 IBP F . -0.08 -7.62 -33.45
C8 IBP F . 0.66 -8.15 -35.66
C9 IBP F . -0.17 -9.05 -36.35
C10 IBP F . 0.41 -10.06 -37.09
C11 IBP F . 1.80 -10.19 -37.14
C12 IBP F . 2.61 -9.31 -36.45
C13 IBP F . 2.04 -8.29 -35.72
O1 IBP F . -2.16 -6.44 -34.75
O2 IBP F . -1.07 -5.86 -36.59
MG MG G . 39.88 -0.40 1.35
C1 IBP H . 23.29 17.87 16.70
C2 IBP H . 21.30 22.89 20.34
C3 IBP H . 20.31 23.82 19.62
C4 IBP H . 20.72 24.14 18.19
C5 IBP H . 20.12 25.11 20.42
C6 IBP H . 24.09 19.14 16.89
C7 IBP H . 24.35 19.75 15.52
C8 IBP H . 23.35 20.08 17.75
C9 IBP H . 21.95 20.24 17.66
C10 IBP H . 21.29 21.15 18.49
C11 IBP H . 22.00 21.91 19.42
C12 IBP H . 23.37 21.75 19.51
C13 IBP H . 24.04 20.84 18.68
O1 IBP H . 22.94 17.16 17.67
O2 IBP H . 23.00 17.58 15.53
#